data_4CYV
#
_entry.id   4CYV
#
_cell.length_a   67.612
_cell.length_b   227.989
_cell.length_c   68.716
_cell.angle_alpha   90.00
_cell.angle_beta   110.32
_cell.angle_gamma   90.00
#
_symmetry.space_group_name_H-M   'P 1 21 1'
#
loop_
_entity.id
_entity.type
_entity.pdbx_description
1 polymer HEMAGGLUTININ
2 polymer HEMAGGLUTININ
3 branched alpha-D-mannopyranose-(1-3)-[alpha-D-mannopyranose-(1-6)]beta-D-mannopyranose-(1-4)-2-acetamido-2-deoxy-beta-D-glucopyranose-(1-4)-2-acetamido-2-deoxy-beta-D-glucopyranose
4 branched beta-D-mannopyranose-(1-4)-2-acetamido-2-deoxy-beta-D-glucopyranose-(1-4)-2-acetamido-2-deoxy-beta-D-glucopyranose
5 branched 2-acetamido-2-deoxy-beta-D-glucopyranose-(1-4)-2-acetamido-2-deoxy-beta-D-glucopyranose
6 non-polymer 2-acetamido-2-deoxy-beta-D-glucopyranose
7 non-polymer 1,2-ETHANEDIOL
8 water water
#
loop_
_entity_poly.entity_id
_entity_poly.type
_entity_poly.pdbx_seq_one_letter_code
_entity_poly.pdbx_strand_id
1 'polypeptide(L)'
;LDKICLGHHAVANGTIVKTLTNEQEEVTNATETVESTSLDRLCMKGRSHKDLGNCHPIGMLIGTPACDLHLTGTWDTLIE
RENAIAYCYPGATVNEEALRQKIMESGGISKISTGFTYGSSINSAGTTKACMRNGGNSFYAELKWLVSKSKGQNFPQTTN
TYRNTDTAEHLIMWGIHHPSSTQEKNDLYGTQSLSISVGSSTYQSNFVPVVGARPQVNGQSGRIDFHWTLVQPGDNITFS
HNGGLIAPSRVSKLIGRGLGIQSDAPIDNNCESKCFWRGGSINTRLPFQNLSPRTVGQCPKYVNKKSLMLATGMRNVPEI
VQGR
;
A,C,E
2 'polypeptide(L)'
;GLFGAIAGFIENGWEGMVDGWYGFRHQNAQGTGQAADYKSTQAAIDQITGKLNRLIEKTNTEFESIESEFSEIEHQIGNV
INWTKDSITDIWTYQAELLVAMENQHTIDMADSEMLNLYERVRKQLRQNAEEDGKGCFEIYHACDDSCMESIRNNTYDHS
QYREEALLNRLN
;
B,D,F
#
loop_
_chem_comp.id
_chem_comp.type
_chem_comp.name
_chem_comp.formula
BMA D-saccharide, beta linking beta-D-mannopyranose 'C6 H12 O6'
EDO non-polymer 1,2-ETHANEDIOL 'C2 H6 O2'
MAN D-saccharide, alpha linking alpha-D-mannopyranose 'C6 H12 O6'
NAG D-saccharide, beta linking 2-acetamido-2-deoxy-beta-D-glucopyranose 'C8 H15 N O6'
#
# COMPACT_ATOMS: atom_id res chain seq x y z
N ASP A 2 -13.51 60.30 19.36
CA ASP A 2 -12.99 59.77 18.07
C ASP A 2 -12.58 58.31 18.22
N LYS A 3 -12.82 57.53 17.18
CA LYS A 3 -12.86 56.07 17.31
C LYS A 3 -12.35 55.40 16.04
N ILE A 4 -11.31 54.57 16.17
CA ILE A 4 -10.80 53.77 15.03
C ILE A 4 -10.97 52.26 15.25
N CYS A 5 -11.49 51.57 14.25
CA CYS A 5 -11.86 50.17 14.37
C CYS A 5 -11.14 49.31 13.34
N LEU A 6 -10.76 48.10 13.76
CA LEU A 6 -10.15 47.12 12.86
C LEU A 6 -11.14 46.04 12.49
N GLY A 7 -10.94 45.47 11.32
CA GLY A 7 -11.91 44.55 10.78
C GLY A 7 -11.33 43.75 9.65
N HIS A 8 -12.16 42.84 9.17
CA HIS A 8 -11.78 41.96 8.09
C HIS A 8 -12.94 41.93 7.13
N HIS A 9 -12.72 41.34 5.95
CA HIS A 9 -13.75 41.34 4.93
C HIS A 9 -14.66 40.14 5.09
N ALA A 10 -15.73 40.11 4.28
CA ALA A 10 -16.68 39.02 4.31
C ALA A 10 -17.50 39.02 3.03
N VAL A 11 -18.21 37.92 2.79
CA VAL A 11 -19.11 37.83 1.66
C VAL A 11 -20.51 37.51 2.14
N ALA A 12 -21.46 37.63 1.22
CA ALA A 12 -22.84 37.29 1.52
C ALA A 12 -22.99 35.77 1.54
N ASN A 13 -22.70 35.12 0.42
CA ASN A 13 -22.85 33.68 0.32
C ASN A 13 -21.50 32.99 0.49
N GLY A 14 -21.20 32.54 1.71
CA GLY A 14 -19.92 31.88 1.99
C GLY A 14 -19.78 30.53 1.32
N THR A 15 -18.68 29.81 1.60
CA THR A 15 -18.51 28.43 1.13
C THR A 15 -18.28 27.48 2.29
N ILE A 16 -18.94 26.33 2.24
CA ILE A 16 -18.79 25.31 3.28
C ILE A 16 -17.53 24.48 3.03
N VAL A 17 -16.64 24.38 4.03
CA VAL A 17 -15.50 23.45 3.99
C VAL A 17 -15.44 22.64 5.30
N LYS A 18 -14.61 21.61 5.32
CA LYS A 18 -14.41 20.79 6.50
C LYS A 18 -13.10 21.10 7.21
N THR A 19 -13.11 21.02 8.53
CA THR A 19 -11.90 21.09 9.31
C THR A 19 -11.78 19.86 10.20
N LEU A 20 -10.67 19.81 10.93
CA LEU A 20 -10.48 18.85 12.01
C LEU A 20 -11.66 18.83 13.00
N THR A 21 -12.13 20.02 13.36
CA THR A 21 -13.09 20.19 14.41
C THR A 21 -14.55 20.42 13.95
N ASN A 22 -14.77 20.57 12.64
CA ASN A 22 -16.03 21.10 12.16
C ASN A 22 -16.33 20.70 10.73
N GLU A 23 -17.52 20.12 10.57
CA GLU A 23 -17.97 19.58 9.29
C GLU A 23 -18.46 20.69 8.38
N GLN A 24 -18.91 21.77 9.00
CA GLN A 24 -19.66 22.82 8.33
C GLN A 24 -19.02 24.15 8.64
N GLU A 25 -17.79 24.36 8.18
CA GLU A 25 -17.13 25.64 8.42
C GLU A 25 -17.37 26.56 7.22
N GLU A 26 -17.77 27.80 7.47
CA GLU A 26 -18.03 28.77 6.41
C GLU A 26 -16.79 29.66 6.22
N VAL A 27 -16.23 29.66 5.01
CA VAL A 27 -15.11 30.55 4.65
C VAL A 27 -15.49 31.50 3.51
N THR A 28 -14.68 32.52 3.30
CA THR A 28 -14.91 33.50 2.23
C THR A 28 -14.79 32.84 0.89
N ASN A 29 -13.81 31.96 0.77
CA ASN A 29 -13.56 31.29 -0.50
C ASN A 29 -12.92 29.93 -0.31
N ALA A 30 -13.00 29.11 -1.35
CA ALA A 30 -12.36 27.80 -1.37
C ALA A 30 -12.33 27.26 -2.80
N THR A 31 -11.51 26.23 -3.00
CA THR A 31 -11.38 25.58 -4.30
C THR A 31 -11.21 24.06 -4.20
N GLU A 32 -11.54 23.39 -5.30
CA GLU A 32 -11.68 21.93 -5.38
C GLU A 32 -10.33 21.23 -5.52
N THR A 33 -10.17 20.08 -4.85
CA THR A 33 -8.92 19.31 -4.96
C THR A 33 -9.08 17.92 -5.61
N VAL A 34 -10.32 17.49 -5.86
CA VAL A 34 -10.60 16.26 -6.60
C VAL A 34 -11.12 16.57 -8.03
N GLU A 35 -10.40 16.09 -9.04
CA GLU A 35 -10.88 16.13 -10.41
C GLU A 35 -12.04 15.17 -10.65
N SER A 36 -13.15 15.71 -11.14
CA SER A 36 -14.28 14.91 -11.58
C SER A 36 -14.46 14.89 -13.09
N THR A 37 -13.71 15.70 -13.84
CA THR A 37 -13.88 15.76 -15.30
C THR A 37 -12.80 15.01 -16.04
N SER A 38 -13.20 14.45 -17.16
CA SER A 38 -12.31 13.78 -18.08
C SER A 38 -12.62 14.22 -19.50
N LEU A 39 -11.62 14.09 -20.35
CA LEU A 39 -11.70 14.42 -21.75
C LEU A 39 -12.01 13.10 -22.43
N ASP A 40 -13.15 12.99 -23.12
CA ASP A 40 -13.50 11.70 -23.73
C ASP A 40 -12.75 11.47 -25.04
N ARG A 41 -11.44 11.71 -25.00
CA ARG A 41 -10.55 11.55 -26.14
C ARG A 41 -9.21 11.09 -25.59
N LEU A 42 -8.38 10.52 -26.45
CA LEU A 42 -7.01 10.17 -26.13
C LEU A 42 -6.04 11.24 -26.63
N CYS A 43 -5.53 12.02 -25.69
CA CYS A 43 -4.63 13.13 -25.99
C CYS A 43 -3.21 12.69 -26.40
N MET A 44 -2.95 12.70 -27.71
CA MET A 44 -1.71 12.12 -28.27
C MET A 44 -0.66 13.10 -28.77
N LYS A 45 -0.88 14.39 -28.55
CA LYS A 45 0.12 15.41 -28.93
C LYS A 45 1.42 15.12 -28.17
N GLY A 46 2.55 15.28 -28.85
CA GLY A 46 3.86 14.98 -28.27
C GLY A 46 4.28 13.51 -28.33
N ARG A 47 3.37 12.61 -28.75
CA ARG A 47 3.63 11.16 -28.73
C ARG A 47 3.74 10.49 -30.09
N SER A 48 4.82 9.75 -30.30
CA SER A 48 4.91 8.74 -31.36
C SER A 48 4.00 7.55 -31.00
N HIS A 49 2.74 7.58 -31.42
CA HIS A 49 1.79 6.55 -31.02
C HIS A 49 1.34 5.59 -32.13
N LYS A 50 0.98 4.35 -31.75
CA LYS A 50 0.36 3.40 -32.71
C LYS A 50 -1.03 2.97 -32.24
N ASP A 51 -2.03 3.25 -33.07
CA ASP A 51 -3.39 2.72 -32.91
C ASP A 51 -3.52 1.33 -33.51
N LEU A 52 -3.65 0.31 -32.68
CA LEU A 52 -3.74 -1.06 -33.18
C LEU A 52 -5.05 -1.37 -33.92
N GLY A 53 -6.06 -0.51 -33.75
CA GLY A 53 -7.37 -0.69 -34.37
C GLY A 53 -7.94 -2.04 -33.95
N ASN A 54 -8.06 -2.91 -34.94
CA ASN A 54 -8.62 -4.22 -34.81
C ASN A 54 -7.60 -5.32 -34.51
N CYS A 55 -6.34 -4.91 -34.31
CA CYS A 55 -5.22 -5.82 -34.09
C CYS A 55 -4.95 -6.00 -32.61
N HIS A 56 -4.93 -7.23 -32.14
CA HIS A 56 -4.53 -7.52 -30.76
C HIS A 56 -3.00 -7.70 -30.68
N PRO A 57 -2.33 -7.09 -29.66
CA PRO A 57 -0.88 -7.23 -29.51
C PRO A 57 -0.29 -8.60 -29.80
N ILE A 58 -0.85 -9.66 -29.24
CA ILE A 58 -0.27 -10.96 -29.52
C ILE A 58 -0.21 -11.20 -31.04
N GLY A 59 -1.28 -10.78 -31.75
CA GLY A 59 -1.38 -10.92 -33.20
C GLY A 59 -0.29 -10.25 -33.98
N MET A 60 0.27 -9.16 -33.44
CA MET A 60 1.42 -8.55 -34.03
C MET A 60 2.72 -9.37 -33.99
N LEU A 61 2.84 -10.32 -33.07
CA LEU A 61 3.98 -11.20 -32.99
C LEU A 61 3.90 -12.39 -33.90
N ILE A 62 2.68 -12.94 -34.04
CA ILE A 62 2.45 -14.13 -34.85
C ILE A 62 1.98 -13.83 -36.29
N GLY A 63 1.42 -12.65 -36.51
CA GLY A 63 1.14 -12.16 -37.85
C GLY A 63 -0.26 -12.46 -38.34
N THR A 64 -1.26 -12.22 -37.49
CA THR A 64 -2.63 -12.33 -37.91
C THR A 64 -2.95 -11.32 -38.98
N PRO A 65 -3.76 -11.68 -39.97
CA PRO A 65 -4.08 -10.74 -41.08
C PRO A 65 -4.51 -9.35 -40.61
N ALA A 66 -5.26 -9.28 -39.52
CA ALA A 66 -5.68 -7.99 -38.96
C ALA A 66 -4.49 -7.20 -38.36
N CYS A 67 -3.35 -7.85 -38.20
CA CYS A 67 -2.20 -7.18 -37.65
C CYS A 67 -1.15 -6.85 -38.76
N ASP A 68 -1.55 -6.95 -40.02
CA ASP A 68 -0.59 -6.76 -41.15
C ASP A 68 0.11 -5.42 -41.11
N LEU A 69 -0.56 -4.38 -40.66
CA LEU A 69 0.06 -3.06 -40.58
C LEU A 69 0.82 -2.77 -39.26
N HIS A 70 1.01 -3.80 -38.42
CA HIS A 70 1.54 -3.66 -37.07
C HIS A 70 2.52 -4.77 -36.75
N LEU A 71 3.23 -5.25 -37.73
CA LEU A 71 4.14 -6.36 -37.51
C LEU A 71 5.54 -5.86 -37.06
N THR A 72 5.88 -4.62 -37.41
CA THR A 72 7.09 -3.96 -36.91
C THR A 72 6.74 -2.50 -36.66
N GLY A 73 7.69 -1.77 -36.08
CA GLY A 73 7.57 -0.33 -35.91
C GLY A 73 8.18 0.12 -34.60
N THR A 74 8.08 1.43 -34.35
CA THR A 74 8.49 2.02 -33.09
C THR A 74 7.40 2.96 -32.62
N TRP A 75 7.36 3.18 -31.31
CA TRP A 75 6.34 4.00 -30.71
C TRP A 75 6.68 4.24 -29.25
N ASP A 76 6.13 5.29 -28.68
CA ASP A 76 6.27 5.56 -27.24
C ASP A 76 4.91 5.35 -26.54
N THR A 77 3.89 4.95 -27.30
CA THR A 77 2.54 4.85 -26.81
C THR A 77 1.79 3.92 -27.76
N LEU A 78 1.24 2.85 -27.19
CA LEU A 78 0.50 1.84 -27.96
C LEU A 78 -0.90 1.71 -27.41
N ILE A 79 -1.87 1.71 -28.31
CA ILE A 79 -3.29 1.81 -27.96
C ILE A 79 -4.01 0.58 -28.48
N GLU A 80 -4.55 -0.20 -27.53
CA GLU A 80 -5.34 -1.40 -27.81
C GLU A 80 -6.82 -1.12 -27.71
N ARG A 81 -7.61 -1.65 -28.64
CA ARG A 81 -9.08 -1.46 -28.67
C ARG A 81 -9.79 -2.74 -28.24
N GLU A 82 -11.06 -2.58 -27.83
CA GLU A 82 -11.89 -3.70 -27.44
C GLU A 82 -12.18 -4.58 -28.66
N ASN A 83 -12.21 -5.89 -28.45
CA ASN A 83 -12.47 -6.86 -29.50
C ASN A 83 -11.35 -7.05 -30.52
N ALA A 84 -10.14 -6.62 -30.20
CA ALA A 84 -9.07 -6.79 -31.17
C ALA A 84 -8.83 -8.29 -31.37
N ILE A 85 -8.35 -8.64 -32.58
CA ILE A 85 -8.17 -10.02 -32.96
C ILE A 85 -6.72 -10.44 -32.85
N ALA A 86 -6.49 -11.55 -32.16
CA ALA A 86 -5.20 -12.18 -32.11
C ALA A 86 -5.17 -13.43 -32.97
N TYR A 87 -6.25 -14.19 -32.99
CA TYR A 87 -6.22 -15.55 -33.54
C TYR A 87 -7.21 -15.66 -34.66
N CYS A 88 -6.71 -15.78 -35.88
CA CYS A 88 -7.57 -16.04 -37.03
C CYS A 88 -7.92 -17.51 -37.02
N TYR A 89 -6.93 -18.40 -36.99
CA TYR A 89 -7.20 -19.80 -36.69
C TYR A 89 -7.39 -19.90 -35.15
N PRO A 90 -8.45 -20.57 -34.69
CA PRO A 90 -8.74 -20.49 -33.27
C PRO A 90 -7.68 -21.15 -32.39
N GLY A 91 -7.44 -20.56 -31.22
CA GLY A 91 -6.44 -21.05 -30.28
C GLY A 91 -6.23 -20.16 -29.06
N ALA A 92 -5.14 -20.38 -28.34
CA ALA A 92 -4.78 -19.62 -27.16
C ALA A 92 -3.27 -19.68 -26.94
N THR A 93 -2.76 -18.71 -26.21
CA THR A 93 -1.34 -18.61 -25.90
C THR A 93 -1.17 -18.91 -24.42
N VAL A 94 -0.28 -19.83 -24.06
CA VAL A 94 0.09 -20.04 -22.67
C VAL A 94 0.67 -18.72 -22.17
N ASN A 95 0.22 -18.31 -20.98
CA ASN A 95 0.66 -17.06 -20.32
C ASN A 95 0.39 -15.86 -21.19
N GLU A 96 -0.87 -15.79 -21.58
CA GLU A 96 -1.30 -14.87 -22.57
C GLU A 96 -1.24 -13.42 -22.07
N GLU A 97 -1.67 -13.20 -20.83
CA GLU A 97 -1.77 -11.82 -20.32
C GLU A 97 -0.36 -11.26 -20.02
N ALA A 98 0.58 -12.13 -19.72
CA ALA A 98 1.97 -11.74 -19.43
C ALA A 98 2.61 -11.20 -20.74
N LEU A 99 2.40 -11.97 -21.81
CA LEU A 99 2.83 -11.60 -23.10
C LEU A 99 2.17 -10.30 -23.54
N ARG A 100 0.86 -10.18 -23.36
CA ARG A 100 0.19 -8.94 -23.75
C ARG A 100 0.80 -7.74 -23.07
N GLN A 101 0.95 -7.80 -21.76
CA GLN A 101 1.58 -6.73 -20.98
C GLN A 101 3.02 -6.46 -21.43
N LYS A 102 3.75 -7.49 -21.79
CA LYS A 102 5.12 -7.32 -22.24
C LYS A 102 5.17 -6.50 -23.49
N ILE A 103 4.33 -6.84 -24.48
CA ILE A 103 4.26 -6.09 -25.75
C ILE A 103 3.78 -4.67 -25.48
N MET A 104 2.85 -4.52 -24.55
CA MET A 104 2.34 -3.20 -24.17
C MET A 104 3.29 -2.36 -23.25
N GLU A 105 4.45 -2.92 -22.82
CA GLU A 105 5.52 -2.27 -21.91
C GLU A 105 6.63 -1.79 -22.97
N SER A 106 6.66 -2.38 -24.17
CA SER A 106 7.66 -2.03 -25.22
C SER A 106 7.44 -0.74 -26.03
N GLY A 107 8.54 -0.30 -26.65
CA GLY A 107 8.53 0.89 -27.48
C GLY A 107 8.59 0.59 -28.97
N GLY A 108 8.31 -0.67 -29.35
CA GLY A 108 8.43 -1.06 -30.76
C GLY A 108 8.84 -2.51 -30.92
N ILE A 109 8.79 -2.98 -32.17
CA ILE A 109 9.12 -4.37 -32.51
C ILE A 109 9.96 -4.46 -33.77
N SER A 110 10.90 -5.39 -33.74
CA SER A 110 11.71 -5.75 -34.89
C SER A 110 11.50 -7.21 -35.11
N LYS A 111 11.51 -7.58 -36.37
CA LYS A 111 11.36 -8.96 -36.75
C LYS A 111 12.65 -9.37 -37.44
N ILE A 112 13.09 -10.57 -37.14
CA ILE A 112 14.33 -11.14 -37.63
C ILE A 112 14.00 -12.54 -38.07
N SER A 113 14.53 -12.91 -39.21
CA SER A 113 14.21 -14.20 -39.77
C SER A 113 14.93 -15.36 -39.07
N THR A 114 14.19 -16.46 -38.96
CA THR A 114 14.68 -17.72 -38.44
C THR A 114 15.66 -18.43 -39.37
N GLY A 115 15.36 -18.46 -40.67
CA GLY A 115 16.18 -19.18 -41.61
C GLY A 115 15.74 -20.60 -41.94
N PHE A 116 14.92 -21.20 -41.09
CA PHE A 116 14.51 -22.60 -41.27
C PHE A 116 14.16 -22.97 -42.71
N THR A 117 14.61 -24.13 -43.14
CA THR A 117 14.23 -24.67 -44.42
C THR A 117 13.73 -26.09 -44.20
N TYR A 118 13.08 -26.68 -45.20
CA TYR A 118 12.43 -27.97 -45.01
C TYR A 118 12.63 -28.87 -46.21
N GLY A 119 12.95 -30.14 -45.97
CA GLY A 119 13.01 -31.16 -47.02
C GLY A 119 11.71 -31.21 -47.83
N SER A 120 11.81 -31.77 -49.04
CA SER A 120 10.73 -31.70 -50.03
C SER A 120 9.48 -32.53 -49.70
N SER A 121 9.59 -33.49 -48.77
CA SER A 121 8.42 -34.23 -48.28
C SER A 121 7.67 -33.45 -47.18
N ILE A 122 7.99 -32.16 -47.05
CA ILE A 122 7.24 -31.24 -46.21
C ILE A 122 6.65 -30.11 -47.06
N ASN A 123 5.34 -29.92 -46.96
CA ASN A 123 4.71 -28.70 -47.41
C ASN A 123 4.68 -27.70 -46.26
N SER A 124 5.41 -26.60 -46.41
CA SER A 124 5.48 -25.58 -45.40
C SER A 124 4.59 -24.38 -45.71
N ALA A 125 3.81 -24.44 -46.79
CA ALA A 125 2.94 -23.33 -47.17
C ALA A 125 1.47 -23.58 -46.86
N GLY A 126 1.18 -24.42 -45.85
CA GLY A 126 -0.22 -24.68 -45.45
C GLY A 126 -1.04 -23.42 -45.17
N THR A 127 -2.22 -23.31 -45.77
CA THR A 127 -3.10 -22.14 -45.57
C THR A 127 -4.49 -22.57 -45.08
N THR A 128 -5.32 -21.62 -44.69
CA THR A 128 -6.67 -21.92 -44.20
C THR A 128 -7.62 -20.75 -44.49
N LYS A 129 -8.90 -21.07 -44.74
CA LYS A 129 -9.88 -20.00 -44.98
C LYS A 129 -10.24 -19.23 -43.70
N ALA A 130 -9.83 -19.74 -42.55
CA ALA A 130 -9.88 -18.99 -41.28
C ALA A 130 -9.01 -17.73 -41.27
N CYS A 131 -7.91 -17.74 -42.03
CA CYS A 131 -7.01 -16.55 -42.12
C CYS A 131 -6.93 -16.06 -43.54
N MET A 132 -7.82 -15.16 -43.91
CA MET A 132 -7.82 -14.67 -45.26
C MET A 132 -6.99 -13.39 -45.41
N ARG A 133 -6.11 -13.41 -46.39
CA ARG A 133 -5.30 -12.28 -46.80
C ARG A 133 -5.48 -12.21 -48.32
N ASN A 134 -5.64 -11.02 -48.89
CA ASN A 134 -5.97 -10.86 -50.35
C ASN A 134 -7.21 -11.63 -50.81
N GLY A 135 -8.16 -11.88 -49.90
CA GLY A 135 -9.23 -12.83 -50.17
C GLY A 135 -8.72 -14.18 -50.67
N GLY A 136 -7.47 -14.52 -50.32
CA GLY A 136 -7.00 -15.89 -50.38
C GLY A 136 -6.92 -16.49 -48.98
N ASN A 137 -7.08 -17.81 -48.92
CA ASN A 137 -6.67 -18.59 -47.79
C ASN A 137 -5.22 -18.28 -47.54
N SER A 138 -4.88 -17.99 -46.29
CA SER A 138 -3.53 -17.60 -45.94
C SER A 138 -3.18 -18.17 -44.56
N PHE A 139 -2.16 -17.60 -43.91
CA PHE A 139 -1.75 -18.05 -42.59
C PHE A 139 -1.12 -16.91 -41.78
N TYR A 140 -0.89 -17.15 -40.49
CA TYR A 140 -0.09 -16.24 -39.67
C TYR A 140 1.21 -15.98 -40.44
N ALA A 141 1.50 -14.71 -40.68
CA ALA A 141 2.64 -14.33 -41.52
C ALA A 141 4.01 -14.75 -40.97
N GLU A 142 4.15 -14.86 -39.65
CA GLU A 142 5.44 -15.15 -39.01
C GLU A 142 5.64 -16.60 -38.63
N LEU A 143 4.72 -17.46 -39.05
CA LEU A 143 4.81 -18.87 -38.73
C LEU A 143 4.49 -19.63 -39.99
N LYS A 144 4.82 -20.92 -40.03
CA LYS A 144 4.43 -21.76 -41.13
C LYS A 144 3.80 -23.04 -40.61
N TRP A 145 2.69 -23.39 -41.24
CA TRP A 145 1.99 -24.61 -40.93
C TRP A 145 2.61 -25.72 -41.75
N LEU A 146 3.45 -26.53 -41.10
CA LEU A 146 4.20 -27.53 -41.82
C LEU A 146 3.36 -28.77 -41.90
N VAL A 147 3.15 -29.28 -43.11
CA VAL A 147 2.39 -30.52 -43.28
C VAL A 147 3.13 -31.37 -44.28
N SER A 148 2.79 -32.66 -44.34
CA SER A 148 3.37 -33.58 -45.32
C SER A 148 2.81 -33.28 -46.71
N LYS A 149 3.68 -33.08 -47.70
CA LYS A 149 3.23 -32.79 -49.07
C LYS A 149 2.34 -33.90 -49.62
N SER A 150 2.59 -35.13 -49.19
CA SER A 150 1.74 -36.29 -49.51
C SER A 150 0.75 -36.58 -48.38
N LYS A 151 -0.55 -36.43 -48.68
CA LYS A 151 -1.62 -36.77 -47.76
C LYS A 151 -1.40 -38.18 -47.20
N GLY A 152 -1.44 -38.32 -45.87
CA GLY A 152 -1.21 -39.62 -45.22
C GLY A 152 0.24 -39.98 -44.91
N GLN A 153 1.19 -39.22 -45.44
CA GLN A 153 2.61 -39.57 -45.30
C GLN A 153 3.16 -39.16 -43.94
N ASN A 154 3.87 -40.08 -43.28
CA ASN A 154 4.50 -39.75 -42.02
C ASN A 154 5.48 -38.59 -42.22
N PHE A 155 5.11 -37.44 -41.67
CA PHE A 155 5.95 -36.24 -41.64
C PHE A 155 7.32 -36.64 -41.08
N PRO A 156 8.40 -36.23 -41.76
CA PRO A 156 9.73 -36.75 -41.40
C PRO A 156 10.25 -36.19 -40.09
N GLN A 157 11.15 -36.93 -39.44
CA GLN A 157 11.78 -36.40 -38.23
C GLN A 157 12.64 -35.24 -38.70
N THR A 158 12.41 -34.05 -38.15
CA THR A 158 13.18 -32.90 -38.62
C THR A 158 13.67 -32.06 -37.45
N THR A 159 14.72 -31.30 -37.72
CA THR A 159 15.38 -30.49 -36.70
C THR A 159 15.57 -29.10 -37.29
N ASN A 160 15.41 -28.08 -36.46
CA ASN A 160 15.60 -26.70 -36.88
C ASN A 160 16.17 -25.89 -35.73
N THR A 161 17.25 -25.15 -35.94
CA THR A 161 17.89 -24.42 -34.83
C THR A 161 18.09 -22.93 -35.06
N TYR A 162 17.35 -22.13 -34.32
CA TYR A 162 17.56 -20.70 -34.39
C TYR A 162 18.69 -20.31 -33.45
N ARG A 163 19.68 -19.66 -34.02
CA ARG A 163 20.81 -19.17 -33.27
C ARG A 163 20.61 -17.65 -33.20
N ASN A 164 20.68 -17.11 -31.99
CA ASN A 164 20.70 -15.67 -31.82
C ASN A 164 22.14 -15.14 -31.91
N THR A 165 22.43 -14.42 -32.99
CA THR A 165 23.73 -13.78 -33.19
C THR A 165 23.73 -12.30 -32.74
N ASP A 166 22.59 -11.83 -32.24
CA ASP A 166 22.36 -10.40 -31.93
C ASP A 166 22.98 -10.06 -30.58
N THR A 167 22.81 -8.81 -30.11
CA THR A 167 23.25 -8.39 -28.79
C THR A 167 22.05 -8.02 -27.92
N ALA A 168 20.99 -8.79 -28.03
CA ALA A 168 19.77 -8.58 -27.27
C ALA A 168 18.97 -9.85 -27.38
N GLU A 169 18.24 -10.18 -26.34
CA GLU A 169 17.49 -11.42 -26.34
C GLU A 169 16.36 -11.26 -27.35
N HIS A 170 15.94 -12.38 -27.92
CA HIS A 170 14.87 -12.40 -28.92
C HIS A 170 13.66 -13.17 -28.44
N LEU A 171 12.46 -12.69 -28.76
CA LEU A 171 11.25 -13.38 -28.35
C LEU A 171 10.83 -14.32 -29.47
N ILE A 172 10.86 -15.62 -29.22
CA ILE A 172 10.47 -16.63 -30.20
C ILE A 172 9.12 -17.26 -29.81
N MET A 173 8.22 -17.38 -30.79
CA MET A 173 6.94 -18.05 -30.59
C MET A 173 6.83 -19.22 -31.55
N TRP A 174 6.03 -20.20 -31.17
CA TRP A 174 5.70 -21.30 -32.06
C TRP A 174 4.32 -21.80 -31.69
N GLY A 175 3.76 -22.67 -32.51
CA GLY A 175 2.44 -23.25 -32.20
C GLY A 175 2.43 -24.75 -32.21
N ILE A 176 1.40 -25.34 -31.60
CA ILE A 176 1.15 -26.78 -31.66
C ILE A 176 -0.26 -26.91 -32.20
N HIS A 177 -0.46 -27.78 -33.19
CA HIS A 177 -1.76 -27.95 -33.79
C HIS A 177 -2.46 -29.09 -33.13
N HIS A 178 -3.67 -28.84 -32.63
CA HIS A 178 -4.50 -29.88 -32.03
C HIS A 178 -5.68 -30.16 -32.93
N PRO A 179 -5.60 -31.21 -33.77
CA PRO A 179 -6.67 -31.49 -34.72
C PRO A 179 -8.00 -31.89 -34.08
N SER A 180 -9.07 -31.72 -34.87
CA SER A 180 -10.43 -32.03 -34.46
C SER A 180 -10.72 -33.52 -34.52
N SER A 181 -9.89 -34.27 -35.26
CA SER A 181 -10.09 -35.70 -35.48
C SER A 181 -8.80 -36.43 -35.87
N THR A 182 -8.85 -37.75 -35.86
CA THR A 182 -7.73 -38.58 -36.27
C THR A 182 -7.46 -38.47 -37.77
N GLN A 183 -8.51 -38.35 -38.58
CA GLN A 183 -8.36 -38.27 -40.04
C GLN A 183 -7.56 -37.05 -40.40
N GLU A 184 -7.91 -35.93 -39.79
CA GLU A 184 -7.21 -34.67 -40.02
C GLU A 184 -5.76 -34.80 -39.58
N LYS A 185 -5.55 -35.48 -38.45
CA LYS A 185 -4.21 -35.79 -37.96
C LYS A 185 -3.43 -36.63 -38.95
N ASN A 186 -4.08 -37.66 -39.49
CA ASN A 186 -3.46 -38.57 -40.44
C ASN A 186 -3.14 -37.91 -41.77
N ASP A 187 -4.08 -37.11 -42.26
CA ASP A 187 -3.94 -36.44 -43.55
C ASP A 187 -2.78 -35.44 -43.55
N LEU A 188 -2.58 -34.79 -42.41
CA LEU A 188 -1.60 -33.70 -42.31
C LEU A 188 -0.19 -34.17 -41.92
N TYR A 189 -0.11 -35.01 -40.90
CA TYR A 189 1.17 -35.42 -40.27
C TYR A 189 1.48 -36.90 -40.37
N GLY A 190 0.55 -37.68 -40.94
CA GLY A 190 0.68 -39.11 -40.98
C GLY A 190 0.23 -39.76 -39.68
N THR A 191 0.47 -41.06 -39.60
CA THR A 191 -0.16 -41.91 -38.62
C THR A 191 0.70 -42.20 -37.38
N GLN A 192 1.99 -41.86 -37.43
CA GLN A 192 2.90 -42.10 -36.31
C GLN A 192 2.46 -41.31 -35.07
N SER A 193 3.04 -41.63 -33.92
CA SER A 193 2.78 -40.84 -32.71
C SER A 193 3.55 -39.54 -32.82
N LEU A 194 3.03 -38.47 -32.23
CA LEU A 194 3.59 -37.14 -32.44
C LEU A 194 4.37 -36.63 -31.24
N SER A 195 5.65 -36.30 -31.46
CA SER A 195 6.45 -35.60 -30.45
C SER A 195 7.11 -34.34 -31.04
N ILE A 196 7.04 -33.26 -30.27
CA ILE A 196 7.75 -32.03 -30.60
C ILE A 196 8.54 -31.64 -29.36
N SER A 197 9.84 -31.37 -29.54
CA SER A 197 10.67 -30.87 -28.43
C SER A 197 11.29 -29.52 -28.73
N VAL A 198 11.52 -28.76 -27.66
CA VAL A 198 12.01 -27.39 -27.79
C VAL A 198 12.91 -27.01 -26.63
N GLY A 199 14.21 -26.95 -26.89
CA GLY A 199 15.18 -26.58 -25.86
C GLY A 199 16.18 -25.51 -26.31
N SER A 200 16.50 -24.62 -25.39
CA SER A 200 17.66 -23.73 -25.47
C SER A 200 18.58 -24.15 -24.32
N SER A 201 19.53 -23.30 -23.92
CA SER A 201 20.29 -23.56 -22.69
C SER A 201 19.62 -23.00 -21.43
N THR A 202 18.55 -22.22 -21.60
CA THR A 202 17.77 -21.64 -20.49
C THR A 202 16.24 -21.94 -20.62
N TYR A 203 15.89 -22.96 -21.40
CA TYR A 203 14.51 -23.38 -21.60
C TYR A 203 14.49 -24.81 -22.11
N GLN A 204 13.54 -25.61 -21.62
CA GLN A 204 13.35 -26.98 -22.09
C GLN A 204 11.86 -27.33 -21.94
N SER A 205 11.33 -28.11 -22.87
CA SER A 205 9.90 -28.44 -22.87
C SER A 205 9.48 -29.34 -24.04
N ASN A 206 8.57 -30.28 -23.76
CA ASN A 206 8.02 -31.20 -24.78
C ASN A 206 6.53 -30.97 -24.95
N PHE A 207 6.03 -31.35 -26.13
CA PHE A 207 4.63 -31.12 -26.53
C PHE A 207 4.10 -32.30 -27.33
N VAL A 208 2.83 -32.65 -27.10
CA VAL A 208 2.10 -33.65 -27.91
C VAL A 208 0.71 -33.10 -28.26
N PRO A 209 0.24 -33.30 -29.52
CA PRO A 209 -1.09 -32.91 -30.01
C PRO A 209 -2.35 -33.63 -29.50
N VAL A 210 -3.05 -33.00 -28.55
CA VAL A 210 -4.47 -33.30 -28.25
C VAL A 210 -5.32 -33.44 -29.56
N VAL A 211 -6.03 -34.56 -29.68
CA VAL A 211 -6.98 -34.72 -30.78
C VAL A 211 -8.37 -35.00 -30.20
N GLY A 212 -9.33 -34.11 -30.51
CA GLY A 212 -10.70 -34.28 -30.04
C GLY A 212 -11.71 -33.39 -30.75
N ALA A 213 -12.97 -33.79 -30.64
CA ALA A 213 -14.09 -33.01 -31.16
C ALA A 213 -14.32 -31.81 -30.26
N ARG A 214 -14.47 -30.65 -30.87
CA ARG A 214 -14.85 -29.45 -30.16
C ARG A 214 -15.55 -28.49 -31.11
N PRO A 215 -16.24 -27.48 -30.57
CA PRO A 215 -17.08 -26.67 -31.45
C PRO A 215 -16.26 -25.78 -32.36
N GLN A 216 -16.86 -25.41 -33.49
CA GLN A 216 -16.22 -24.61 -34.50
C GLN A 216 -16.11 -23.19 -34.05
N VAL A 217 -14.92 -22.62 -34.19
CA VAL A 217 -14.73 -21.21 -34.04
C VAL A 217 -14.16 -20.74 -35.37
N ASN A 218 -14.61 -19.61 -35.88
CA ASN A 218 -14.23 -19.15 -37.25
C ASN A 218 -14.24 -20.27 -38.29
N GLY A 219 -15.24 -21.14 -38.23
CA GLY A 219 -15.36 -22.29 -39.14
C GLY A 219 -14.53 -23.53 -38.83
N GLN A 220 -13.77 -23.53 -37.70
CA GLN A 220 -12.78 -24.60 -37.45
C GLN A 220 -12.89 -25.29 -36.10
N SER A 221 -12.78 -26.62 -36.07
CA SER A 221 -12.83 -27.37 -34.81
C SER A 221 -11.45 -27.74 -34.26
N GLY A 222 -10.42 -27.66 -35.09
CA GLY A 222 -9.04 -27.75 -34.60
C GLY A 222 -8.62 -26.51 -33.85
N ARG A 223 -7.47 -26.58 -33.21
CA ARG A 223 -6.93 -25.44 -32.51
C ARG A 223 -5.44 -25.40 -32.71
N ILE A 224 -4.90 -24.19 -32.73
CA ILE A 224 -3.48 -24.04 -32.57
C ILE A 224 -3.28 -23.29 -31.27
N ASP A 225 -2.47 -23.83 -30.36
CA ASP A 225 -2.12 -23.07 -29.18
CA ASP A 225 -2.09 -23.11 -29.13
C ASP A 225 -0.64 -22.65 -29.24
N PHE A 226 -0.38 -21.41 -28.82
CA PHE A 226 0.95 -20.82 -28.93
C PHE A 226 1.77 -20.82 -27.64
N HIS A 227 3.10 -20.93 -27.81
CA HIS A 227 4.04 -20.97 -26.70
C HIS A 227 5.14 -20.00 -26.99
N TRP A 228 5.78 -19.46 -25.96
CA TRP A 228 6.79 -18.46 -26.18
C TRP A 228 7.92 -18.49 -25.15
N THR A 229 9.12 -18.18 -25.62
CA THR A 229 10.28 -18.03 -24.72
C THR A 229 11.27 -17.01 -25.25
N LEU A 230 12.25 -16.68 -24.42
CA LEU A 230 13.29 -15.71 -24.77
C LEU A 230 14.58 -16.43 -25.03
N VAL A 231 15.21 -16.12 -26.16
CA VAL A 231 16.54 -16.67 -26.49
C VAL A 231 17.59 -15.60 -26.20
N GLN A 232 18.58 -15.96 -25.39
CA GLN A 232 19.58 -15.00 -24.98
C GLN A 232 20.67 -14.87 -26.05
N PRO A 233 21.36 -13.72 -26.09
CA PRO A 233 22.41 -13.52 -27.11
C PRO A 233 23.43 -14.65 -27.13
N GLY A 234 23.79 -15.10 -28.32
CA GLY A 234 24.76 -16.18 -28.47
C GLY A 234 24.15 -17.55 -28.27
N ASP A 235 22.86 -17.59 -27.93
CA ASP A 235 22.21 -18.86 -27.60
C ASP A 235 21.39 -19.44 -28.75
N ASN A 236 21.25 -20.76 -28.67
CA ASN A 236 20.50 -21.54 -29.64
C ASN A 236 19.20 -22.08 -29.05
N ILE A 237 18.21 -22.22 -29.91
CA ILE A 237 16.97 -22.92 -29.56
C ILE A 237 16.68 -23.89 -30.70
N THR A 238 16.58 -25.17 -30.37
CA THR A 238 16.34 -26.21 -31.35
C THR A 238 14.92 -26.74 -31.24
N PHE A 239 14.35 -27.05 -32.40
CA PHE A 239 13.08 -27.74 -32.48
C PHE A 239 13.31 -29.09 -33.09
N SER A 240 13.06 -30.15 -32.34
CA SER A 240 12.96 -31.48 -32.94
C SER A 240 11.49 -31.74 -32.97
N HIS A 241 11.01 -32.26 -34.09
CA HIS A 241 9.58 -32.43 -34.31
C HIS A 241 9.33 -33.36 -35.50
N ASN A 242 8.11 -33.87 -35.58
CA ASN A 242 7.75 -34.81 -36.63
C ASN A 242 6.30 -34.66 -37.09
N GLY A 243 5.65 -33.55 -36.72
CA GLY A 243 4.22 -33.35 -37.04
C GLY A 243 3.50 -32.53 -36.01
N GLY A 244 2.88 -31.44 -36.45
CA GLY A 244 2.03 -30.63 -35.57
C GLY A 244 2.71 -29.40 -35.00
N LEU A 245 3.95 -29.16 -35.40
CA LEU A 245 4.62 -27.92 -35.06
C LEU A 245 4.18 -26.82 -36.01
N ILE A 246 3.79 -25.68 -35.45
CA ILE A 246 3.65 -24.47 -36.23
C ILE A 246 4.93 -23.73 -35.98
N ALA A 247 5.80 -23.72 -36.98
CA ALA A 247 7.15 -23.26 -36.78
C ALA A 247 7.27 -21.81 -37.16
N PRO A 248 8.15 -21.06 -36.47
CA PRO A 248 8.36 -19.65 -36.75
C PRO A 248 9.21 -19.42 -37.99
N SER A 249 8.88 -18.38 -38.74
CA SER A 249 9.70 -17.90 -39.84
C SER A 249 10.36 -16.57 -39.49
N ARG A 250 9.93 -15.96 -38.39
CA ARG A 250 10.58 -14.79 -37.86
C ARG A 250 10.38 -14.79 -36.33
N VAL A 251 11.39 -14.36 -35.58
CA VAL A 251 11.30 -14.12 -34.15
C VAL A 251 11.20 -12.61 -33.97
N SER A 252 10.75 -12.19 -32.79
CA SER A 252 10.58 -10.77 -32.49
C SER A 252 11.65 -10.25 -31.52
N LYS A 253 11.95 -8.96 -31.65
CA LYS A 253 12.76 -8.26 -30.70
C LYS A 253 12.02 -6.99 -30.25
N LEU A 254 11.80 -6.87 -28.92
CA LEU A 254 11.08 -5.73 -28.33
C LEU A 254 12.04 -4.59 -28.05
N ILE A 255 11.63 -3.37 -28.40
CA ILE A 255 12.58 -2.24 -28.40
C ILE A 255 12.12 -1.17 -27.43
N GLY A 256 13.01 -0.77 -26.53
CA GLY A 256 12.77 0.34 -25.62
C GLY A 256 11.54 0.18 -24.75
N ARG A 257 10.90 1.31 -24.44
CA ARG A 257 9.80 1.41 -23.52
C ARG A 257 8.66 2.15 -24.15
N GLY A 258 7.45 1.71 -23.83
CA GLY A 258 6.27 2.48 -24.17
C GLY A 258 5.16 2.29 -23.16
N LEU A 259 4.32 3.30 -23.07
CA LEU A 259 3.11 3.24 -22.33
C LEU A 259 1.97 2.52 -23.09
N GLY A 260 1.44 1.43 -22.55
CA GLY A 260 0.26 0.77 -23.14
C GLY A 260 -1.08 1.27 -22.62
N ILE A 261 -1.99 1.59 -23.52
CA ILE A 261 -3.34 2.06 -23.18
C ILE A 261 -4.41 1.18 -23.80
N GLN A 262 -5.43 0.88 -23.02
CA GLN A 262 -6.61 0.17 -23.48
C GLN A 262 -7.80 1.11 -23.39
N SER A 263 -8.34 1.53 -24.53
CA SER A 263 -9.47 2.43 -24.52
C SER A 263 -10.02 2.47 -25.90
N ASP A 264 -11.33 2.65 -26.00
CA ASP A 264 -11.97 2.92 -27.28
C ASP A 264 -12.19 4.41 -27.59
N ALA A 265 -11.77 5.34 -26.74
CA ALA A 265 -11.94 6.76 -27.09
C ALA A 265 -11.14 7.19 -28.34
N PRO A 266 -11.60 8.21 -29.08
CA PRO A 266 -10.92 8.67 -30.30
C PRO A 266 -9.63 9.47 -30.05
N ILE A 267 -8.61 9.21 -30.87
CA ILE A 267 -7.35 9.95 -30.81
C ILE A 267 -7.53 11.43 -31.15
N ASP A 268 -6.71 12.27 -30.57
CA ASP A 268 -6.74 13.70 -30.82
C ASP A 268 -5.34 14.21 -30.65
N ASN A 269 -4.74 14.68 -31.74
CA ASN A 269 -3.34 15.12 -31.72
C ASN A 269 -3.15 16.57 -31.29
N ASN A 270 -4.20 17.23 -30.83
CA ASN A 270 -4.14 18.64 -30.49
C ASN A 270 -4.23 18.90 -28.98
N CYS A 271 -4.27 17.83 -28.17
CA CYS A 271 -4.13 17.95 -26.72
C CYS A 271 -3.07 17.00 -26.18
N GLU A 272 -2.53 17.37 -25.03
CA GLU A 272 -1.43 16.68 -24.38
C GLU A 272 -2.04 16.04 -23.15
N SER A 273 -1.55 14.87 -22.77
CA SER A 273 -1.90 14.29 -21.49
C SER A 273 -0.82 13.33 -21.07
N LYS A 274 -0.77 13.07 -19.77
CA LYS A 274 0.14 12.06 -19.25
C LYS A 274 -0.61 11.00 -18.49
N CYS A 275 -1.93 11.11 -18.43
CA CYS A 275 -2.73 10.18 -17.66
C CYS A 275 -3.88 9.68 -18.47
N PHE A 276 -4.09 8.38 -18.52
CA PHE A 276 -5.16 7.84 -19.36
C PHE A 276 -5.98 6.80 -18.69
N TRP A 277 -7.19 6.61 -19.20
CA TRP A 277 -8.05 5.57 -18.68
C TRP A 277 -8.93 5.05 -19.80
N ARG A 278 -9.82 4.13 -19.45
CA ARG A 278 -10.65 3.51 -20.42
C ARG A 278 -11.52 4.55 -21.17
N GLY A 279 -11.99 5.55 -20.44
CA GLY A 279 -12.83 6.62 -21.00
C GLY A 279 -12.05 7.75 -21.63
N GLY A 280 -10.72 7.78 -21.49
CA GLY A 280 -9.96 8.83 -22.15
C GLY A 280 -8.75 9.37 -21.43
N SER A 281 -8.74 10.69 -21.26
CA SER A 281 -7.56 11.45 -20.88
C SER A 281 -7.88 12.35 -19.71
N ILE A 282 -7.02 12.30 -18.68
CA ILE A 282 -7.17 13.13 -17.50
C ILE A 282 -6.02 14.14 -17.43
N ASN A 283 -6.36 15.41 -17.66
CA ASN A 283 -5.44 16.52 -17.62
C ASN A 283 -5.79 17.40 -16.47
N THR A 284 -5.39 17.05 -15.27
CA THR A 284 -5.56 18.01 -14.20
C THR A 284 -4.22 18.43 -13.72
N ARG A 285 -4.24 19.61 -13.13
CA ARG A 285 -3.22 20.01 -12.20
C ARG A 285 -3.55 19.51 -10.77
N LEU A 286 -4.83 19.17 -10.52
CA LEU A 286 -5.26 18.71 -9.18
C LEU A 286 -4.67 17.41 -8.73
N PRO A 287 -4.40 17.28 -7.42
CA PRO A 287 -3.68 16.11 -6.96
C PRO A 287 -4.54 14.87 -6.84
N PHE A 288 -5.86 14.99 -6.84
CA PHE A 288 -6.76 13.84 -6.68
C PHE A 288 -7.80 13.71 -7.82
N GLN A 289 -8.42 12.53 -7.87
CA GLN A 289 -9.26 12.17 -8.97
C GLN A 289 -10.29 11.09 -8.61
N ASN A 290 -11.56 11.33 -8.94
CA ASN A 290 -12.60 10.35 -8.69
C ASN A 290 -13.19 9.65 -9.91
N LEU A 291 -12.53 9.73 -11.07
CA LEU A 291 -13.03 9.04 -12.30
C LEU A 291 -12.90 7.53 -12.30
N SER A 292 -11.73 6.99 -11.99
CA SER A 292 -11.56 5.56 -12.00
C SER A 292 -10.30 5.15 -11.22
N PRO A 293 -10.35 3.99 -10.53
CA PRO A 293 -9.17 3.40 -9.92
C PRO A 293 -8.25 2.68 -10.92
N ARG A 294 -8.64 2.65 -12.20
CA ARG A 294 -7.79 2.10 -13.27
C ARG A 294 -7.32 3.16 -14.22
N THR A 295 -6.11 3.60 -14.04
CA THR A 295 -5.50 4.58 -14.89
C THR A 295 -4.09 4.10 -15.21
N VAL A 296 -3.44 4.74 -16.18
CA VAL A 296 -2.06 4.44 -16.53
C VAL A 296 -1.38 5.75 -16.81
N GLY A 297 -0.08 5.81 -16.69
CA GLY A 297 0.67 7.06 -16.87
C GLY A 297 0.97 7.78 -15.56
N GLN A 298 1.16 9.09 -15.64
CA GLN A 298 1.42 9.91 -14.48
C GLN A 298 0.10 10.58 -14.07
N CYS A 299 -0.48 10.12 -12.97
CA CYS A 299 -1.87 10.44 -12.66
C CYS A 299 -2.07 10.96 -11.26
N PRO A 300 -3.06 11.84 -11.10
CA PRO A 300 -3.57 12.10 -9.76
C PRO A 300 -3.95 10.78 -9.10
N LYS A 301 -3.94 10.72 -7.78
CA LYS A 301 -4.34 9.49 -7.08
C LYS A 301 -5.85 9.39 -6.99
N TYR A 302 -6.38 8.19 -7.24
CA TYR A 302 -7.81 7.91 -7.11
C TYR A 302 -8.28 7.99 -5.67
N VAL A 303 -9.40 8.67 -5.44
CA VAL A 303 -9.99 8.73 -4.14
C VAL A 303 -11.48 8.50 -4.23
N ASN A 304 -11.99 7.97 -3.14
CA ASN A 304 -13.36 7.66 -3.03
C ASN A 304 -14.13 8.88 -2.48
N LYS A 305 -14.04 10.01 -3.17
CA LYS A 305 -14.70 11.24 -2.70
C LYS A 305 -15.17 12.04 -3.88
N LYS A 306 -16.41 12.52 -3.79
CA LYS A 306 -16.95 13.33 -4.86
C LYS A 306 -16.21 14.66 -4.91
N SER A 307 -16.04 15.29 -3.75
CA SER A 307 -15.45 16.63 -3.65
C SER A 307 -14.69 16.85 -2.34
N LEU A 308 -13.58 17.56 -2.41
CA LEU A 308 -12.80 17.99 -1.23
C LEU A 308 -12.33 19.40 -1.44
N MET A 309 -13.02 20.34 -0.80
CA MET A 309 -12.77 21.75 -0.98
C MET A 309 -11.73 22.23 0.01
N LEU A 310 -10.73 22.95 -0.49
CA LEU A 310 -9.67 23.52 0.31
C LEU A 310 -9.91 25.02 0.52
N ALA A 311 -9.82 25.49 1.75
CA ALA A 311 -10.06 26.90 2.04
C ALA A 311 -8.99 27.79 1.40
N THR A 312 -9.45 28.82 0.67
CA THR A 312 -8.57 29.86 0.11
C THR A 312 -8.86 31.22 0.71
N GLY A 313 -9.59 31.24 1.82
CA GLY A 313 -9.91 32.47 2.52
C GLY A 313 -10.18 32.23 3.98
N MET A 314 -10.27 33.32 4.75
CA MET A 314 -10.58 33.29 6.16
C MET A 314 -12.02 32.86 6.42
N ARG A 315 -12.29 32.53 7.68
CA ARG A 315 -13.63 32.25 8.17
C ARG A 315 -14.58 33.41 7.85
N ASN A 316 -15.71 33.09 7.27
CA ASN A 316 -16.69 34.09 6.85
C ASN A 316 -17.72 34.36 7.95
N VAL A 317 -17.76 35.59 8.43
CA VAL A 317 -18.73 35.99 9.45
C VAL A 317 -19.50 37.17 8.90
N PRO A 318 -20.66 36.91 8.27
CA PRO A 318 -21.38 38.00 7.64
C PRO A 318 -22.09 38.86 8.69
N GLU A 319 -22.77 39.90 8.22
CA GLU A 319 -23.41 40.87 9.11
C GLU A 319 -24.80 40.39 9.52
N GLY B 1 -12.10 31.61 17.44
CA GLY B 1 -10.99 30.81 16.84
C GLY B 1 -9.79 30.86 17.76
N LEU B 2 -8.62 30.44 17.26
CA LEU B 2 -7.41 30.32 18.09
C LEU B 2 -6.92 31.66 18.64
N PHE B 3 -6.83 32.66 17.78
CA PHE B 3 -6.23 33.92 18.18
C PHE B 3 -7.23 34.96 18.66
N GLY B 4 -8.49 34.56 18.83
CA GLY B 4 -9.49 35.37 19.51
C GLY B 4 -10.05 36.57 18.76
N ALA B 5 -9.61 36.79 17.53
CA ALA B 5 -9.98 37.99 16.79
C ALA B 5 -11.13 37.70 15.83
N ILE B 6 -10.85 37.03 14.71
CA ILE B 6 -11.90 36.69 13.74
C ILE B 6 -12.86 35.73 14.40
N ALA B 7 -14.16 36.02 14.30
CA ALA B 7 -15.20 35.32 15.06
C ALA B 7 -14.88 35.31 16.56
N GLY B 8 -14.34 36.43 17.05
CA GLY B 8 -13.89 36.56 18.43
C GLY B 8 -14.30 37.91 18.99
N PHE B 9 -13.36 38.83 19.21
CA PHE B 9 -13.75 40.14 19.73
C PHE B 9 -14.22 41.09 18.60
N ILE B 10 -13.87 40.77 17.36
CA ILE B 10 -14.52 41.42 16.24
C ILE B 10 -15.79 40.64 15.96
N GLU B 11 -16.94 41.31 16.12
CA GLU B 11 -18.24 40.64 16.06
C GLU B 11 -18.59 40.09 14.64
N ASN B 12 -18.20 40.82 13.60
CA ASN B 12 -18.45 40.37 12.24
C ASN B 12 -17.49 40.96 11.23
N GLY B 13 -17.47 40.36 10.03
CA GLY B 13 -16.73 40.91 8.92
C GLY B 13 -17.48 42.07 8.29
N TRP B 14 -16.75 42.82 7.47
CA TRP B 14 -17.31 43.90 6.68
C TRP B 14 -17.49 43.47 5.22
N GLU B 15 -18.74 43.21 4.82
CA GLU B 15 -19.04 42.91 3.41
C GLU B 15 -18.67 44.07 2.48
N GLY B 16 -18.67 45.29 3.01
CA GLY B 16 -18.28 46.46 2.26
C GLY B 16 -16.83 46.45 1.78
N MET B 17 -15.96 45.79 2.53
CA MET B 17 -14.54 45.78 2.18
C MET B 17 -14.30 44.86 0.99
N VAL B 18 -14.40 45.47 -0.19
CA VAL B 18 -14.26 44.78 -1.45
C VAL B 18 -12.80 44.66 -1.91
N ASP B 19 -11.92 45.52 -1.40
CA ASP B 19 -10.55 45.67 -1.93
C ASP B 19 -9.44 45.23 -0.96
N GLY B 20 -9.71 44.21 -0.15
CA GLY B 20 -8.77 43.81 0.87
C GLY B 20 -9.39 42.93 1.93
N TRP B 21 -8.52 42.21 2.63
CA TRP B 21 -8.92 41.22 3.63
C TRP B 21 -9.12 41.83 5.01
N TYR B 22 -8.22 42.75 5.35
CA TYR B 22 -8.24 43.45 6.64
C TYR B 22 -8.16 44.96 6.38
N GLY B 23 -8.61 45.74 7.34
CA GLY B 23 -8.59 47.19 7.22
C GLY B 23 -9.16 47.93 8.41
N PHE B 24 -9.36 49.24 8.22
CA PHE B 24 -9.76 50.16 9.27
C PHE B 24 -11.07 50.87 8.93
N ARG B 25 -11.93 51.02 9.93
CA ARG B 25 -13.10 51.89 9.85
C ARG B 25 -12.94 52.94 10.92
N HIS B 26 -13.22 54.19 10.60
CA HIS B 26 -13.13 55.25 11.60
C HIS B 26 -14.44 56.03 11.77
N GLN B 27 -14.45 56.91 12.77
CA GLN B 27 -15.63 57.68 13.16
C GLN B 27 -15.20 59.00 13.83
N ASN B 28 -15.23 60.09 13.05
CA ASN B 28 -14.89 61.43 13.57
C ASN B 28 -15.89 62.48 13.06
N ALA B 29 -15.66 63.74 13.44
CA ALA B 29 -16.54 64.87 13.03
C ALA B 29 -16.74 65.00 11.52
N GLN B 30 -15.70 64.68 10.75
CA GLN B 30 -15.74 64.75 9.30
C GLN B 30 -16.41 63.53 8.62
N GLY B 31 -16.63 62.45 9.37
CA GLY B 31 -17.45 61.34 8.90
C GLY B 31 -16.80 59.98 9.02
N THR B 32 -17.44 59.01 8.37
CA THR B 32 -16.98 57.62 8.32
C THR B 32 -15.85 57.47 7.30
N GLY B 33 -15.16 56.33 7.32
CA GLY B 33 -14.20 56.01 6.29
C GLY B 33 -13.63 54.62 6.47
N GLN B 34 -13.71 53.84 5.40
CA GLN B 34 -13.23 52.47 5.37
C GLN B 34 -12.00 52.45 4.47
N ALA B 35 -10.99 51.67 4.84
CA ALA B 35 -9.75 51.56 4.04
C ALA B 35 -8.98 50.28 4.37
N ALA B 36 -8.71 49.47 3.35
CA ALA B 36 -7.99 48.22 3.52
C ALA B 36 -6.53 48.47 3.90
N ASP B 37 -5.94 47.51 4.64
CA ASP B 37 -4.50 47.51 4.92
C ASP B 37 -3.78 46.55 3.95
N TYR B 38 -2.77 47.08 3.27
CA TYR B 38 -2.07 46.34 2.23
C TYR B 38 -1.23 45.19 2.76
N LYS B 39 -0.41 45.45 3.78
CA LYS B 39 0.57 44.45 4.23
C LYS B 39 -0.11 43.22 4.85
N SER B 40 -1.04 43.44 5.78
CA SER B 40 -1.78 42.35 6.38
C SER B 40 -2.45 41.51 5.31
N THR B 41 -3.25 42.17 4.47
CA THR B 41 -3.92 41.51 3.33
C THR B 41 -2.95 40.66 2.52
N GLN B 42 -1.75 41.20 2.28
CA GLN B 42 -0.77 40.52 1.44
C GLN B 42 -0.12 39.32 2.12
N ALA B 43 0.18 39.47 3.42
CA ALA B 43 0.78 38.37 4.19
C ALA B 43 -0.11 37.10 4.24
N ALA B 44 -1.43 37.28 4.35
CA ALA B 44 -2.40 36.17 4.32
C ALA B 44 -2.54 35.58 2.92
N ILE B 45 -2.52 36.44 1.90
CA ILE B 45 -2.63 35.96 0.53
C ILE B 45 -1.40 35.12 0.15
N ASP B 46 -0.20 35.62 0.42
CA ASP B 46 1.02 34.90 0.03
C ASP B 46 1.10 33.50 0.64
N GLN B 47 0.72 33.37 1.91
CA GLN B 47 0.80 32.06 2.57
C GLN B 47 -0.12 31.05 1.89
N ILE B 48 -1.34 31.47 1.56
CA ILE B 48 -2.26 30.64 0.77
C ILE B 48 -1.70 30.28 -0.61
N THR B 49 -1.26 31.28 -1.36
CA THR B 49 -0.57 31.02 -2.62
C THR B 49 0.44 29.90 -2.41
N GLY B 50 1.18 29.94 -1.31
CA GLY B 50 2.18 28.93 -1.03
C GLY B 50 1.62 27.52 -0.89
N LYS B 51 0.53 27.40 -0.13
CA LYS B 51 -0.24 26.16 0.02
C LYS B 51 -0.66 25.62 -1.33
N LEU B 52 -1.22 26.50 -2.15
CA LEU B 52 -1.76 26.08 -3.44
C LEU B 52 -0.69 25.50 -4.32
N ASN B 53 0.37 26.27 -4.52
CA ASN B 53 1.54 25.82 -5.24
C ASN B 53 2.10 24.49 -4.76
N ARG B 54 2.11 24.27 -3.45
CA ARG B 54 2.63 22.99 -2.96
C ARG B 54 1.71 21.85 -3.37
N LEU B 55 0.43 22.13 -3.53
CA LEU B 55 -0.56 21.06 -3.77
C LEU B 55 -0.88 20.71 -5.23
N ILE B 56 -0.44 21.51 -6.18
CA ILE B 56 -0.48 21.02 -7.55
C ILE B 56 0.55 19.90 -7.78
N GLU B 57 1.85 20.24 -7.74
CA GLU B 57 2.93 19.32 -8.17
C GLU B 57 2.75 17.91 -7.58
N LYS B 58 2.48 16.95 -8.46
CA LYS B 58 2.10 15.59 -8.05
C LYS B 58 3.07 14.59 -8.67
N THR B 59 2.95 13.34 -8.23
CA THR B 59 4.03 12.39 -8.44
C THR B 59 4.29 12.23 -9.92
N ASN B 60 5.55 12.31 -10.29
CA ASN B 60 5.96 11.99 -11.65
C ASN B 60 6.07 10.47 -11.88
N THR B 61 5.51 9.66 -10.98
CA THR B 61 5.70 8.21 -11.08
C THR B 61 4.84 7.72 -12.21
N GLU B 62 5.37 6.85 -13.05
CA GLU B 62 4.60 6.42 -14.20
C GLU B 62 4.09 5.01 -13.93
N PHE B 63 2.79 4.84 -13.94
CA PHE B 63 2.23 3.53 -13.67
C PHE B 63 1.78 2.83 -14.95
N GLU B 64 2.11 1.54 -15.05
CA GLU B 64 1.54 0.66 -16.05
C GLU B 64 0.24 0.00 -15.53
N SER B 65 -0.52 -0.55 -16.47
CA SER B 65 -1.74 -1.32 -16.14
C SER B 65 -1.39 -2.71 -15.61
N ILE B 66 -2.00 -3.12 -14.51
CA ILE B 66 -1.93 -4.51 -14.11
C ILE B 66 -3.27 -5.28 -14.27
N GLU B 67 -4.26 -4.64 -14.90
CA GLU B 67 -5.62 -5.18 -15.14
C GLU B 67 -6.11 -4.98 -16.56
N SER B 68 -6.32 -6.05 -17.32
CA SER B 68 -6.91 -5.92 -18.65
C SER B 68 -8.35 -5.33 -18.62
N GLU B 69 -8.60 -4.27 -19.38
CA GLU B 69 -9.96 -3.75 -19.59
C GLU B 69 -10.83 -4.66 -20.48
N PHE B 70 -10.20 -5.51 -21.28
CA PHE B 70 -10.87 -6.12 -22.43
C PHE B 70 -10.76 -7.62 -22.45
N SER B 71 -10.18 -8.19 -21.41
CA SER B 71 -10.04 -9.62 -21.30
C SER B 71 -10.09 -9.96 -19.80
N GLU B 72 -10.40 -11.20 -19.47
CA GLU B 72 -10.49 -11.64 -18.08
C GLU B 72 -9.12 -12.01 -17.48
N ILE B 73 -9.00 -11.68 -16.21
CA ILE B 73 -7.83 -11.85 -15.40
C ILE B 73 -8.10 -13.11 -14.58
N GLU B 74 -7.12 -14.03 -14.51
CA GLU B 74 -7.19 -15.22 -13.68
C GLU B 74 -7.64 -14.81 -12.26
N HIS B 75 -8.43 -15.66 -11.63
CA HIS B 75 -9.23 -15.23 -10.49
C HIS B 75 -8.42 -14.91 -9.24
N GLN B 76 -7.53 -15.80 -8.85
CA GLN B 76 -6.71 -15.55 -7.67
C GLN B 76 -5.86 -14.25 -7.72
N ILE B 77 -5.20 -14.02 -8.84
CA ILE B 77 -4.33 -12.84 -8.95
C ILE B 77 -5.22 -11.60 -9.02
N GLY B 78 -6.34 -11.72 -9.77
CA GLY B 78 -7.41 -10.73 -9.79
C GLY B 78 -7.87 -10.30 -8.40
N ASN B 79 -8.09 -11.26 -7.50
CA ASN B 79 -8.44 -10.92 -6.12
C ASN B 79 -7.32 -10.22 -5.33
N VAL B 80 -6.08 -10.68 -5.49
CA VAL B 80 -4.95 -10.02 -4.82
C VAL B 80 -4.86 -8.55 -5.26
N ILE B 81 -4.96 -8.35 -6.56
CA ILE B 81 -4.86 -7.04 -7.15
C ILE B 81 -5.93 -6.08 -6.63
N ASN B 82 -7.18 -6.57 -6.58
CA ASN B 82 -8.35 -5.88 -6.08
C ASN B 82 -8.12 -5.47 -4.64
N TRP B 83 -7.68 -6.42 -3.81
CA TRP B 83 -7.42 -6.19 -2.38
C TRP B 83 -6.32 -5.09 -2.24
N THR B 84 -5.32 -5.13 -3.12
CA THR B 84 -4.20 -4.19 -3.03
C THR B 84 -4.62 -2.78 -3.43
N LYS B 85 -5.24 -2.66 -4.59
CA LYS B 85 -5.73 -1.37 -5.07
C LYS B 85 -6.76 -0.77 -4.12
N ASP B 86 -7.66 -1.57 -3.56
CA ASP B 86 -8.61 -0.98 -2.61
C ASP B 86 -7.90 -0.46 -1.34
N SER B 87 -6.91 -1.19 -0.84
CA SER B 87 -6.16 -0.75 0.34
C SER B 87 -5.43 0.58 0.03
N ILE B 88 -4.78 0.65 -1.13
CA ILE B 88 -4.14 1.87 -1.63
C ILE B 88 -5.17 2.98 -1.72
N THR B 89 -6.31 2.72 -2.36
CA THR B 89 -7.39 3.72 -2.40
C THR B 89 -7.84 4.19 -1.02
N ASP B 90 -8.05 3.28 -0.09
CA ASP B 90 -8.37 3.73 1.30
C ASP B 90 -7.28 4.66 1.92
N ILE B 91 -6.01 4.32 1.74
CA ILE B 91 -4.93 5.18 2.23
C ILE B 91 -4.98 6.60 1.65
N TRP B 92 -5.12 6.72 0.33
CA TRP B 92 -5.17 8.02 -0.33
C TRP B 92 -6.42 8.85 -0.02
N THR B 93 -7.55 8.19 0.09
CA THR B 93 -8.77 8.88 0.46
C THR B 93 -8.62 9.49 1.85
N TYR B 94 -8.09 8.70 2.75
CA TYR B 94 -7.87 9.14 4.10
C TYR B 94 -6.81 10.28 4.18
N GLN B 95 -5.67 10.10 3.51
CA GLN B 95 -4.69 11.21 3.40
C GLN B 95 -5.32 12.45 2.86
N ALA B 96 -6.10 12.31 1.80
CA ALA B 96 -6.66 13.49 1.16
C ALA B 96 -7.58 14.21 2.12
N GLU B 97 -8.46 13.49 2.80
CA GLU B 97 -9.43 14.10 3.70
C GLU B 97 -8.74 14.85 4.83
N LEU B 98 -7.71 14.20 5.37
CA LEU B 98 -6.94 14.71 6.48
C LEU B 98 -6.17 15.95 6.10
N LEU B 99 -5.48 15.86 4.98
CA LEU B 99 -4.72 16.96 4.41
C LEU B 99 -5.59 18.21 4.27
N VAL B 100 -6.76 18.04 3.70
CA VAL B 100 -7.62 19.16 3.41
C VAL B 100 -8.28 19.70 4.71
N ALA B 101 -8.65 18.82 5.63
CA ALA B 101 -9.20 19.30 6.91
C ALA B 101 -8.12 20.03 7.70
N MET B 102 -6.90 19.52 7.60
CA MET B 102 -5.81 20.06 8.38
C MET B 102 -5.42 21.43 7.89
N GLU B 103 -5.18 21.54 6.59
CA GLU B 103 -4.83 22.82 5.96
C GLU B 103 -5.94 23.86 6.11
N ASN B 104 -7.19 23.45 6.03
CA ASN B 104 -8.30 24.36 6.28
C ASN B 104 -8.23 24.97 7.69
N GLN B 105 -7.90 24.15 8.69
CA GLN B 105 -7.79 24.66 10.04
C GLN B 105 -6.66 25.66 10.10
N HIS B 106 -5.55 25.34 9.45
CA HIS B 106 -4.37 26.21 9.50
C HIS B 106 -4.61 27.53 8.76
N THR B 107 -5.35 27.48 7.66
CA THR B 107 -5.69 28.68 6.91
C THR B 107 -6.60 29.62 7.73
N ILE B 108 -7.61 29.06 8.38
CA ILE B 108 -8.48 29.83 9.28
C ILE B 108 -7.70 30.47 10.42
N ASP B 109 -6.83 29.68 11.04
CA ASP B 109 -6.04 30.15 12.17
C ASP B 109 -4.99 31.18 11.74
N MET B 110 -4.41 30.99 10.56
CA MET B 110 -3.42 31.95 10.07
C MET B 110 -4.07 33.31 9.78
N ALA B 111 -5.28 33.28 9.22
CA ALA B 111 -6.04 34.52 8.98
C ALA B 111 -6.45 35.21 10.29
N ASP B 112 -6.78 34.42 11.31
CA ASP B 112 -7.12 34.95 12.63
C ASP B 112 -5.91 35.68 13.20
N SER B 113 -4.75 35.02 13.14
CA SER B 113 -3.51 35.62 13.63
C SER B 113 -3.16 36.95 12.97
N GLU B 114 -3.25 37.03 11.63
CA GLU B 114 -2.94 38.27 10.92
C GLU B 114 -3.82 39.42 11.40
N MET B 115 -5.10 39.14 11.58
CA MET B 115 -6.01 40.13 12.12
C MET B 115 -5.50 40.68 13.44
N LEU B 116 -5.04 39.78 14.32
CA LEU B 116 -4.55 40.12 15.67
C LEU B 116 -3.28 40.94 15.59
N ASN B 117 -2.36 40.53 14.73
CA ASN B 117 -1.08 41.23 14.61
C ASN B 117 -1.24 42.65 14.07
N LEU B 118 -2.30 42.88 13.31
CA LEU B 118 -2.63 44.25 12.89
C LEU B 118 -3.13 45.08 14.09
N TYR B 119 -4.10 44.54 14.82
CA TYR B 119 -4.62 45.11 16.05
C TYR B 119 -3.50 45.42 17.01
N GLU B 120 -2.57 44.46 17.16
CA GLU B 120 -1.46 44.64 18.07
C GLU B 120 -0.52 45.72 17.58
N ARG B 121 -0.25 45.75 16.29
CA ARG B 121 0.72 46.72 15.73
C ARG B 121 0.25 48.14 16.01
N VAL B 122 -1.04 48.34 15.77
CA VAL B 122 -1.73 49.61 15.99
C VAL B 122 -1.80 49.97 17.47
N ARG B 123 -2.12 48.98 18.30
CA ARG B 123 -2.15 49.20 19.74
C ARG B 123 -0.88 49.91 20.17
N LYS B 124 0.26 49.41 19.72
CA LYS B 124 1.56 49.93 20.15
C LYS B 124 1.88 51.29 19.54
N GLN B 125 1.47 51.48 18.30
CA GLN B 125 1.53 52.79 17.68
C GLN B 125 0.88 53.82 18.60
N LEU B 126 -0.41 53.58 18.92
CA LEU B 126 -1.20 54.54 19.69
C LEU B 126 -0.70 54.74 21.14
N ARG B 127 0.03 53.76 21.68
CA ARG B 127 0.66 53.88 23.02
C ARG B 127 -0.32 54.36 24.11
N GLN B 128 -0.05 55.46 24.80
CA GLN B 128 -0.91 55.86 25.93
C GLN B 128 -2.01 56.80 25.48
N ASN B 129 -2.15 57.00 24.17
CA ASN B 129 -3.07 58.01 23.64
C ASN B 129 -4.47 57.46 23.37
N ALA B 130 -4.68 56.18 23.64
CA ALA B 130 -5.97 55.55 23.39
C ALA B 130 -6.23 54.34 24.31
N GLU B 131 -7.49 53.93 24.34
CA GLU B 131 -7.92 52.75 25.10
C GLU B 131 -8.74 51.80 24.21
N GLU B 132 -8.86 50.55 24.63
CA GLU B 132 -9.49 49.52 23.81
C GLU B 132 -10.99 49.32 24.11
N ASP B 133 -11.75 49.03 23.05
CA ASP B 133 -13.21 48.90 23.08
C ASP B 133 -13.65 47.52 23.57
N GLY B 134 -12.81 46.52 23.32
CA GLY B 134 -13.20 45.13 23.54
C GLY B 134 -13.93 44.54 22.34
N LYS B 135 -14.38 45.40 21.44
CA LYS B 135 -15.03 44.99 20.20
C LYS B 135 -14.06 45.12 19.01
N GLY B 136 -12.83 45.55 19.26
CA GLY B 136 -11.82 45.67 18.22
C GLY B 136 -11.45 47.10 17.88
N CYS B 137 -12.07 48.08 18.56
CA CYS B 137 -11.82 49.49 18.30
C CYS B 137 -10.95 50.13 19.38
N PHE B 138 -10.38 51.27 19.06
CA PHE B 138 -9.59 52.06 20.00
C PHE B 138 -10.18 53.44 20.15
N GLU B 139 -10.65 53.75 21.35
CA GLU B 139 -11.19 55.06 21.64
C GLU B 139 -10.02 56.00 21.90
N ILE B 140 -9.83 56.96 20.99
CA ILE B 140 -8.69 57.90 21.02
C ILE B 140 -9.06 59.13 21.82
N TYR B 141 -8.16 59.52 22.72
CA TYR B 141 -8.45 60.58 23.69
C TYR B 141 -7.84 61.93 23.27
N HIS B 142 -7.93 62.21 21.98
CA HIS B 142 -7.67 63.56 21.45
C HIS B 142 -8.49 63.71 20.17
N ALA B 143 -8.52 64.92 19.62
CA ALA B 143 -9.21 65.16 18.34
C ALA B 143 -8.35 64.57 17.24
N CYS B 144 -8.83 63.49 16.63
CA CYS B 144 -8.11 62.82 15.55
C CYS B 144 -8.89 62.99 14.25
N ASP B 145 -8.63 64.10 13.54
CA ASP B 145 -9.33 64.37 12.29
C ASP B 145 -8.84 63.40 11.18
N ASP B 146 -9.33 63.58 9.96
CA ASP B 146 -8.99 62.66 8.86
C ASP B 146 -7.49 62.52 8.58
N SER B 147 -6.74 63.59 8.84
CA SER B 147 -5.27 63.58 8.67
C SER B 147 -4.62 62.69 9.71
N CYS B 148 -5.20 62.70 10.91
CA CYS B 148 -4.70 61.93 12.06
C CYS B 148 -5.02 60.42 11.93
N MET B 149 -6.24 60.12 11.48
CA MET B 149 -6.64 58.75 11.15
C MET B 149 -5.78 58.17 10.05
N GLU B 150 -5.47 58.98 9.04
CA GLU B 150 -4.64 58.53 7.92
C GLU B 150 -3.24 58.13 8.38
N SER B 151 -2.66 58.90 9.30
CA SER B 151 -1.32 58.63 9.79
C SER B 151 -1.28 57.33 10.57
N ILE B 152 -2.39 57.02 11.23
CA ILE B 152 -2.52 55.73 11.94
C ILE B 152 -2.51 54.55 10.96
N ARG B 153 -3.27 54.68 9.86
CA ARG B 153 -3.31 53.65 8.82
C ARG B 153 -1.94 53.49 8.13
N ASN B 154 -1.24 54.60 7.92
CA ASN B 154 0.03 54.63 7.18
C ASN B 154 1.28 54.38 8.04
N ASN B 155 1.11 54.13 9.34
CA ASN B 155 2.26 53.88 10.22
C ASN B 155 3.13 55.14 10.45
N THR B 156 2.51 56.32 10.41
CA THR B 156 3.23 57.58 10.55
C THR B 156 2.59 58.44 11.62
N TYR B 157 2.14 57.81 12.70
CA TYR B 157 1.52 58.50 13.82
C TYR B 157 2.51 58.52 14.96
N ASP B 158 2.78 59.72 15.49
CA ASP B 158 3.70 59.90 16.60
C ASP B 158 2.92 60.14 17.89
N HIS B 159 3.02 59.18 18.81
CA HIS B 159 2.26 59.26 20.06
C HIS B 159 2.63 60.50 20.88
N SER B 160 3.93 60.84 20.92
CA SER B 160 4.42 62.07 21.59
C SER B 160 3.60 63.30 21.26
N GLN B 161 3.16 63.40 20.00
CA GLN B 161 2.54 64.62 19.48
C GLN B 161 1.18 64.95 20.09
N TYR B 162 0.37 63.93 20.37
CA TYR B 162 -0.95 64.13 20.97
C TYR B 162 -0.99 63.68 22.44
N ARG B 163 0.14 63.24 22.95
CA ARG B 163 0.22 62.53 24.25
C ARG B 163 -0.35 63.33 25.42
N GLU B 164 0.36 64.38 25.83
CA GLU B 164 -0.12 65.35 26.80
C GLU B 164 -1.62 65.53 26.71
N GLU B 165 -2.09 65.99 25.56
CA GLU B 165 -3.50 66.26 25.32
C GLU B 165 -4.37 65.04 25.66
N ALA B 166 -3.87 63.87 25.29
CA ALA B 166 -4.54 62.60 25.59
C ALA B 166 -4.45 62.23 27.08
N LEU B 167 -3.26 62.34 27.66
CA LEU B 167 -3.08 62.12 29.10
C LEU B 167 -3.99 63.02 29.93
N LEU B 168 -4.28 64.22 29.43
CA LEU B 168 -5.22 65.13 30.10
C LEU B 168 -6.66 64.62 29.99
N ASN B 169 -7.07 64.28 28.78
CA ASN B 169 -8.45 63.85 28.52
C ASN B 169 -8.84 62.56 29.25
N ARG B 170 -7.89 61.65 29.43
CA ARG B 170 -8.18 60.34 30.04
C ARG B 170 -8.48 60.41 31.55
N LEU B 171 -8.09 61.51 32.19
CA LEU B 171 -8.24 61.66 33.64
C LEU B 171 -9.40 62.62 34.01
N ASN B 172 -10.13 63.10 33.01
CA ASN B 172 -11.35 63.91 33.18
C ASN B 172 -11.27 64.86 34.37
N LEU C 1 -6.17 44.25 48.83
CA LEU C 1 -6.82 44.83 47.62
C LEU C 1 -7.70 43.76 46.96
N ASP C 2 -8.87 44.17 46.45
CA ASP C 2 -9.83 43.25 45.82
C ASP C 2 -9.36 42.60 44.50
N LYS C 3 -9.91 41.42 44.21
CA LYS C 3 -9.33 40.51 43.22
C LYS C 3 -10.35 39.70 42.43
N ILE C 4 -10.02 39.44 41.16
CA ILE C 4 -10.68 38.37 40.40
C ILE C 4 -9.59 37.60 39.66
N CYS C 5 -9.68 36.28 39.72
CA CYS C 5 -8.61 35.40 39.24
C CYS C 5 -9.17 34.42 38.23
N LEU C 6 -8.46 34.20 37.12
CA LEU C 6 -8.91 33.25 36.13
C LEU C 6 -8.13 31.96 36.20
N GLY C 7 -8.80 30.87 35.87
CA GLY C 7 -8.19 29.57 35.98
C GLY C 7 -8.98 28.49 35.31
N HIS C 8 -8.45 27.28 35.42
CA HIS C 8 -9.02 26.11 34.78
C HIS C 8 -9.05 24.94 35.74
N HIS C 9 -9.74 23.89 35.34
CA HIS C 9 -9.87 22.71 36.17
C HIS C 9 -8.69 21.77 36.04
N ALA C 10 -8.52 20.92 37.04
CA ALA C 10 -7.52 19.84 37.03
C ALA C 10 -8.11 18.63 37.75
N VAL C 11 -7.50 17.46 37.58
CA VAL C 11 -7.92 16.27 38.33
C VAL C 11 -6.73 15.72 39.11
N ALA C 12 -6.99 14.75 39.98
CA ALA C 12 -5.98 14.22 40.91
C ALA C 12 -4.81 13.56 40.18
N ASN C 13 -5.06 12.42 39.56
CA ASN C 13 -4.10 11.84 38.60
C ASN C 13 -4.69 11.86 37.20
N GLY C 14 -3.91 12.42 36.28
CA GLY C 14 -4.33 12.51 34.91
C GLY C 14 -4.04 11.24 34.15
N THR C 15 -4.23 11.32 32.85
CA THR C 15 -4.00 10.24 31.93
C THR C 15 -2.83 10.64 31.04
N ILE C 16 -1.92 9.70 30.82
CA ILE C 16 -0.75 9.97 30.01
C ILE C 16 -1.09 9.75 28.56
N VAL C 17 -0.71 10.69 27.71
CA VAL C 17 -0.81 10.51 26.27
C VAL C 17 0.46 11.04 25.60
N LYS C 18 0.63 10.67 24.33
CA LYS C 18 1.76 11.12 23.51
C LYS C 18 1.42 12.34 22.69
N THR C 19 2.39 13.24 22.58
CA THR C 19 2.36 14.30 21.59
C THR C 19 3.54 14.19 20.63
N LEU C 20 3.56 15.11 19.66
CA LEU C 20 4.69 15.30 18.75
C LEU C 20 6.02 15.52 19.46
N THR C 21 6.01 16.27 20.56
CA THR C 21 7.23 16.67 21.24
C THR C 21 7.46 15.99 22.58
N ASN C 22 6.49 15.23 23.05
CA ASN C 22 6.54 14.69 24.41
C ASN C 22 5.96 13.31 24.44
N GLU C 23 6.75 12.32 24.86
CA GLU C 23 6.24 10.97 25.07
C GLU C 23 5.33 10.83 26.32
N GLN C 24 5.48 11.73 27.29
CA GLN C 24 4.75 11.64 28.57
C GLN C 24 4.00 12.93 28.93
N GLU C 25 2.95 13.21 28.18
CA GLU C 25 2.12 14.36 28.44
C GLU C 25 0.93 13.96 29.30
N GLU C 26 0.66 14.74 30.34
CA GLU C 26 -0.48 14.46 31.23
C GLU C 26 -1.66 15.37 30.89
N VAL C 27 -2.82 14.76 30.66
CA VAL C 27 -4.05 15.49 30.36
C VAL C 27 -5.17 15.08 31.30
N THR C 28 -6.20 15.89 31.36
CA THR C 28 -7.30 15.67 32.30
C THR C 28 -8.16 14.49 31.90
N ASN C 29 -8.05 14.06 30.65
CA ASN C 29 -8.84 12.95 30.15
C ASN C 29 -8.41 12.50 28.76
N ALA C 30 -8.79 11.27 28.39
CA ALA C 30 -8.42 10.69 27.10
C ALA C 30 -9.31 9.50 26.78
N THR C 31 -9.35 9.11 25.51
CA THR C 31 -10.08 7.91 25.14
C THR C 31 -9.32 7.08 24.09
N GLU C 32 -9.53 5.78 24.13
CA GLU C 32 -8.82 4.83 23.27
C GLU C 32 -9.23 4.92 21.80
N THR C 33 -8.29 4.72 20.89
CA THR C 33 -8.53 4.62 19.44
C THR C 33 -8.22 3.26 18.83
N VAL C 34 -7.60 2.35 19.56
CA VAL C 34 -7.32 1.03 19.06
C VAL C 34 -8.18 -0.01 19.74
N GLU C 35 -8.97 -0.74 18.94
CA GLU C 35 -9.89 -1.72 19.49
C GLU C 35 -9.13 -3.00 19.74
N SER C 36 -9.19 -3.46 20.98
CA SER C 36 -8.51 -4.66 21.44
C SER C 36 -9.48 -5.78 21.76
N THR C 37 -10.76 -5.50 21.65
CA THR C 37 -11.76 -6.47 22.04
C THR C 37 -12.55 -6.96 20.82
N SER C 38 -12.89 -8.25 20.83
CA SER C 38 -13.69 -8.87 19.79
C SER C 38 -14.87 -9.58 20.43
N LEU C 39 -15.94 -9.80 19.68
CA LEU C 39 -17.01 -10.68 20.12
C LEU C 39 -16.71 -12.05 19.58
N ASP C 40 -16.80 -13.06 20.42
CA ASP C 40 -16.43 -14.41 19.99
C ASP C 40 -17.59 -15.18 19.29
N ARG C 41 -18.20 -14.53 18.32
CA ARG C 41 -19.37 -15.07 17.66
C ARG C 41 -19.48 -14.40 16.30
N LEU C 42 -20.07 -15.11 15.36
CA LEU C 42 -20.39 -14.49 14.06
C LEU C 42 -21.77 -13.81 14.10
N CYS C 43 -21.75 -12.49 14.00
CA CYS C 43 -22.93 -11.64 14.16
C CYS C 43 -23.65 -11.56 12.82
N MET C 44 -24.78 -12.27 12.72
CA MET C 44 -25.46 -12.51 11.46
C MET C 44 -26.81 -11.82 11.30
N LYS C 45 -27.16 -10.96 12.23
CA LYS C 45 -28.41 -10.20 12.14
C LYS C 45 -28.39 -9.39 10.85
N GLY C 46 -29.53 -9.38 10.14
CA GLY C 46 -29.68 -8.70 8.87
C GLY C 46 -29.05 -9.38 7.66
N ARG C 47 -28.58 -10.62 7.80
CA ARG C 47 -27.91 -11.33 6.72
C ARG C 47 -28.63 -12.67 6.37
N SER C 48 -28.70 -12.95 5.09
CA SER C 48 -29.11 -14.26 4.61
C SER C 48 -27.81 -15.07 4.52
N HIS C 49 -27.56 -15.94 5.49
CA HIS C 49 -26.29 -16.63 5.56
C HIS C 49 -26.48 -18.12 5.49
N LYS C 50 -25.44 -18.81 5.05
CA LYS C 50 -25.38 -20.25 5.00
C LYS C 50 -24.11 -20.68 5.71
N ASP C 51 -24.34 -21.37 6.81
CA ASP C 51 -23.31 -22.09 7.55
C ASP C 51 -23.11 -23.46 6.96
N LEU C 52 -21.95 -23.72 6.41
CA LEU C 52 -21.70 -24.93 5.65
C LEU C 52 -21.35 -26.09 6.54
N GLY C 53 -21.17 -25.83 7.83
CA GLY C 53 -20.66 -26.81 8.79
C GLY C 53 -19.53 -27.64 8.23
N ASN C 54 -19.86 -28.88 8.07
CA ASN C 54 -19.00 -29.92 7.59
C ASN C 54 -18.66 -29.94 6.09
N CYS C 55 -19.33 -29.08 5.31
CA CYS C 55 -19.19 -29.12 3.87
C CYS C 55 -18.16 -28.09 3.37
N HIS C 56 -17.20 -28.52 2.59
CA HIS C 56 -16.26 -27.58 1.92
C HIS C 56 -16.91 -26.95 0.69
N PRO C 57 -16.60 -25.67 0.41
CA PRO C 57 -17.26 -25.04 -0.73
C PRO C 57 -17.21 -25.79 -2.05
N ILE C 58 -16.09 -26.37 -2.38
CA ILE C 58 -15.95 -27.17 -3.57
C ILE C 58 -16.88 -28.40 -3.59
N GLY C 59 -17.11 -28.99 -2.41
CA GLY C 59 -18.08 -30.11 -2.31
C GLY C 59 -19.50 -29.74 -2.65
N MET C 60 -19.84 -28.46 -2.56
CA MET C 60 -21.14 -27.99 -2.97
C MET C 60 -21.39 -28.27 -4.44
N LEU C 61 -20.33 -28.16 -5.24
CA LEU C 61 -20.41 -28.21 -6.71
C LEU C 61 -20.33 -29.59 -7.25
N ILE C 62 -19.55 -30.45 -6.61
CA ILE C 62 -19.44 -31.82 -7.04
C ILE C 62 -20.38 -32.79 -6.33
N GLY C 63 -20.86 -32.41 -5.12
CA GLY C 63 -21.95 -33.14 -4.47
C GLY C 63 -21.45 -34.22 -3.55
N THR C 64 -20.50 -33.85 -2.70
CA THR C 64 -20.02 -34.73 -1.65
C THR C 64 -21.16 -34.92 -0.61
N PRO C 65 -21.23 -36.09 0.02
CA PRO C 65 -22.38 -36.35 0.92
C PRO C 65 -22.60 -35.33 2.04
N ALA C 66 -21.51 -34.87 2.65
CA ALA C 66 -21.58 -33.83 3.65
C ALA C 66 -22.16 -32.55 3.09
N CYS C 67 -22.26 -32.40 1.77
CA CYS C 67 -22.79 -31.18 1.16
C CYS C 67 -24.25 -31.29 0.64
N ASP C 68 -24.97 -32.36 1.00
CA ASP C 68 -26.34 -32.61 0.45
C ASP C 68 -27.34 -31.48 0.69
N LEU C 69 -27.25 -30.84 1.85
CA LEU C 69 -28.11 -29.70 2.12
C LEU C 69 -27.56 -28.38 1.58
N HIS C 70 -26.47 -28.41 0.81
CA HIS C 70 -25.85 -27.21 0.29
C HIS C 70 -25.58 -27.30 -1.22
N LEU C 71 -26.43 -27.99 -1.94
CA LEU C 71 -26.19 -28.22 -3.35
C LEU C 71 -26.68 -27.04 -4.20
N THR C 72 -27.68 -26.34 -3.67
CA THR C 72 -28.22 -25.15 -4.31
C THR C 72 -28.56 -24.21 -3.18
N GLY C 73 -28.73 -22.93 -3.52
CA GLY C 73 -29.35 -21.96 -2.63
C GLY C 73 -28.97 -20.53 -2.94
N THR C 74 -29.41 -19.60 -2.11
CA THR C 74 -28.92 -18.23 -2.14
C THR C 74 -28.53 -17.74 -0.75
N TRP C 75 -27.64 -16.74 -0.71
CA TRP C 75 -27.09 -16.21 0.54
C TRP C 75 -26.36 -14.92 0.22
N ASP C 76 -26.26 -14.04 1.19
CA ASP C 76 -25.38 -12.88 1.06
C ASP C 76 -24.07 -13.06 1.87
N THR C 77 -23.95 -14.19 2.59
CA THR C 77 -22.79 -14.46 3.47
C THR C 77 -22.62 -15.95 3.56
N LEU C 78 -21.42 -16.44 3.34
CA LEU C 78 -21.14 -17.85 3.34
C LEU C 78 -19.97 -18.12 4.32
N ILE C 79 -20.14 -19.10 5.18
CA ILE C 79 -19.29 -19.40 6.31
C ILE C 79 -18.75 -20.81 6.20
N GLU C 80 -17.43 -20.89 6.07
CA GLU C 80 -16.68 -22.10 5.96
C GLU C 80 -16.00 -22.42 7.28
N ARG C 81 -16.02 -23.69 7.63
CA ARG C 81 -15.48 -24.14 8.89
C ARG C 81 -14.28 -25.00 8.60
N GLU C 82 -13.47 -25.15 9.65
CA GLU C 82 -12.23 -25.86 9.59
C GLU C 82 -12.47 -27.34 9.40
N ASN C 83 -11.57 -27.98 8.66
CA ASN C 83 -11.64 -29.41 8.40
C ASN C 83 -12.85 -29.89 7.57
N ALA C 84 -13.54 -28.99 6.86
CA ALA C 84 -14.71 -29.37 6.09
C ALA C 84 -14.29 -30.26 4.94
N ILE C 85 -15.23 -31.06 4.48
CA ILE C 85 -14.94 -32.10 3.51
C ILE C 85 -15.37 -31.70 2.08
N ALA C 86 -14.43 -31.81 1.16
CA ALA C 86 -14.70 -31.70 -0.27
C ALA C 86 -14.69 -33.07 -0.94
N TYR C 87 -13.79 -33.96 -0.53
CA TYR C 87 -13.49 -35.16 -1.28
C TYR C 87 -13.65 -36.37 -0.41
N CYS C 88 -14.69 -37.15 -0.67
CA CYS C 88 -14.91 -38.40 0.04
C CYS C 88 -14.01 -39.49 -0.56
N TYR C 89 -14.08 -39.63 -1.87
CA TYR C 89 -13.06 -40.37 -2.60
C TYR C 89 -11.82 -39.45 -2.66
N PRO C 90 -10.63 -39.96 -2.27
CA PRO C 90 -9.48 -39.06 -2.25
C PRO C 90 -9.13 -38.47 -3.61
N GLY C 91 -8.76 -37.20 -3.61
CA GLY C 91 -8.33 -36.50 -4.82
C GLY C 91 -8.04 -35.04 -4.46
N ALA C 92 -7.92 -34.21 -5.48
CA ALA C 92 -7.71 -32.78 -5.34
C ALA C 92 -8.22 -32.06 -6.60
N THR C 93 -8.56 -30.78 -6.47
CA THR C 93 -8.91 -29.94 -7.60
C THR C 93 -7.70 -29.07 -8.13
N VAL C 94 -7.49 -29.09 -9.44
CA VAL C 94 -6.56 -28.16 -10.04
C VAL C 94 -7.10 -26.72 -9.93
N ASN C 95 -6.23 -25.81 -9.52
CA ASN C 95 -6.58 -24.41 -9.23
C ASN C 95 -7.67 -24.36 -8.16
N GLU C 96 -7.42 -25.08 -7.09
CA GLU C 96 -8.36 -25.23 -6.00
C GLU C 96 -8.73 -23.95 -5.31
N GLU C 97 -7.71 -23.18 -4.95
CA GLU C 97 -7.89 -22.01 -4.14
C GLU C 97 -8.66 -20.98 -4.95
N ALA C 98 -8.38 -20.84 -6.22
CA ALA C 98 -9.13 -19.89 -7.08
C ALA C 98 -10.62 -20.26 -7.16
N LEU C 99 -10.89 -21.55 -7.30
CA LEU C 99 -12.25 -22.06 -7.23
C LEU C 99 -12.96 -21.79 -5.90
N ARG C 100 -12.30 -22.11 -4.79
CA ARG C 100 -12.89 -21.84 -3.46
C ARG C 100 -13.19 -20.34 -3.34
N GLN C 101 -12.27 -19.48 -3.76
CA GLN C 101 -12.48 -18.02 -3.60
C GLN C 101 -13.70 -17.58 -4.40
N LYS C 102 -13.77 -18.07 -5.62
CA LYS C 102 -14.89 -17.80 -6.49
C LYS C 102 -16.22 -18.22 -5.84
N ILE C 103 -16.30 -19.40 -5.29
CA ILE C 103 -17.54 -19.83 -4.57
C ILE C 103 -17.84 -18.87 -3.38
N MET C 104 -16.78 -18.48 -2.67
CA MET C 104 -16.93 -17.65 -1.50
C MET C 104 -17.22 -16.14 -1.73
N GLU C 105 -17.13 -15.65 -2.98
CA GLU C 105 -17.33 -14.23 -3.51
C GLU C 105 -18.88 -14.38 -3.95
N SER C 106 -19.42 -15.58 -4.13
CA SER C 106 -20.79 -15.72 -4.71
C SER C 106 -21.97 -15.50 -3.76
N GLY C 107 -23.15 -15.34 -4.36
CA GLY C 107 -24.40 -15.12 -3.63
C GLY C 107 -25.42 -16.24 -3.78
N GLY C 108 -24.98 -17.42 -4.19
CA GLY C 108 -25.91 -18.49 -4.56
C GLY C 108 -25.35 -19.50 -5.56
N ILE C 109 -26.00 -20.64 -5.64
CA ILE C 109 -25.64 -21.65 -6.61
C ILE C 109 -26.88 -22.31 -7.16
N SER C 110 -27.05 -22.26 -8.49
CA SER C 110 -28.01 -23.08 -9.22
C SER C 110 -27.36 -24.30 -9.87
N LYS C 111 -28.16 -25.38 -10.08
CA LYS C 111 -27.73 -26.57 -10.81
C LYS C 111 -28.52 -26.81 -12.09
N ILE C 112 -27.85 -27.22 -13.15
CA ILE C 112 -28.51 -27.47 -14.44
C ILE C 112 -27.97 -28.78 -14.97
N SER C 113 -28.89 -29.62 -15.33
CA SER C 113 -28.59 -30.95 -15.78
C SER C 113 -27.89 -30.93 -17.14
N THR C 114 -26.90 -31.79 -17.31
CA THR C 114 -26.15 -31.91 -18.55
C THR C 114 -26.96 -32.68 -19.60
N GLY C 115 -27.76 -33.64 -19.15
CA GLY C 115 -28.49 -34.50 -20.05
C GLY C 115 -27.71 -35.67 -20.63
N PHE C 116 -26.45 -35.84 -20.23
CA PHE C 116 -25.64 -36.91 -20.78
C PHE C 116 -26.26 -38.28 -20.58
N THR C 117 -26.26 -39.09 -21.64
CA THR C 117 -26.62 -40.51 -21.57
C THR C 117 -25.55 -41.34 -22.23
N TYR C 118 -25.63 -42.64 -22.02
CA TYR C 118 -24.52 -43.52 -22.32
C TYR C 118 -25.01 -44.88 -22.80
N GLY C 119 -24.30 -45.48 -23.74
CA GLY C 119 -24.70 -46.80 -24.26
C GLY C 119 -24.68 -47.87 -23.19
N SER C 120 -25.34 -49.00 -23.44
CA SER C 120 -25.32 -50.12 -22.47
C SER C 120 -23.97 -50.88 -22.44
N SER C 121 -23.06 -50.53 -23.36
CA SER C 121 -21.63 -50.86 -23.22
C SER C 121 -20.93 -50.08 -22.06
N ILE C 122 -21.35 -48.84 -21.80
CA ILE C 122 -20.88 -48.07 -20.61
C ILE C 122 -21.81 -48.27 -19.43
N ASN C 123 -21.25 -48.46 -18.25
CA ASN C 123 -22.02 -48.45 -17.02
C ASN C 123 -21.68 -47.23 -16.16
N SER C 124 -22.70 -46.48 -15.78
CA SER C 124 -22.56 -45.15 -15.20
C SER C 124 -22.98 -45.07 -13.72
N ALA C 125 -23.34 -46.21 -13.15
CA ALA C 125 -24.05 -46.19 -11.88
C ALA C 125 -23.19 -46.67 -10.73
N GLY C 126 -21.89 -46.77 -10.97
CA GLY C 126 -20.96 -47.32 -9.99
C GLY C 126 -20.76 -46.41 -8.79
N THR C 127 -20.48 -47.04 -7.65
CA THR C 127 -20.41 -46.36 -6.37
C THR C 127 -19.16 -46.80 -5.61
N THR C 128 -18.97 -46.27 -4.41
CA THR C 128 -17.80 -46.60 -3.61
C THR C 128 -18.09 -46.48 -2.12
N LYS C 129 -17.44 -47.33 -1.32
CA LYS C 129 -17.60 -47.29 0.12
C LYS C 129 -16.92 -46.06 0.74
N ALA C 130 -16.18 -45.32 -0.07
CA ALA C 130 -15.59 -44.07 0.40
C ALA C 130 -16.58 -42.92 0.40
N CYS C 131 -17.66 -43.01 -0.39
CA CYS C 131 -18.70 -41.96 -0.49
C CYS C 131 -20.05 -42.59 -0.12
N MET C 132 -20.46 -42.37 1.13
CA MET C 132 -21.60 -43.04 1.72
C MET C 132 -22.76 -42.12 2.05
N ARG C 133 -23.95 -42.56 1.66
CA ARG C 133 -25.25 -41.97 2.01
C ARG C 133 -26.19 -43.07 2.45
N ASN C 134 -27.05 -42.79 3.42
CA ASN C 134 -28.10 -43.75 3.83
C ASN C 134 -27.56 -45.15 4.14
N GLY C 135 -26.41 -45.21 4.81
CA GLY C 135 -25.73 -46.48 5.15
C GLY C 135 -25.26 -47.29 3.95
N GLY C 136 -25.25 -46.67 2.76
CA GLY C 136 -24.96 -47.39 1.53
C GLY C 136 -23.91 -46.69 0.69
N ASN C 137 -23.38 -47.42 -0.29
CA ASN C 137 -22.36 -46.90 -1.18
C ASN C 137 -22.99 -45.96 -2.16
N SER C 138 -22.25 -44.92 -2.53
CA SER C 138 -22.79 -43.86 -3.35
C SER C 138 -21.61 -43.16 -4.06
N PHE C 139 -21.85 -41.93 -4.50
CA PHE C 139 -20.89 -41.19 -5.27
C PHE C 139 -21.22 -39.71 -5.25
N TYR C 140 -20.25 -38.88 -5.62
CA TYR C 140 -20.49 -37.48 -5.86
C TYR C 140 -21.85 -37.33 -6.58
N ALA C 141 -22.75 -36.59 -5.98
CA ALA C 141 -24.11 -36.47 -6.44
C ALA C 141 -24.19 -35.86 -7.85
N GLU C 142 -23.27 -34.97 -8.17
CA GLU C 142 -23.35 -34.28 -9.46
C GLU C 142 -22.50 -34.91 -10.55
N LEU C 143 -21.95 -36.09 -10.33
CA LEU C 143 -21.09 -36.67 -11.35
C LEU C 143 -21.32 -38.13 -11.37
N LYS C 144 -20.71 -38.78 -12.36
CA LYS C 144 -20.87 -40.21 -12.55
C LYS C 144 -19.55 -40.86 -12.95
N TRP C 145 -19.26 -42.00 -12.33
CA TRP C 145 -18.12 -42.84 -12.62
C TRP C 145 -18.42 -43.84 -13.74
N LEU C 146 -18.13 -43.42 -14.96
CA LEU C 146 -18.23 -44.27 -16.12
C LEU C 146 -17.07 -45.30 -16.14
N VAL C 147 -17.45 -46.57 -16.29
CA VAL C 147 -16.53 -47.69 -16.51
C VAL C 147 -17.10 -48.56 -17.64
N SER C 148 -16.38 -49.60 -18.05
CA SER C 148 -16.96 -50.58 -19.00
C SER C 148 -17.97 -51.49 -18.30
N LYS C 149 -19.09 -51.76 -18.97
CA LYS C 149 -20.14 -52.63 -18.41
C LYS C 149 -19.67 -54.08 -18.28
N SER C 150 -18.95 -54.57 -19.28
CA SER C 150 -18.39 -55.92 -19.19
C SER C 150 -16.90 -55.79 -18.91
N LYS C 151 -16.53 -56.14 -17.67
CA LYS C 151 -15.16 -56.06 -17.18
C LYS C 151 -14.11 -56.45 -18.23
N GLY C 152 -13.02 -55.68 -18.28
CA GLY C 152 -11.86 -56.01 -19.10
C GLY C 152 -11.92 -55.51 -20.53
N GLN C 153 -13.10 -55.12 -20.98
CA GLN C 153 -13.33 -54.74 -22.36
C GLN C 153 -12.83 -53.29 -22.52
N ASN C 154 -12.31 -52.95 -23.70
CA ASN C 154 -11.94 -51.56 -23.99
C ASN C 154 -13.16 -50.63 -24.00
N PHE C 155 -13.13 -49.68 -23.08
CA PHE C 155 -14.17 -48.67 -22.93
C PHE C 155 -14.41 -47.98 -24.28
N PRO C 156 -15.67 -47.89 -24.74
CA PRO C 156 -15.94 -47.30 -26.07
C PRO C 156 -15.46 -45.85 -26.20
N GLN C 157 -15.05 -45.44 -27.40
CA GLN C 157 -14.78 -44.03 -27.68
C GLN C 157 -16.11 -43.26 -27.66
N THR C 158 -16.22 -42.29 -26.77
CA THR C 158 -17.49 -41.69 -26.49
C THR C 158 -17.41 -40.19 -26.53
N THR C 159 -18.47 -39.57 -27.02
CA THR C 159 -18.57 -38.12 -27.10
C THR C 159 -19.82 -37.69 -26.33
N ASN C 160 -19.67 -36.67 -25.47
CA ASN C 160 -20.77 -36.11 -24.70
C ASN C 160 -20.60 -34.61 -24.72
N THR C 161 -21.67 -33.90 -25.10
CA THR C 161 -21.60 -32.47 -25.29
C THR C 161 -22.70 -31.79 -24.48
N TYR C 162 -22.31 -30.76 -23.73
CA TYR C 162 -23.24 -29.99 -22.92
C TYR C 162 -23.34 -28.64 -23.56
N ARG C 163 -24.56 -28.09 -23.61
CA ARG C 163 -24.83 -26.82 -24.31
C ARG C 163 -25.44 -25.76 -23.36
N ASN C 164 -24.72 -24.67 -23.15
CA ASN C 164 -25.24 -23.59 -22.35
C ASN C 164 -26.19 -22.79 -23.23
N THR C 165 -27.48 -22.99 -22.97
CA THR C 165 -28.58 -22.28 -23.63
C THR C 165 -29.08 -21.10 -22.78
N ASP C 166 -28.45 -20.87 -21.63
CA ASP C 166 -28.82 -19.79 -20.72
C ASP C 166 -28.17 -18.46 -21.19
N THR C 167 -28.36 -17.38 -20.44
CA THR C 167 -27.76 -16.07 -20.75
C THR C 167 -26.68 -15.67 -19.78
N ALA C 168 -26.31 -16.60 -18.90
CA ALA C 168 -25.19 -16.40 -18.02
C ALA C 168 -24.24 -17.59 -18.15
N GLU C 169 -22.99 -17.36 -17.79
CA GLU C 169 -21.99 -18.40 -17.82
C GLU C 169 -22.25 -19.49 -16.75
N HIS C 170 -21.99 -20.74 -17.13
CA HIS C 170 -22.00 -21.90 -16.24
C HIS C 170 -20.58 -22.42 -15.92
N LEU C 171 -20.39 -22.90 -14.70
CA LEU C 171 -19.17 -23.53 -14.25
C LEU C 171 -19.35 -25.04 -14.37
N ILE C 172 -18.51 -25.69 -15.17
CA ILE C 172 -18.59 -27.15 -15.33
C ILE C 172 -17.39 -27.80 -14.69
N MET C 173 -17.62 -28.94 -14.03
CA MET C 173 -16.56 -29.70 -13.40
C MET C 173 -16.52 -31.11 -13.89
N TRP C 174 -15.33 -31.69 -13.93
CA TRP C 174 -15.20 -33.10 -14.20
C TRP C 174 -14.06 -33.67 -13.42
N GLY C 175 -14.01 -34.99 -13.39
CA GLY C 175 -12.99 -35.71 -12.68
C GLY C 175 -12.17 -36.57 -13.61
N ILE C 176 -10.92 -36.82 -13.25
CA ILE C 176 -10.17 -37.86 -13.92
C ILE C 176 -9.76 -38.90 -12.89
N HIS C 177 -10.03 -40.16 -13.20
CA HIS C 177 -9.70 -41.24 -12.30
C HIS C 177 -8.29 -41.73 -12.53
N HIS C 178 -7.54 -41.85 -11.45
CA HIS C 178 -6.16 -42.32 -11.50
C HIS C 178 -6.04 -43.66 -10.76
N PRO C 179 -6.12 -44.78 -11.49
CA PRO C 179 -6.09 -46.09 -10.83
C PRO C 179 -4.79 -46.39 -10.09
N SER C 180 -4.86 -47.32 -9.13
CA SER C 180 -3.71 -47.63 -8.28
C SER C 180 -2.88 -48.82 -8.78
N SER C 181 -3.28 -49.40 -9.90
CA SER C 181 -2.62 -50.56 -10.45
C SER C 181 -2.98 -50.72 -11.93
N THR C 182 -2.19 -51.52 -12.63
CA THR C 182 -2.45 -51.81 -14.05
C THR C 182 -3.70 -52.68 -14.21
N GLN C 183 -3.81 -53.74 -13.41
CA GLN C 183 -4.94 -54.64 -13.44
C GLN C 183 -6.24 -53.89 -13.19
N GLU C 184 -6.24 -53.01 -12.19
CA GLU C 184 -7.41 -52.20 -11.89
C GLU C 184 -7.81 -51.45 -13.13
N LYS C 185 -6.87 -50.71 -13.71
CA LYS C 185 -7.13 -49.91 -14.90
C LYS C 185 -7.73 -50.73 -16.03
N ASN C 186 -7.13 -51.89 -16.28
CA ASN C 186 -7.60 -52.81 -17.31
C ASN C 186 -9.00 -53.36 -16.98
N ASP C 187 -9.24 -53.70 -15.72
CA ASP C 187 -10.52 -54.26 -15.29
C ASP C 187 -11.62 -53.28 -15.65
N LEU C 188 -11.45 -52.02 -15.31
CA LEU C 188 -12.56 -51.10 -15.45
C LEU C 188 -12.59 -50.29 -16.77
N TYR C 189 -11.46 -50.16 -17.47
CA TYR C 189 -11.45 -49.46 -18.77
C TYR C 189 -10.93 -50.26 -19.99
N GLY C 190 -10.24 -51.37 -19.76
CA GLY C 190 -9.59 -52.14 -20.84
C GLY C 190 -8.09 -51.86 -20.96
N THR C 191 -7.42 -52.58 -21.85
CA THR C 191 -5.98 -52.47 -22.02
C THR C 191 -5.53 -51.31 -22.92
N GLN C 192 -6.48 -50.61 -23.54
CA GLN C 192 -6.13 -49.59 -24.50
C GLN C 192 -5.51 -48.37 -23.86
N SER C 193 -4.75 -47.62 -24.65
CA SER C 193 -4.19 -46.36 -24.19
C SER C 193 -5.30 -45.31 -24.03
N LEU C 194 -5.43 -44.80 -22.81
CA LEU C 194 -6.56 -43.94 -22.42
C LEU C 194 -6.32 -42.45 -22.70
N SER C 195 -7.41 -41.74 -23.01
CA SER C 195 -7.35 -40.31 -23.35
C SER C 195 -8.68 -39.63 -23.12
N ILE C 196 -8.61 -38.40 -22.62
CA ILE C 196 -9.79 -37.64 -22.35
C ILE C 196 -9.53 -36.21 -22.83
N SER C 197 -10.26 -35.81 -23.85
CA SER C 197 -10.14 -34.47 -24.36
C SER C 197 -11.36 -33.66 -24.04
N VAL C 198 -11.15 -32.37 -23.81
CA VAL C 198 -12.24 -31.55 -23.40
C VAL C 198 -12.13 -30.22 -24.11
N GLY C 199 -13.12 -29.88 -24.94
CA GLY C 199 -13.06 -28.63 -25.72
C GLY C 199 -14.34 -27.82 -25.80
N SER C 200 -14.21 -26.52 -25.62
CA SER C 200 -15.27 -25.55 -25.80
C SER C 200 -14.81 -24.56 -26.86
N SER C 201 -15.39 -23.37 -26.97
CA SER C 201 -14.86 -22.36 -27.90
C SER C 201 -13.71 -21.56 -27.28
N THR C 202 -13.50 -21.71 -25.96
CA THR C 202 -12.62 -20.86 -25.20
C THR C 202 -11.76 -21.64 -24.22
N TYR C 203 -11.57 -22.94 -24.46
CA TYR C 203 -10.86 -23.84 -23.58
C TYR C 203 -10.71 -25.21 -24.27
N GLN C 204 -9.52 -25.82 -24.20
CA GLN C 204 -9.37 -27.28 -24.41
C GLN C 204 -8.17 -27.84 -23.67
N SER C 205 -8.16 -29.15 -23.49
CA SER C 205 -7.15 -29.78 -22.69
C SER C 205 -7.29 -31.27 -22.83
N ASN C 206 -6.21 -32.00 -22.56
CA ASN C 206 -6.20 -33.44 -22.62
C ASN C 206 -5.79 -33.91 -21.25
N PHE C 207 -6.10 -35.17 -20.98
CA PHE C 207 -5.89 -35.74 -19.67
C PHE C 207 -5.70 -37.23 -19.90
N VAL C 208 -4.69 -37.78 -19.26
CA VAL C 208 -4.42 -39.21 -19.27
C VAL C 208 -4.31 -39.68 -17.82
N PRO C 209 -4.97 -40.80 -17.49
CA PRO C 209 -4.86 -41.44 -16.18
C PRO C 209 -3.46 -41.93 -15.77
N VAL C 210 -2.86 -41.21 -14.82
CA VAL C 210 -1.77 -41.72 -13.98
C VAL C 210 -2.18 -43.03 -13.29
N VAL C 211 -1.49 -44.14 -13.58
CA VAL C 211 -1.64 -45.38 -12.77
C VAL C 211 -0.37 -45.76 -12.02
N GLY C 212 -0.54 -46.12 -10.74
CA GLY C 212 0.58 -46.57 -9.90
C GLY C 212 0.20 -46.75 -8.45
N ALA C 213 0.91 -47.62 -7.75
CA ALA C 213 0.62 -47.88 -6.34
C ALA C 213 0.88 -46.64 -5.50
N ARG C 214 0.03 -46.40 -4.52
CA ARG C 214 0.23 -45.27 -3.62
C ARG C 214 -0.57 -45.50 -2.34
N PRO C 215 -0.36 -44.66 -1.32
CA PRO C 215 -1.03 -44.90 -0.05
C PRO C 215 -2.53 -44.86 -0.15
N GLN C 216 -3.17 -45.66 0.70
CA GLN C 216 -4.58 -45.61 0.96
C GLN C 216 -4.90 -44.32 1.68
N VAL C 217 -5.89 -43.60 1.17
CA VAL C 217 -6.54 -42.50 1.89
C VAL C 217 -8.03 -42.80 1.94
N ASN C 218 -8.65 -42.64 3.11
CA ASN C 218 -10.04 -43.09 3.32
C ASN C 218 -10.25 -44.46 2.65
N GLY C 219 -9.34 -45.39 2.89
CA GLY C 219 -9.43 -46.74 2.34
C GLY C 219 -9.11 -46.95 0.87
N GLN C 220 -8.87 -45.88 0.11
CA GLN C 220 -8.64 -45.98 -1.33
C GLN C 220 -7.20 -45.56 -1.75
N SER C 221 -6.53 -46.36 -2.56
CA SER C 221 -5.25 -45.96 -3.15
C SER C 221 -5.41 -45.25 -4.49
N GLY C 222 -6.52 -45.50 -5.15
CA GLY C 222 -6.92 -44.70 -6.31
C GLY C 222 -7.18 -43.26 -5.93
N ARG C 223 -7.30 -42.41 -6.94
CA ARG C 223 -7.58 -41.00 -6.77
C ARG C 223 -8.45 -40.51 -7.92
N ILE C 224 -9.25 -39.48 -7.65
CA ILE C 224 -9.97 -38.77 -8.70
C ILE C 224 -9.67 -37.29 -8.57
N ASP C 225 -8.99 -36.69 -9.53
CA ASP C 225 -8.81 -35.24 -9.49
C ASP C 225 -9.81 -34.47 -10.33
N PHE C 226 -10.17 -33.30 -9.83
CA PHE C 226 -11.14 -32.49 -10.47
C PHE C 226 -10.55 -31.34 -11.28
N HIS C 227 -11.29 -31.02 -12.35
CA HIS C 227 -10.94 -29.98 -13.25
C HIS C 227 -12.15 -29.12 -13.50
N TRP C 228 -11.98 -27.82 -13.72
CA TRP C 228 -13.13 -26.98 -14.01
C TRP C 228 -12.92 -25.91 -15.08
N THR C 229 -14.02 -25.47 -15.67
CA THR C 229 -14.01 -24.28 -16.51
C THR C 229 -15.40 -23.59 -16.63
N LEU C 230 -15.37 -22.39 -17.21
CA LEU C 230 -16.53 -21.58 -17.42
C LEU C 230 -16.95 -21.71 -18.87
N VAL C 231 -18.22 -22.05 -19.08
CA VAL C 231 -18.80 -22.17 -20.42
C VAL C 231 -19.73 -21.01 -20.64
N GLN C 232 -19.43 -20.20 -21.66
CA GLN C 232 -20.13 -18.95 -21.88
C GLN C 232 -21.53 -19.21 -22.53
N PRO C 233 -22.45 -18.24 -22.40
CA PRO C 233 -23.79 -18.32 -22.99
C PRO C 233 -23.68 -18.69 -24.43
N GLY C 234 -24.49 -19.64 -24.89
CA GLY C 234 -24.49 -20.00 -26.29
C GLY C 234 -23.35 -20.93 -26.66
N ASP C 235 -22.41 -21.20 -25.73
CA ASP C 235 -21.27 -22.03 -26.07
C ASP C 235 -21.56 -23.46 -25.67
N ASN C 236 -20.84 -24.39 -26.30
CA ASN C 236 -20.91 -25.81 -25.95
C ASN C 236 -19.52 -26.29 -25.54
N ILE C 237 -19.51 -27.37 -24.75
CA ILE C 237 -18.28 -27.97 -24.33
C ILE C 237 -18.40 -29.46 -24.52
N THR C 238 -17.45 -30.02 -25.25
CA THR C 238 -17.52 -31.44 -25.62
C THR C 238 -16.41 -32.25 -24.97
N PHE C 239 -16.78 -33.44 -24.53
CA PHE C 239 -15.96 -34.37 -23.86
C PHE C 239 -15.77 -35.54 -24.78
N SER C 240 -14.53 -35.79 -25.23
CA SER C 240 -14.22 -37.03 -25.95
C SER C 240 -13.23 -37.86 -25.12
N HIS C 241 -13.62 -39.11 -24.90
CA HIS C 241 -13.03 -39.93 -23.88
C HIS C 241 -13.29 -41.42 -24.14
N ASN C 242 -12.29 -42.24 -23.82
CA ASN C 242 -12.39 -43.68 -23.98
C ASN C 242 -12.01 -44.43 -22.70
N GLY C 243 -12.18 -43.78 -21.54
CA GLY C 243 -11.90 -44.38 -20.24
C GLY C 243 -11.28 -43.40 -19.26
N GLY C 244 -11.83 -43.31 -18.06
CA GLY C 244 -11.21 -42.51 -17.01
C GLY C 244 -11.90 -41.20 -16.69
N LEU C 245 -12.93 -40.83 -17.46
CA LEU C 245 -13.67 -39.61 -17.17
C LEU C 245 -14.69 -39.88 -16.07
N ILE C 246 -14.83 -38.92 -15.16
CA ILE C 246 -15.92 -38.87 -14.20
C ILE C 246 -16.76 -37.70 -14.72
N ALA C 247 -17.85 -38.02 -15.40
CA ALA C 247 -18.62 -37.02 -16.15
C ALA C 247 -19.65 -36.29 -15.27
N PRO C 248 -19.86 -35.00 -15.53
CA PRO C 248 -20.85 -34.25 -14.81
C PRO C 248 -22.25 -34.63 -15.26
N SER C 249 -23.13 -34.87 -14.28
CA SER C 249 -24.54 -35.04 -14.57
C SER C 249 -25.24 -33.69 -14.41
N ARG C 250 -24.65 -32.77 -13.64
CA ARG C 250 -25.18 -31.40 -13.55
C ARG C 250 -24.02 -30.38 -13.60
N VAL C 251 -24.32 -29.14 -13.98
CA VAL C 251 -23.34 -28.04 -13.95
C VAL C 251 -23.89 -26.96 -13.01
N SER C 252 -23.04 -26.00 -12.61
CA SER C 252 -23.45 -24.98 -11.66
C SER C 252 -23.40 -23.61 -12.24
N LYS C 253 -24.12 -22.71 -11.62
CA LYS C 253 -24.18 -21.31 -12.01
C LYS C 253 -24.10 -20.52 -10.73
N LEU C 254 -23.03 -19.72 -10.55
CA LEU C 254 -22.88 -18.93 -9.35
C LEU C 254 -23.68 -17.67 -9.52
N ILE C 255 -24.41 -17.27 -8.50
CA ILE C 255 -25.35 -16.17 -8.65
C ILE C 255 -25.00 -15.03 -7.74
N GLY C 256 -25.02 -13.81 -8.24
CA GLY C 256 -24.87 -12.61 -7.40
C GLY C 256 -23.53 -12.55 -6.67
N ARG C 257 -23.47 -11.75 -5.60
CA ARG C 257 -22.28 -11.56 -4.80
C ARG C 257 -22.59 -11.84 -3.35
N GLY C 258 -21.59 -12.36 -2.65
CA GLY C 258 -21.63 -12.47 -1.22
C GLY C 258 -20.23 -12.39 -0.60
N LEU C 259 -20.22 -12.35 0.73
CA LEU C 259 -19.06 -12.24 1.58
C LEU C 259 -18.70 -13.61 2.15
N GLY C 260 -17.46 -14.06 1.92
CA GLY C 260 -17.05 -15.36 2.41
C GLY C 260 -16.29 -15.25 3.73
N ILE C 261 -16.68 -16.01 4.75
CA ILE C 261 -16.01 -15.95 6.07
C ILE C 261 -15.55 -17.32 6.42
N GLN C 262 -14.30 -17.42 6.84
CA GLN C 262 -13.73 -18.63 7.40
C GLN C 262 -13.56 -18.47 8.90
N SER C 263 -14.31 -19.21 9.72
CA SER C 263 -14.24 -19.06 11.18
C SER C 263 -14.95 -20.19 11.80
N ASP C 264 -14.47 -20.64 12.96
CA ASP C 264 -15.19 -21.62 13.77
C ASP C 264 -16.07 -20.98 14.87
N ALA C 265 -16.24 -19.66 14.86
CA ALA C 265 -17.01 -19.02 15.91
C ALA C 265 -18.51 -19.30 15.73
N PRO C 266 -19.25 -19.40 16.84
CA PRO C 266 -20.70 -19.73 16.67
C PRO C 266 -21.55 -18.58 16.15
N ILE C 267 -22.66 -18.92 15.52
CA ILE C 267 -23.57 -17.93 14.94
C ILE C 267 -24.50 -17.29 15.96
N ASP C 268 -24.52 -15.97 15.94
CA ASP C 268 -25.47 -15.22 16.68
C ASP C 268 -26.32 -14.33 15.77
N ASN C 269 -27.59 -14.70 15.63
CA ASN C 269 -28.54 -13.98 14.81
C ASN C 269 -29.04 -12.68 15.38
N ASN C 270 -28.74 -12.39 16.63
CA ASN C 270 -29.24 -11.18 17.29
C ASN C 270 -28.23 -10.03 17.43
N CYS C 271 -27.05 -10.16 16.84
CA CYS C 271 -26.16 -8.99 16.71
C CYS C 271 -25.74 -8.84 15.27
N GLU C 272 -25.39 -7.62 14.90
CA GLU C 272 -24.95 -7.33 13.58
C GLU C 272 -23.55 -6.80 13.57
N SER C 273 -22.91 -6.99 12.43
CA SER C 273 -21.54 -6.61 12.24
C SER C 273 -21.28 -6.49 10.77
N LYS C 274 -20.27 -5.70 10.44
CA LYS C 274 -19.75 -5.68 9.10
C LYS C 274 -18.36 -6.19 8.98
N CYS C 275 -17.77 -6.65 10.08
CA CYS C 275 -16.35 -7.02 10.07
C CYS C 275 -16.15 -8.33 10.79
N PHE C 276 -15.52 -9.30 10.11
CA PHE C 276 -15.36 -10.62 10.67
C PHE C 276 -13.93 -11.07 10.56
N TRP C 277 -13.54 -12.00 11.41
CA TRP C 277 -12.19 -12.54 11.43
C TRP C 277 -12.30 -13.96 11.91
N ARG C 278 -11.19 -14.67 11.85
CA ARG C 278 -11.20 -16.05 12.28
C ARG C 278 -11.86 -16.25 13.64
N GLY C 279 -11.66 -15.31 14.54
CA GLY C 279 -12.14 -15.45 15.92
C GLY C 279 -13.55 -14.94 16.21
N GLY C 280 -14.22 -14.32 15.24
CA GLY C 280 -15.53 -13.73 15.48
C GLY C 280 -15.81 -12.45 14.70
N SER C 281 -16.38 -11.46 15.35
CA SER C 281 -16.89 -10.26 14.71
C SER C 281 -16.28 -9.05 15.39
N ILE C 282 -16.06 -7.99 14.63
CA ILE C 282 -15.54 -6.76 15.19
C ILE C 282 -16.46 -5.57 14.95
N ASN C 283 -17.11 -5.15 16.04
CA ASN C 283 -18.17 -4.12 16.08
C ASN C 283 -17.63 -3.02 16.91
N THR C 284 -16.89 -2.14 16.32
CA THR C 284 -16.38 -1.09 17.08
C THR C 284 -16.61 0.07 16.19
N ARG C 285 -16.71 1.24 16.79
CA ARG C 285 -16.76 2.46 16.04
C ARG C 285 -15.34 2.99 15.90
N LEU C 286 -14.38 2.38 16.60
CA LEU C 286 -12.98 2.88 16.60
C LEU C 286 -12.29 2.73 15.24
N PRO C 287 -11.45 3.69 14.87
CA PRO C 287 -10.80 3.59 13.53
C PRO C 287 -9.76 2.46 13.35
N PHE C 288 -9.16 1.99 14.42
CA PHE C 288 -8.11 1.00 14.30
C PHE C 288 -8.39 -0.20 15.17
N GLN C 289 -7.55 -1.22 15.05
CA GLN C 289 -7.83 -2.52 15.56
C GLN C 289 -6.51 -3.28 15.63
N ASN C 290 -6.22 -3.94 16.75
CA ASN C 290 -5.05 -4.80 16.91
C ASN C 290 -5.41 -6.30 17.11
N LEU C 291 -6.62 -6.73 16.76
CA LEU C 291 -6.92 -8.18 16.85
C LEU C 291 -6.29 -9.07 15.79
N SER C 292 -6.33 -8.71 14.53
CA SER C 292 -5.74 -9.58 13.51
C SER C 292 -5.50 -8.84 12.23
N PRO C 293 -4.39 -9.18 11.56
CA PRO C 293 -4.28 -8.68 10.17
C PRO C 293 -5.25 -9.33 9.13
N ARG C 294 -5.89 -10.44 9.41
CA ARG C 294 -6.79 -11.10 8.46
C ARG C 294 -8.23 -10.83 8.88
N THR C 295 -8.82 -9.81 8.27
CA THR C 295 -10.22 -9.50 8.47
C THR C 295 -10.94 -9.47 7.12
N VAL C 296 -12.29 -9.59 7.13
CA VAL C 296 -13.16 -9.39 5.98
C VAL C 296 -14.34 -8.49 6.31
N GLY C 297 -14.81 -7.78 5.30
CA GLY C 297 -15.91 -6.86 5.46
C GLY C 297 -15.40 -5.46 5.42
N GLN C 298 -16.12 -4.59 6.14
CA GLN C 298 -15.82 -3.18 6.27
C GLN C 298 -15.31 -3.05 7.70
N CYS C 299 -13.99 -2.80 7.81
CA CYS C 299 -13.24 -3.03 9.03
C CYS C 299 -12.32 -1.87 9.42
N PRO C 300 -12.16 -1.65 10.75
CA PRO C 300 -11.10 -0.76 11.19
C PRO C 300 -9.77 -1.30 10.68
N LYS C 301 -8.80 -0.42 10.52
CA LYS C 301 -7.55 -0.84 9.92
C LYS C 301 -6.68 -1.50 10.99
N TYR C 302 -6.09 -2.64 10.67
CA TYR C 302 -5.11 -3.26 11.55
C TYR C 302 -3.86 -2.42 11.81
N VAL C 303 -3.49 -2.26 13.10
CA VAL C 303 -2.24 -1.59 13.50
C VAL C 303 -1.41 -2.42 14.50
N ASN C 304 -0.09 -2.30 14.44
CA ASN C 304 0.85 -2.91 15.43
C ASN C 304 0.95 -2.14 16.75
N LYS C 305 -0.14 -2.00 17.47
CA LYS C 305 -0.10 -1.17 18.67
C LYS C 305 -1.15 -1.63 19.65
N LYS C 306 -0.75 -1.68 20.91
CA LYS C 306 -1.66 -2.11 21.98
C LYS C 306 -2.71 -1.03 22.21
N SER C 307 -2.27 0.22 22.26
CA SER C 307 -3.09 1.32 22.68
C SER C 307 -2.54 2.63 22.13
N LEU C 308 -3.45 3.52 21.76
CA LEU C 308 -3.16 4.85 21.32
C LEU C 308 -4.32 5.71 21.79
N MET C 309 -4.08 6.52 22.80
CA MET C 309 -5.11 7.27 23.43
C MET C 309 -5.05 8.71 22.98
N LEU C 310 -6.25 9.23 22.79
CA LEU C 310 -6.49 10.52 22.23
C LEU C 310 -6.99 11.39 23.33
N ALA C 311 -6.39 12.55 23.50
CA ALA C 311 -6.74 13.43 24.58
C ALA C 311 -8.13 13.98 24.34
N THR C 312 -8.90 14.08 25.42
CA THR C 312 -10.22 14.68 25.40
C THR C 312 -10.32 15.77 26.45
N GLY C 313 -9.18 16.28 26.89
CA GLY C 313 -9.14 17.33 27.89
C GLY C 313 -7.84 18.08 27.80
N MET C 314 -7.70 19.13 28.60
CA MET C 314 -6.52 20.01 28.58
C MET C 314 -5.32 19.39 29.30
N ARG C 315 -4.19 20.09 29.33
CA ARG C 315 -3.06 19.67 30.16
C ARG C 315 -3.55 19.56 31.60
N ASN C 316 -3.16 18.49 32.28
CA ASN C 316 -3.45 18.37 33.70
C ASN C 316 -2.35 19.01 34.49
N VAL C 317 -2.69 20.07 35.21
CA VAL C 317 -1.74 20.71 36.10
C VAL C 317 -2.26 20.66 37.55
N PRO C 318 -2.01 19.52 38.26
CA PRO C 318 -2.45 19.36 39.65
C PRO C 318 -1.86 20.36 40.59
N GLU C 319 -2.50 20.48 41.75
CA GLU C 319 -2.02 21.33 42.83
C GLU C 319 -0.94 20.59 43.63
N GLY D 1 2.77 26.66 27.57
CA GLY D 1 2.81 26.10 26.19
C GLY D 1 2.68 27.20 25.16
N LEU D 2 2.01 26.94 24.03
CA LEU D 2 1.93 27.90 22.90
C LEU D 2 1.35 29.26 23.21
N PHE D 3 0.22 29.28 23.90
CA PHE D 3 -0.48 30.51 24.22
C PHE D 3 -0.12 30.99 25.62
N GLY D 4 0.83 30.30 26.26
CA GLY D 4 1.48 30.79 27.47
C GLY D 4 0.64 30.90 28.72
N ALA D 5 -0.56 30.29 28.72
CA ALA D 5 -1.52 30.39 29.83
C ALA D 5 -1.58 29.14 30.72
N ILE D 6 -2.10 28.04 30.18
CA ILE D 6 -2.15 26.75 30.89
C ILE D 6 -0.75 26.14 30.94
N ALA D 7 -0.32 25.78 32.15
CA ALA D 7 1.06 25.40 32.38
C ALA D 7 1.96 26.58 31.95
N GLY D 8 1.48 27.78 32.25
CA GLY D 8 2.13 29.01 31.84
C GLY D 8 2.05 29.97 33.00
N PHE D 9 1.70 31.23 32.74
CA PHE D 9 1.64 32.22 33.81
C PHE D 9 0.56 31.90 34.84
N ILE D 10 -0.45 31.12 34.46
CA ILE D 10 -1.31 30.50 35.45
C ILE D 10 -0.53 29.30 35.93
N GLU D 11 -0.27 29.28 37.22
CA GLU D 11 0.68 28.33 37.80
C GLU D 11 0.12 26.91 37.80
N ASN D 12 -1.18 26.79 38.12
CA ASN D 12 -1.84 25.50 38.18
C ASN D 12 -3.36 25.57 38.07
N GLY D 13 -3.97 24.38 37.98
CA GLY D 13 -5.42 24.23 37.85
C GLY D 13 -6.11 24.06 39.20
N TRP D 14 -7.43 24.18 39.17
CA TRP D 14 -8.26 24.11 40.36
C TRP D 14 -9.02 22.79 40.41
N GLU D 15 -8.60 21.88 41.27
CA GLU D 15 -9.24 20.58 41.37
C GLU D 15 -10.67 20.71 41.88
N GLY D 16 -10.94 21.81 42.59
CA GLY D 16 -12.27 22.10 43.09
C GLY D 16 -13.23 22.79 42.11
N MET D 17 -13.07 22.55 40.82
CA MET D 17 -13.99 23.12 39.84
C MET D 17 -14.53 21.99 38.99
N VAL D 18 -15.57 21.35 39.51
CA VAL D 18 -16.18 20.19 38.84
C VAL D 18 -17.28 20.58 37.84
N ASP D 19 -17.77 21.81 37.94
CA ASP D 19 -18.85 22.30 37.07
C ASP D 19 -18.38 23.06 35.81
N GLY D 20 -17.08 22.99 35.47
CA GLY D 20 -16.58 23.63 34.25
C GLY D 20 -15.11 23.40 33.95
N TRP D 21 -14.68 23.82 32.75
CA TRP D 21 -13.27 23.69 32.34
C TRP D 21 -12.48 24.94 32.70
N TYR D 22 -13.12 26.10 32.60
CA TYR D 22 -12.49 27.37 32.89
C TYR D 22 -13.35 28.13 33.87
N GLY D 23 -12.79 29.13 34.55
CA GLY D 23 -13.62 29.90 35.48
C GLY D 23 -12.92 30.96 36.33
N PHE D 24 -13.64 31.40 37.36
CA PHE D 24 -13.26 32.55 38.18
C PHE D 24 -13.18 32.21 39.67
N ARG D 25 -12.28 32.91 40.35
CA ARG D 25 -12.26 32.97 41.81
C ARG D 25 -12.13 34.43 42.18
N HIS D 26 -13.04 34.93 43.01
CA HIS D 26 -12.97 36.31 43.49
C HIS D 26 -12.75 36.41 45.00
N GLN D 27 -12.23 37.56 45.41
CA GLN D 27 -12.12 37.95 46.81
C GLN D 27 -12.52 39.42 46.97
N ASN D 28 -13.59 39.66 47.74
CA ASN D 28 -14.11 41.00 48.03
C ASN D 28 -14.47 41.09 49.52
N ALA D 29 -15.11 42.18 49.95
CA ALA D 29 -15.40 42.37 51.38
C ALA D 29 -16.26 41.24 51.96
N GLN D 30 -17.25 40.78 51.20
CA GLN D 30 -18.11 39.67 51.65
C GLN D 30 -17.44 38.30 51.59
N GLY D 31 -16.17 38.24 51.19
CA GLY D 31 -15.43 36.98 51.22
C GLY D 31 -15.01 36.43 49.86
N THR D 32 -15.38 35.18 49.61
CA THR D 32 -14.79 34.37 48.54
C THR D 32 -15.84 33.57 47.78
N GLY D 33 -15.63 33.44 46.47
CA GLY D 33 -16.52 32.67 45.61
C GLY D 33 -15.77 32.09 44.43
N GLN D 34 -16.31 31.00 43.88
CA GLN D 34 -15.79 30.36 42.67
C GLN D 34 -16.98 30.14 41.74
N ALA D 35 -16.74 30.21 40.43
CA ALA D 35 -17.80 29.91 39.46
C ALA D 35 -17.23 29.64 38.06
N ALA D 36 -17.82 28.67 37.38
CA ALA D 36 -17.39 28.28 36.03
C ALA D 36 -17.87 29.29 35.01
N ASP D 37 -17.19 29.36 33.86
CA ASP D 37 -17.70 30.10 32.73
C ASP D 37 -18.23 29.08 31.75
N TYR D 38 -19.52 29.21 31.42
CA TYR D 38 -20.21 28.25 30.56
C TYR D 38 -19.77 28.35 29.10
N LYS D 39 -19.59 29.57 28.63
CA LYS D 39 -19.27 29.84 27.22
C LYS D 39 -17.91 29.27 26.81
N SER D 40 -16.85 29.68 27.50
CA SER D 40 -15.49 29.21 27.22
C SER D 40 -15.40 27.70 27.33
N THR D 41 -16.09 27.14 28.33
CA THR D 41 -16.11 25.71 28.56
C THR D 41 -16.68 24.98 27.35
N GLN D 42 -17.79 25.48 26.82
CA GLN D 42 -18.47 24.85 25.71
C GLN D 42 -17.71 24.99 24.41
N ALA D 43 -16.93 26.06 24.27
CA ALA D 43 -16.14 26.24 23.06
C ALA D 43 -15.02 25.19 22.99
N ALA D 44 -14.47 24.83 24.16
CA ALA D 44 -13.45 23.78 24.22
C ALA D 44 -14.03 22.38 24.04
N ILE D 45 -15.18 22.11 24.66
CA ILE D 45 -15.83 20.80 24.55
C ILE D 45 -16.32 20.55 23.11
N ASP D 46 -16.97 21.55 22.51
CA ASP D 46 -17.49 21.42 21.14
C ASP D 46 -16.41 21.14 20.10
N GLN D 47 -15.20 21.64 20.35
CA GLN D 47 -14.05 21.33 19.48
C GLN D 47 -13.62 19.88 19.66
N ILE D 48 -13.61 19.39 20.89
CA ILE D 48 -13.33 17.97 21.18
C ILE D 48 -14.33 17.03 20.51
N THR D 49 -15.61 17.36 20.62
CA THR D 49 -16.70 16.56 20.06
C THR D 49 -16.57 16.47 18.54
N GLY D 50 -16.21 17.58 17.92
CA GLY D 50 -15.96 17.60 16.47
C GLY D 50 -14.87 16.61 16.09
N LYS D 51 -13.82 16.56 16.92
CA LYS D 51 -12.70 15.62 16.74
C LYS D 51 -13.13 14.17 16.85
N LEU D 52 -13.84 13.85 17.93
CA LEU D 52 -14.36 12.52 18.12
C LEU D 52 -15.31 12.15 16.98
N ASN D 53 -16.25 13.03 16.64
CA ASN D 53 -17.15 12.75 15.52
C ASN D 53 -16.38 12.40 14.28
N ARG D 54 -15.38 13.20 13.94
CA ARG D 54 -14.53 12.92 12.79
C ARG D 54 -13.76 11.60 12.90
N LEU D 55 -13.36 11.19 14.10
CA LEU D 55 -12.55 9.97 14.31
C LEU D 55 -13.29 8.63 14.19
N ILE D 56 -14.60 8.61 14.47
CA ILE D 56 -15.39 7.38 14.38
C ILE D 56 -16.00 7.14 12.98
N GLU D 57 -15.82 8.11 12.07
CA GLU D 57 -16.47 8.06 10.74
C GLU D 57 -15.88 6.91 9.95
N LYS D 58 -16.70 6.36 9.06
CA LYS D 58 -16.44 5.06 8.45
C LYS D 58 -15.93 5.14 7.02
N THR D 59 -14.91 4.30 6.72
CA THR D 59 -14.63 3.89 5.34
C THR D 59 -15.48 2.64 5.09
N ASN D 60 -16.28 2.77 4.06
CA ASN D 60 -17.21 1.77 3.64
C ASN D 60 -16.62 0.67 2.74
N THR D 61 -15.29 0.57 2.62
CA THR D 61 -14.76 -0.34 1.62
C THR D 61 -14.86 -1.77 2.13
N GLU D 62 -15.32 -2.67 1.27
CA GLU D 62 -15.58 -4.02 1.67
C GLU D 62 -14.43 -4.86 1.14
N PHE D 63 -13.75 -5.57 2.00
CA PHE D 63 -12.61 -6.37 1.57
C PHE D 63 -12.98 -7.83 1.66
N GLU D 64 -12.52 -8.62 0.73
CA GLU D 64 -12.64 -10.05 0.78
C GLU D 64 -11.33 -10.65 1.26
N SER D 65 -11.37 -11.94 1.58
CA SER D 65 -10.17 -12.65 1.98
C SER D 65 -9.30 -12.97 0.78
N ILE D 66 -8.00 -12.72 0.91
CA ILE D 66 -7.03 -13.23 -0.07
C ILE D 66 -6.09 -14.28 0.56
N GLU D 67 -6.39 -14.73 1.75
CA GLU D 67 -5.59 -15.76 2.43
C GLU D 67 -6.53 -16.76 3.06
N SER D 68 -6.35 -18.05 2.79
CA SER D 68 -7.11 -19.08 3.45
C SER D 68 -6.66 -19.32 4.90
N GLU D 69 -7.60 -19.50 5.81
CA GLU D 69 -7.30 -19.77 7.20
C GLU D 69 -7.11 -21.23 7.45
N PHE D 70 -7.68 -22.04 6.57
CA PHE D 70 -7.82 -23.45 6.84
C PHE D 70 -7.09 -24.28 5.83
N SER D 71 -6.32 -23.67 4.95
CA SER D 71 -5.60 -24.40 3.97
C SER D 71 -4.39 -23.56 3.52
N GLU D 72 -3.40 -24.21 2.90
CA GLU D 72 -2.13 -23.51 2.61
C GLU D 72 -2.16 -22.90 1.29
N ILE D 73 -1.54 -21.72 1.21
CA ILE D 73 -1.51 -20.83 0.04
C ILE D 73 -0.25 -21.25 -0.73
N GLU D 74 -0.24 -21.21 -2.06
CA GLU D 74 1.03 -21.37 -2.83
C GLU D 74 2.13 -20.39 -2.29
N HIS D 75 3.35 -20.91 -2.15
CA HIS D 75 4.43 -20.17 -1.45
C HIS D 75 4.81 -18.79 -2.00
N GLN D 76 5.01 -18.68 -3.29
CA GLN D 76 5.32 -17.38 -3.88
C GLN D 76 4.25 -16.31 -3.74
N ILE D 77 3.00 -16.66 -4.10
CA ILE D 77 1.87 -15.72 -3.92
C ILE D 77 1.69 -15.40 -2.44
N GLY D 78 1.88 -16.37 -1.58
CA GLY D 78 1.84 -16.15 -0.13
C GLY D 78 2.81 -15.04 0.35
N ASN D 79 4.04 -15.09 -0.16
CA ASN D 79 5.07 -14.12 0.15
C ASN D 79 4.76 -12.78 -0.45
N VAL D 80 4.16 -12.71 -1.63
CA VAL D 80 3.79 -11.41 -2.16
C VAL D 80 2.71 -10.79 -1.26
N ILE D 81 1.78 -11.62 -0.84
CA ILE D 81 0.67 -11.15 -0.02
C ILE D 81 1.16 -10.69 1.35
N ASN D 82 1.97 -11.51 1.99
CA ASN D 82 2.58 -11.10 3.24
C ASN D 82 3.36 -9.79 3.15
N TRP D 83 4.15 -9.63 2.10
CA TRP D 83 4.94 -8.43 1.89
C TRP D 83 3.99 -7.25 1.80
N THR D 84 2.96 -7.41 1.02
CA THR D 84 2.02 -6.33 0.80
C THR D 84 1.22 -5.94 2.05
N LYS D 85 0.69 -6.95 2.74
CA LYS D 85 -0.05 -6.73 3.98
C LYS D 85 0.81 -6.07 5.06
N ASP D 86 2.08 -6.47 5.15
CA ASP D 86 2.97 -5.89 6.18
C ASP D 86 3.28 -4.45 5.81
N SER D 87 3.42 -4.17 4.51
CA SER D 87 3.65 -2.77 4.13
C SER D 87 2.47 -1.89 4.43
N ILE D 88 1.27 -2.40 4.17
CA ILE D 88 0.04 -1.68 4.45
C ILE D 88 -0.12 -1.48 5.96
N THR D 89 0.17 -2.49 6.74
CA THR D 89 0.16 -2.32 8.18
C THR D 89 1.14 -1.24 8.70
N ASP D 90 2.37 -1.21 8.16
CA ASP D 90 3.35 -0.15 8.58
C ASP D 90 2.81 1.22 8.24
N ILE D 91 2.07 1.33 7.14
CA ILE D 91 1.54 2.63 6.79
C ILE D 91 0.45 3.06 7.73
N TRP D 92 -0.48 2.16 8.05
CA TRP D 92 -1.57 2.51 8.98
C TRP D 92 -1.11 2.73 10.44
N THR D 93 -0.19 1.90 10.91
CA THR D 93 0.40 2.11 12.23
C THR D 93 1.05 3.50 12.39
N TYR D 94 1.92 3.86 11.44
CA TYR D 94 2.49 5.20 11.36
C TYR D 94 1.42 6.29 11.31
N GLN D 95 0.42 6.15 10.44
CA GLN D 95 -0.67 7.13 10.43
C GLN D 95 -1.45 7.28 11.71
N ALA D 96 -1.73 6.17 12.37
CA ALA D 96 -2.47 6.19 13.58
C ALA D 96 -1.72 6.96 14.67
N GLU D 97 -0.46 6.61 14.87
CA GLU D 97 0.43 7.31 15.82
C GLU D 97 0.56 8.78 15.51
N LEU D 98 0.83 9.09 14.26
CA LEU D 98 0.98 10.46 13.87
C LEU D 98 -0.33 11.23 14.09
N LEU D 99 -1.44 10.68 13.62
CA LEU D 99 -2.76 11.30 13.86
C LEU D 99 -3.03 11.64 15.33
N VAL D 100 -2.81 10.66 16.19
CA VAL D 100 -3.13 10.83 17.57
C VAL D 100 -2.16 11.81 18.28
N ALA D 101 -0.86 11.73 17.97
CA ALA D 101 0.13 12.69 18.50
C ALA D 101 -0.19 14.13 18.09
N MET D 102 -0.45 14.31 16.79
CA MET D 102 -0.82 15.60 16.20
C MET D 102 -2.08 16.19 16.81
N GLU D 103 -3.11 15.38 17.00
CA GLU D 103 -4.36 15.86 17.59
C GLU D 103 -4.21 16.19 19.07
N ASN D 104 -3.47 15.37 19.77
CA ASN D 104 -3.22 15.63 21.17
C ASN D 104 -2.60 17.03 21.34
N GLN D 105 -1.56 17.32 20.59
CA GLN D 105 -0.96 18.65 20.60
C GLN D 105 -1.99 19.75 20.39
N HIS D 106 -2.78 19.64 19.33
CA HIS D 106 -3.72 20.68 18.98
C HIS D 106 -4.82 20.86 20.03
N THR D 107 -5.32 19.75 20.58
CA THR D 107 -6.27 19.77 21.68
C THR D 107 -5.73 20.58 22.85
N ILE D 108 -4.51 20.26 23.28
CA ILE D 108 -3.79 21.01 24.31
C ILE D 108 -3.71 22.52 23.99
N ASP D 109 -3.15 22.86 22.84
CA ASP D 109 -2.98 24.26 22.47
C ASP D 109 -4.30 25.00 22.35
N MET D 110 -5.32 24.30 21.89
CA MET D 110 -6.64 24.91 21.75
C MET D 110 -7.24 25.22 23.14
N ALA D 111 -7.06 24.31 24.09
CA ALA D 111 -7.55 24.53 25.45
C ALA D 111 -6.89 25.75 26.11
N ASP D 112 -5.56 25.82 25.98
CA ASP D 112 -4.73 26.97 26.30
C ASP D 112 -5.28 28.26 25.65
N SER D 113 -5.56 28.22 24.35
CA SER D 113 -6.03 29.42 23.70
C SER D 113 -7.37 29.88 24.25
N GLU D 114 -8.26 28.97 24.63
CA GLU D 114 -9.53 29.41 25.20
C GLU D 114 -9.32 30.04 26.58
N MET D 115 -8.35 29.56 27.35
CA MET D 115 -8.02 30.17 28.65
C MET D 115 -7.55 31.60 28.44
N LEU D 116 -6.64 31.80 27.47
CA LEU D 116 -6.13 33.12 27.13
C LEU D 116 -7.25 34.04 26.61
N ASN D 117 -8.10 33.53 25.73
CA ASN D 117 -9.23 34.31 25.21
C ASN D 117 -10.16 34.78 26.31
N LEU D 118 -10.42 33.93 27.31
CA LEU D 118 -11.27 34.34 28.40
C LEU D 118 -10.61 35.46 29.17
N TYR D 119 -9.34 35.27 29.55
CA TYR D 119 -8.55 36.26 30.29
C TYR D 119 -8.46 37.65 29.60
N GLU D 120 -8.11 37.64 28.32
CA GLU D 120 -8.09 38.88 27.53
C GLU D 120 -9.43 39.61 27.56
N ARG D 121 -10.51 38.83 27.46
CA ARG D 121 -11.87 39.38 27.47
C ARG D 121 -12.15 40.15 28.77
N VAL D 122 -11.70 39.58 29.88
CA VAL D 122 -11.85 40.22 31.17
C VAL D 122 -11.02 41.51 31.19
N ARG D 123 -9.74 41.40 30.80
CA ARG D 123 -8.85 42.56 30.77
C ARG D 123 -9.50 43.78 30.10
N LYS D 124 -10.18 43.56 28.98
CA LYS D 124 -10.77 44.67 28.22
C LYS D 124 -12.03 45.23 28.88
N GLN D 125 -12.88 44.35 29.45
CA GLN D 125 -14.04 44.80 30.24
C GLN D 125 -13.64 45.78 31.34
N LEU D 126 -12.65 45.37 32.13
CA LEU D 126 -12.16 46.15 33.26
C LEU D 126 -11.50 47.44 32.83
N ARG D 127 -10.75 47.37 31.74
CA ARG D 127 -10.18 48.54 31.08
C ARG D 127 -9.14 49.24 31.99
N GLN D 128 -9.46 50.40 32.56
CA GLN D 128 -8.52 51.15 33.41
C GLN D 128 -8.81 51.02 34.91
N ASN D 129 -9.73 50.13 35.28
CA ASN D 129 -10.13 49.98 36.66
C ASN D 129 -9.38 48.87 37.39
N ALA D 130 -8.42 48.23 36.73
CA ALA D 130 -7.68 47.11 37.30
C ALA D 130 -6.31 46.92 36.66
N GLU D 131 -5.43 46.17 37.32
CA GLU D 131 -4.07 45.91 36.83
C GLU D 131 -3.68 44.45 37.04
N GLU D 132 -2.76 43.98 36.21
CA GLU D 132 -2.44 42.55 36.12
C GLU D 132 -1.33 42.18 37.10
N ASP D 133 -1.57 41.14 37.91
CA ASP D 133 -0.58 40.69 38.89
C ASP D 133 0.39 39.65 38.36
N GLY D 134 0.22 39.24 37.10
CA GLY D 134 1.13 38.29 36.44
C GLY D 134 0.79 36.81 36.61
N LYS D 135 0.03 36.48 37.65
CA LYS D 135 -0.28 35.10 37.99
C LYS D 135 -1.68 34.71 37.52
N GLY D 136 -2.30 35.59 36.74
CA GLY D 136 -3.62 35.35 36.16
C GLY D 136 -4.78 36.08 36.80
N CYS D 137 -4.49 37.04 37.71
CA CYS D 137 -5.55 37.87 38.33
C CYS D 137 -5.45 39.36 38.00
N PHE D 138 -6.57 40.02 38.22
CA PHE D 138 -6.69 41.45 38.10
C PHE D 138 -6.95 42.02 39.51
N GLU D 139 -5.97 42.76 40.02
CA GLU D 139 -6.14 43.53 41.24
C GLU D 139 -7.00 44.73 40.87
N ILE D 140 -8.14 44.85 41.55
CA ILE D 140 -9.16 45.84 41.19
C ILE D 140 -9.16 46.98 42.20
N TYR D 141 -9.01 48.21 41.69
CA TYR D 141 -8.87 49.39 42.55
C TYR D 141 -10.19 50.08 42.85
N HIS D 142 -11.23 49.29 43.11
CA HIS D 142 -12.50 49.84 43.57
C HIS D 142 -13.40 48.74 44.14
N ALA D 143 -14.30 49.12 45.03
CA ALA D 143 -15.19 48.18 45.71
C ALA D 143 -16.08 47.45 44.73
N CYS D 144 -15.90 46.13 44.62
CA CYS D 144 -16.72 45.32 43.74
C CYS D 144 -17.39 44.20 44.54
N ASP D 145 -18.64 44.45 44.94
CA ASP D 145 -19.45 43.45 45.63
C ASP D 145 -19.71 42.18 44.77
N ASP D 146 -20.35 41.18 45.37
CA ASP D 146 -20.62 39.92 44.67
C ASP D 146 -21.48 40.17 43.44
N SER D 147 -22.33 41.19 43.50
CA SER D 147 -23.22 41.51 42.40
C SER D 147 -22.45 42.15 41.24
N CYS D 148 -21.44 42.94 41.59
CA CYS D 148 -20.52 43.53 40.62
C CYS D 148 -19.61 42.44 40.06
N MET D 149 -19.11 41.57 40.93
CA MET D 149 -18.38 40.37 40.50
C MET D 149 -19.21 39.60 39.50
N GLU D 150 -20.49 39.40 39.84
CA GLU D 150 -21.38 38.66 38.94
C GLU D 150 -21.59 39.38 37.60
N SER D 151 -21.52 40.71 37.59
CA SER D 151 -21.58 41.48 36.34
C SER D 151 -20.37 41.18 35.42
N ILE D 152 -19.18 41.11 36.02
CA ILE D 152 -17.95 40.85 35.26
C ILE D 152 -18.00 39.47 34.61
N ARG D 153 -18.42 38.49 35.39
CA ARG D 153 -18.69 37.14 34.87
C ARG D 153 -19.88 37.14 33.90
N ASN D 154 -20.94 37.86 34.24
CA ASN D 154 -22.13 38.04 33.38
C ASN D 154 -21.75 38.73 32.05
N ASN D 155 -20.54 39.29 31.98
CA ASN D 155 -20.16 40.23 30.93
C ASN D 155 -21.14 41.40 30.78
N THR D 156 -21.39 42.10 31.89
CA THR D 156 -22.13 43.37 31.89
C THR D 156 -21.49 44.44 32.79
N TYR D 157 -20.23 44.24 33.18
CA TYR D 157 -19.51 45.20 33.99
C TYR D 157 -19.22 46.45 33.18
N ASP D 158 -19.70 47.59 33.64
CA ASP D 158 -19.50 48.85 32.94
C ASP D 158 -18.45 49.67 33.66
N HIS D 159 -17.23 49.64 33.14
CA HIS D 159 -16.09 50.30 33.77
C HIS D 159 -16.32 51.81 33.99
N SER D 160 -17.20 52.43 33.21
CA SER D 160 -17.53 53.85 33.40
C SER D 160 -18.17 54.04 34.76
N GLN D 161 -19.08 53.14 35.08
CA GLN D 161 -19.79 53.14 36.36
C GLN D 161 -18.85 53.16 37.59
N TYR D 162 -17.59 52.74 37.42
CA TYR D 162 -16.63 52.69 38.53
C TYR D 162 -15.31 53.45 38.28
N ARG D 163 -15.21 54.16 37.16
CA ARG D 163 -13.91 54.64 36.67
C ARG D 163 -13.26 55.71 37.53
N GLU D 164 -13.94 56.86 37.68
CA GLU D 164 -13.38 58.04 38.37
C GLU D 164 -12.74 57.70 39.71
N GLU D 165 -13.41 56.82 40.45
CA GLU D 165 -12.92 56.28 41.73
C GLU D 165 -11.65 55.44 41.55
N ALA D 166 -11.70 54.53 40.58
CA ALA D 166 -10.62 53.60 40.31
C ALA D 166 -9.34 54.30 39.89
N LEU D 167 -9.47 55.35 39.09
CA LEU D 167 -8.33 56.21 38.78
C LEU D 167 -7.80 56.84 40.06
N LEU D 168 -8.68 57.41 40.89
CA LEU D 168 -8.25 57.95 42.18
C LEU D 168 -7.46 56.90 42.98
N ASN D 169 -7.98 55.68 43.04
CA ASN D 169 -7.33 54.64 43.82
C ASN D 169 -5.99 54.19 43.24
N ARG D 170 -5.86 54.26 41.91
CA ARG D 170 -4.64 53.81 41.24
C ARG D 170 -3.50 54.82 41.34
N LEU D 171 -3.82 56.09 41.15
CA LEU D 171 -2.81 57.15 41.21
C LEU D 171 -2.65 57.68 42.65
N ASN D 172 -3.74 57.65 43.42
CA ASN D 172 -3.78 58.14 44.81
C ASN D 172 -2.58 58.98 45.26
N LEU E 1 16.90 57.92 28.60
CA LEU E 1 15.77 57.17 29.21
C LEU E 1 16.13 55.69 29.18
N ASP E 2 16.19 55.05 30.35
CA ASP E 2 16.60 53.64 30.41
C ASP E 2 15.57 52.68 29.80
N LYS E 3 16.06 51.51 29.42
CA LYS E 3 15.35 50.65 28.48
C LYS E 3 15.91 49.23 28.51
N ILE E 4 15.02 48.24 28.54
CA ILE E 4 15.42 46.85 28.28
C ILE E 4 14.68 46.26 27.10
N CYS E 5 15.42 45.54 26.26
CA CYS E 5 14.93 45.03 24.99
C CYS E 5 15.03 43.52 24.98
N LEU E 6 13.98 42.88 24.48
CA LEU E 6 13.99 41.43 24.27
C LEU E 6 14.31 41.09 22.84
N GLY E 7 14.88 39.90 22.66
CA GLY E 7 15.25 39.44 21.35
C GLY E 7 15.58 37.96 21.31
N HIS E 8 15.96 37.51 20.11
CA HIS E 8 16.34 36.13 19.88
C HIS E 8 17.63 36.11 19.08
N HIS E 9 18.34 34.98 19.12
CA HIS E 9 19.60 34.84 18.41
C HIS E 9 19.40 34.60 16.91
N ALA E 10 20.49 34.74 16.16
CA ALA E 10 20.48 34.50 14.72
C ALA E 10 21.87 34.05 14.30
N VAL E 11 22.02 33.70 13.03
CA VAL E 11 23.32 33.37 12.46
C VAL E 11 23.42 33.93 11.06
N ALA E 12 24.64 34.00 10.54
CA ALA E 12 24.93 34.72 9.30
C ALA E 12 24.54 33.92 8.08
N ASN E 13 24.71 32.59 8.15
CA ASN E 13 24.21 31.69 7.09
C ASN E 13 23.28 30.58 7.60
N GLY E 14 21.99 30.75 7.39
CA GLY E 14 20.98 29.77 7.80
C GLY E 14 20.81 28.67 6.77
N THR E 15 19.80 27.82 6.97
CA THR E 15 19.53 26.71 6.06
C THR E 15 18.16 26.85 5.44
N ILE E 16 18.05 26.49 4.17
CA ILE E 16 16.75 26.43 3.54
C ILE E 16 16.09 25.13 3.90
N VAL E 17 14.83 25.21 4.30
CA VAL E 17 13.99 24.05 4.48
C VAL E 17 12.62 24.41 3.93
N LYS E 18 11.76 23.39 3.82
CA LYS E 18 10.41 23.56 3.31
C LYS E 18 9.42 23.61 4.46
N THR E 19 8.48 24.54 4.36
CA THR E 19 7.30 24.54 5.18
C THR E 19 6.10 24.28 4.31
N LEU E 20 4.94 24.27 4.93
CA LEU E 20 3.66 24.16 4.24
C LEU E 20 3.45 25.31 3.22
N THR E 21 3.83 26.54 3.60
CA THR E 21 3.52 27.72 2.79
C THR E 21 4.72 28.36 2.06
N ASN E 22 5.87 27.69 2.04
CA ASN E 22 7.11 28.33 1.63
C ASN E 22 8.21 27.29 1.34
N GLU E 23 8.55 27.13 0.07
CA GLU E 23 9.63 26.25 -0.33
C GLU E 23 11.02 26.73 0.09
N GLN E 24 11.13 27.98 0.57
CA GLN E 24 12.43 28.63 0.80
C GLN E 24 12.47 29.41 2.12
N GLU E 25 12.28 28.70 3.22
CA GLU E 25 12.27 29.30 4.55
C GLU E 25 13.62 29.14 5.20
N GLU E 26 14.17 30.24 5.71
CA GLU E 26 15.50 30.25 6.30
C GLU E 26 15.40 30.06 7.82
N VAL E 27 16.06 29.04 8.34
CA VAL E 27 16.15 28.79 9.78
C VAL E 27 17.60 28.62 10.26
N THR E 28 17.79 28.64 11.57
CA THR E 28 19.15 28.70 12.17
C THR E 28 19.90 27.37 12.08
N ASN E 29 19.18 26.26 12.16
CA ASN E 29 19.78 24.93 12.04
C ASN E 29 18.76 23.87 11.56
N ALA E 30 19.26 22.76 11.01
CA ALA E 30 18.40 21.68 10.47
C ALA E 30 19.19 20.40 10.28
N THR E 31 18.50 19.30 9.99
CA THR E 31 19.17 18.02 9.90
C THR E 31 18.45 17.06 8.96
N GLU E 32 19.22 16.13 8.39
CA GLU E 32 18.74 15.27 7.32
C GLU E 32 17.81 14.16 7.82
N THR E 33 16.76 13.86 7.07
CA THR E 33 15.86 12.75 7.42
C THR E 33 15.92 11.57 6.47
N VAL E 34 16.51 11.77 5.29
CA VAL E 34 16.67 10.71 4.28
C VAL E 34 18.13 10.25 4.22
N GLU E 35 18.37 8.96 4.43
CA GLU E 35 19.72 8.37 4.34
C GLU E 35 20.12 8.16 2.90
N SER E 36 21.27 8.71 2.49
CA SER E 36 21.80 8.54 1.13
C SER E 36 23.02 7.63 1.10
N THR E 37 23.38 7.09 2.25
CA THR E 37 24.67 6.48 2.39
C THR E 37 24.56 5.00 2.69
N SER E 38 25.34 4.21 1.96
CA SER E 38 25.38 2.77 2.21
C SER E 38 26.76 2.29 2.57
N LEU E 39 26.82 1.18 3.28
CA LEU E 39 28.05 0.45 3.52
C LEU E 39 28.20 -0.66 2.50
N ASP E 40 29.31 -0.66 1.78
CA ASP E 40 29.51 -1.57 0.65
C ASP E 40 29.88 -2.98 1.16
N ARG E 41 29.04 -3.49 2.06
CA ARG E 41 29.45 -4.53 2.99
C ARG E 41 28.21 -5.22 3.53
N LEU E 42 28.24 -6.56 3.62
CA LEU E 42 27.26 -7.30 4.41
C LEU E 42 27.64 -7.38 5.88
N CYS E 43 27.02 -6.53 6.69
CA CYS E 43 27.30 -6.44 8.13
C CYS E 43 26.73 -7.61 8.94
N MET E 44 27.63 -8.51 9.35
CA MET E 44 27.22 -9.83 9.84
C MET E 44 27.46 -10.10 11.33
N LYS E 45 27.97 -9.14 12.09
CA LYS E 45 28.16 -9.32 13.53
C LYS E 45 26.85 -9.68 14.26
N GLY E 46 26.89 -10.72 15.09
CA GLY E 46 25.76 -11.15 15.88
C GLY E 46 24.78 -12.02 15.09
N ARG E 47 25.19 -12.44 13.89
CA ARG E 47 24.41 -13.34 13.09
C ARG E 47 25.22 -14.59 12.88
N SER E 48 24.57 -15.74 12.86
CA SER E 48 25.20 -16.97 12.49
C SER E 48 24.79 -17.21 11.05
N HIS E 49 25.71 -16.95 10.13
CA HIS E 49 25.42 -16.78 8.70
C HIS E 49 26.11 -17.83 7.84
N LYS E 50 25.52 -18.11 6.69
CA LYS E 50 26.11 -19.02 5.72
C LYS E 50 26.20 -18.30 4.39
N ASP E 51 27.44 -18.06 3.95
CA ASP E 51 27.73 -17.52 2.63
C ASP E 51 27.81 -18.68 1.67
N LEU E 52 26.85 -18.77 0.75
CA LEU E 52 26.77 -19.91 -0.15
C LEU E 52 27.84 -19.94 -1.23
N GLY E 53 28.47 -18.80 -1.49
CA GLY E 53 29.57 -18.70 -2.44
C GLY E 53 28.98 -18.94 -3.81
N ASN E 54 29.51 -19.95 -4.51
CA ASN E 54 28.99 -20.31 -5.82
C ASN E 54 27.91 -21.43 -5.79
N CYS E 55 27.51 -21.87 -4.59
CA CYS E 55 26.41 -22.83 -4.42
C CYS E 55 25.07 -22.12 -4.54
N HIS E 56 24.17 -22.63 -5.40
CA HIS E 56 22.80 -22.09 -5.43
C HIS E 56 21.93 -22.87 -4.46
N PRO E 57 21.05 -22.18 -3.71
CA PRO E 57 20.18 -22.83 -2.73
C PRO E 57 19.56 -24.16 -3.19
N ILE E 58 19.09 -24.21 -4.43
CA ILE E 58 18.54 -25.45 -4.93
C ILE E 58 19.60 -26.55 -5.02
N GLY E 59 20.84 -26.17 -5.34
CA GLY E 59 21.95 -27.09 -5.28
C GLY E 59 22.20 -27.71 -3.90
N MET E 60 21.81 -27.02 -2.84
CA MET E 60 21.89 -27.58 -1.50
C MET E 60 21.06 -28.84 -1.36
N LEU E 61 19.93 -28.89 -2.06
CA LEU E 61 18.95 -29.97 -1.86
C LEU E 61 19.24 -31.17 -2.77
N ILE E 62 19.67 -30.90 -4.00
CA ILE E 62 20.03 -32.01 -4.88
C ILE E 62 21.52 -32.46 -4.75
N GLY E 63 22.39 -31.58 -4.25
CA GLY E 63 23.79 -31.94 -3.98
C GLY E 63 24.71 -31.84 -5.20
N THR E 64 24.62 -30.71 -5.90
CA THR E 64 25.61 -30.31 -6.90
C THR E 64 26.97 -30.27 -6.23
N PRO E 65 28.06 -30.37 -6.99
CA PRO E 65 29.39 -30.39 -6.33
C PRO E 65 29.81 -29.03 -5.77
N ALA E 66 29.37 -27.97 -6.44
CA ALA E 66 29.57 -26.61 -5.96
C ALA E 66 29.01 -26.40 -4.57
N CYS E 67 28.04 -27.22 -4.19
CA CYS E 67 27.32 -27.14 -2.93
C CYS E 67 27.76 -28.16 -1.92
N ASP E 68 28.84 -28.91 -2.19
CA ASP E 68 29.28 -30.01 -1.29
C ASP E 68 29.53 -29.62 0.17
N LEU E 69 29.76 -28.35 0.44
CA LEU E 69 29.95 -27.89 1.81
C LEU E 69 28.69 -27.31 2.42
N HIS E 70 27.55 -27.41 1.73
CA HIS E 70 26.34 -26.72 2.18
C HIS E 70 25.13 -27.67 2.11
N LEU E 71 25.40 -28.93 2.36
CA LEU E 71 24.43 -29.99 2.22
C LEU E 71 23.50 -30.01 3.41
N THR E 72 24.11 -29.76 4.56
CA THR E 72 23.43 -29.65 5.84
C THR E 72 23.91 -28.40 6.51
N GLY E 73 23.20 -27.96 7.56
CA GLY E 73 23.72 -26.90 8.40
C GLY E 73 22.66 -26.12 9.12
N THR E 74 23.08 -25.12 9.88
CA THR E 74 22.12 -24.17 10.48
C THR E 74 22.66 -22.75 10.41
N TRP E 75 21.77 -21.79 10.45
CA TRP E 75 22.09 -20.39 10.25
C TRP E 75 20.82 -19.61 10.53
N ASP E 76 20.95 -18.33 10.86
CA ASP E 76 19.85 -17.38 10.84
C ASP E 76 19.90 -16.44 9.62
N THR E 77 20.90 -16.57 8.76
CA THR E 77 21.13 -15.63 7.67
C THR E 77 21.86 -16.37 6.57
N LEU E 78 21.24 -16.45 5.40
CA LEU E 78 21.77 -17.20 4.32
C LEU E 78 22.06 -16.22 3.18
N ILE E 79 23.20 -16.34 2.56
CA ILE E 79 23.61 -15.35 1.59
C ILE E 79 23.83 -16.02 0.25
N GLU E 80 23.03 -15.61 -0.73
CA GLU E 80 23.12 -16.14 -2.10
C GLU E 80 23.90 -15.15 -2.98
N ARG E 81 24.79 -15.66 -3.83
CA ARG E 81 25.63 -14.81 -4.69
C ARG E 81 25.20 -14.89 -6.14
N GLU E 82 25.80 -14.02 -6.96
CA GLU E 82 25.43 -14.00 -8.36
C GLU E 82 26.11 -15.14 -9.13
N ASN E 83 25.36 -15.76 -10.04
CA ASN E 83 25.83 -16.90 -10.87
C ASN E 83 26.15 -18.16 -10.07
N ALA E 84 25.51 -18.34 -8.92
CA ALA E 84 25.66 -19.59 -8.18
C ALA E 84 25.09 -20.74 -9.02
N ILE E 85 25.66 -21.93 -8.83
CA ILE E 85 25.38 -23.11 -9.66
C ILE E 85 24.38 -24.02 -8.97
N ALA E 86 23.32 -24.39 -9.67
CA ALA E 86 22.37 -25.39 -9.17
C ALA E 86 22.52 -26.71 -9.91
N TYR E 87 22.76 -26.65 -11.21
CA TYR E 87 22.71 -27.83 -12.06
C TYR E 87 24.05 -28.06 -12.73
N CYS E 88 24.67 -29.18 -12.43
CA CYS E 88 25.88 -29.55 -13.10
C CYS E 88 25.44 -30.23 -14.40
N TYR E 89 24.69 -31.32 -14.28
CA TYR E 89 24.04 -31.89 -15.47
C TYR E 89 22.83 -31.01 -15.76
N PRO E 90 22.74 -30.49 -16.98
CA PRO E 90 21.78 -29.42 -17.17
C PRO E 90 20.33 -29.87 -16.99
N GLY E 91 19.54 -28.95 -16.42
CA GLY E 91 18.11 -29.10 -16.28
C GLY E 91 17.46 -27.90 -15.64
N ALA E 92 16.23 -28.08 -15.18
CA ALA E 92 15.50 -27.01 -14.51
C ALA E 92 14.46 -27.58 -13.56
N THR E 93 14.15 -26.82 -12.51
CA THR E 93 13.14 -27.25 -11.54
C THR E 93 11.74 -26.66 -11.82
N VAL E 94 10.70 -27.43 -11.59
CA VAL E 94 9.37 -26.87 -11.60
C VAL E 94 9.12 -26.06 -10.32
N ASN E 95 8.56 -24.88 -10.48
CA ASN E 95 8.25 -23.97 -9.38
C ASN E 95 9.57 -23.61 -8.68
N GLU E 96 10.50 -23.22 -9.52
CA GLU E 96 11.91 -23.02 -9.13
C GLU E 96 12.07 -21.87 -8.16
N GLU E 97 11.39 -20.77 -8.44
CA GLU E 97 11.56 -19.59 -7.64
C GLU E 97 10.85 -19.76 -6.27
N ALA E 98 9.74 -20.47 -6.27
CA ALA E 98 9.04 -20.78 -5.03
C ALA E 98 9.95 -21.60 -4.10
N LEU E 99 10.58 -22.64 -4.64
CA LEU E 99 11.54 -23.43 -3.88
C LEU E 99 12.78 -22.63 -3.33
N ARG E 100 13.36 -21.76 -4.16
CA ARG E 100 14.45 -20.93 -3.77
C ARG E 100 14.05 -20.12 -2.55
N GLN E 101 12.89 -19.48 -2.62
CA GLN E 101 12.44 -18.62 -1.51
C GLN E 101 12.16 -19.40 -0.24
N LYS E 102 11.65 -20.63 -0.38
CA LYS E 102 11.46 -21.50 0.78
C LYS E 102 12.80 -21.72 1.49
N ILE E 103 13.82 -22.08 0.73
CA ILE E 103 15.18 -22.30 1.29
C ILE E 103 15.73 -21.04 1.95
N MET E 104 15.50 -19.91 1.33
CA MET E 104 15.94 -18.61 1.88
C MET E 104 15.07 -17.97 3.05
N GLU E 105 13.95 -18.59 3.44
CA GLU E 105 13.00 -18.23 4.60
C GLU E 105 13.63 -19.18 5.73
N SER E 106 14.43 -20.20 5.36
CA SER E 106 14.80 -21.29 6.29
C SER E 106 16.01 -20.94 7.19
N GLY E 107 16.19 -21.76 8.23
CA GLY E 107 17.21 -21.59 9.26
C GLY E 107 18.15 -22.77 9.37
N GLY E 108 18.18 -23.60 8.34
CA GLY E 108 18.97 -24.80 8.36
C GLY E 108 18.40 -25.91 7.52
N ILE E 109 19.22 -26.93 7.28
CA ILE E 109 18.85 -28.05 6.44
C ILE E 109 19.40 -29.35 7.00
N SER E 110 18.51 -30.30 7.33
CA SER E 110 18.93 -31.67 7.71
C SER E 110 18.66 -32.62 6.54
N LYS E 111 19.51 -33.62 6.40
CA LYS E 111 19.30 -34.65 5.41
C LYS E 111 18.91 -35.98 6.05
N ILE E 112 17.96 -36.67 5.44
CA ILE E 112 17.53 -37.98 5.91
C ILE E 112 17.58 -38.96 4.75
N SER E 113 18.10 -40.14 5.04
CA SER E 113 18.30 -41.19 4.05
C SER E 113 16.98 -41.84 3.63
N THR E 114 16.85 -42.14 2.34
CA THR E 114 15.66 -42.81 1.81
C THR E 114 15.69 -44.31 1.98
N GLY E 115 16.88 -44.90 2.03
CA GLY E 115 16.99 -46.34 2.18
C GLY E 115 16.43 -47.06 0.97
N PHE E 116 16.61 -46.46 -0.20
CA PHE E 116 16.20 -47.09 -1.45
C PHE E 116 17.31 -48.04 -1.85
N THR E 117 16.92 -49.22 -2.32
CA THR E 117 17.86 -50.21 -2.83
C THR E 117 17.31 -50.77 -4.14
N TYR E 118 18.17 -51.47 -4.89
CA TYR E 118 17.87 -51.83 -6.27
C TYR E 118 18.41 -53.20 -6.69
N GLY E 119 17.70 -53.86 -7.60
CA GLY E 119 18.12 -55.16 -8.16
C GLY E 119 19.51 -55.13 -8.81
N SER E 120 19.97 -56.28 -9.31
CA SER E 120 21.35 -56.41 -9.82
C SER E 120 21.54 -55.99 -11.29
N SER E 121 20.45 -55.88 -12.05
CA SER E 121 20.52 -55.39 -13.44
C SER E 121 20.40 -53.87 -13.54
N ILE E 122 20.36 -53.19 -12.38
CA ILE E 122 20.41 -51.73 -12.32
C ILE E 122 21.80 -51.26 -11.91
N ASN E 123 22.31 -50.27 -12.62
CA ASN E 123 23.50 -49.56 -12.21
C ASN E 123 23.03 -48.27 -11.53
N SER E 124 23.01 -48.27 -10.21
CA SER E 124 22.44 -47.16 -9.45
C SER E 124 23.40 -46.00 -9.27
N ALA E 125 24.51 -46.02 -9.99
CA ALA E 125 25.49 -44.94 -9.88
C ALA E 125 26.04 -44.58 -11.25
N GLY E 126 25.13 -44.15 -12.13
CA GLY E 126 25.55 -43.42 -13.32
C GLY E 126 26.20 -42.10 -12.88
N THR E 127 27.27 -41.71 -13.59
CA THR E 127 28.01 -40.46 -13.36
C THR E 127 28.22 -39.74 -14.70
N THR E 128 28.72 -38.51 -14.66
CA THR E 128 28.86 -37.72 -15.88
C THR E 128 30.00 -36.70 -15.80
N LYS E 129 30.66 -36.48 -16.93
CA LYS E 129 31.64 -35.41 -17.12
C LYS E 129 31.22 -34.05 -16.57
N ALA E 130 29.93 -33.71 -16.67
CA ALA E 130 29.46 -32.38 -16.30
C ALA E 130 29.42 -32.11 -14.79
N CYS E 131 29.36 -33.18 -13.99
CA CYS E 131 29.40 -33.06 -12.53
C CYS E 131 30.76 -33.58 -12.02
N MET E 132 31.76 -32.72 -12.08
CA MET E 132 33.13 -33.08 -11.65
C MET E 132 33.22 -33.11 -10.13
N ARG E 133 33.63 -34.27 -9.61
CA ARG E 133 34.19 -34.35 -8.25
C ARG E 133 35.63 -34.90 -8.32
N ASN E 134 36.57 -34.20 -7.68
CA ASN E 134 37.97 -34.63 -7.57
C ASN E 134 38.74 -34.71 -8.91
N GLY E 135 38.24 -34.01 -9.94
CA GLY E 135 38.73 -34.19 -11.29
C GLY E 135 37.69 -34.97 -12.07
N GLY E 136 37.72 -36.30 -11.93
CA GLY E 136 36.85 -37.21 -12.68
C GLY E 136 35.33 -37.08 -12.51
N ASN E 137 34.63 -38.10 -13.00
CA ASN E 137 33.19 -38.08 -13.11
C ASN E 137 32.49 -38.40 -11.81
N SER E 138 31.26 -37.89 -11.71
CA SER E 138 30.47 -37.95 -10.49
C SER E 138 29.01 -37.53 -10.81
N PHE E 139 28.21 -37.34 -9.77
CA PHE E 139 26.78 -37.07 -9.91
C PHE E 139 26.27 -36.31 -8.70
N TYR E 140 25.06 -35.75 -8.82
CA TYR E 140 24.35 -35.14 -7.69
C TYR E 140 24.44 -36.02 -6.44
N ALA E 141 24.93 -35.47 -5.34
CA ALA E 141 25.21 -36.26 -4.14
C ALA E 141 23.95 -36.84 -3.53
N GLU E 142 22.84 -36.16 -3.66
CA GLU E 142 21.59 -36.58 -3.01
C GLU E 142 20.65 -37.36 -3.91
N LEU E 143 21.05 -37.67 -5.14
CA LEU E 143 20.20 -38.40 -6.09
C LEU E 143 20.93 -39.57 -6.73
N LYS E 144 20.19 -40.45 -7.41
CA LYS E 144 20.81 -41.59 -8.13
C LYS E 144 20.32 -41.75 -9.57
N TRP E 145 21.25 -41.64 -10.52
CA TRP E 145 20.96 -41.96 -11.91
C TRP E 145 20.92 -43.48 -12.08
N LEU E 146 19.73 -44.00 -12.34
CA LEU E 146 19.54 -45.42 -12.52
C LEU E 146 19.57 -45.71 -14.02
N VAL E 147 20.34 -46.72 -14.42
CA VAL E 147 20.36 -47.20 -15.82
C VAL E 147 20.57 -48.72 -15.81
N SER E 148 20.42 -49.38 -16.96
CA SER E 148 20.61 -50.83 -17.04
C SER E 148 22.08 -51.19 -16.85
N LYS E 149 22.34 -52.34 -16.25
CA LYS E 149 23.73 -52.79 -16.04
C LYS E 149 24.34 -53.25 -17.35
N SER E 150 23.49 -53.59 -18.32
CA SER E 150 23.90 -54.01 -19.66
C SER E 150 23.34 -53.07 -20.72
N LYS E 151 24.25 -52.53 -21.54
CA LYS E 151 24.00 -51.39 -22.45
C LYS E 151 22.62 -51.32 -23.07
N GLY E 152 22.24 -52.34 -23.82
CA GLY E 152 20.99 -52.26 -24.59
C GLY E 152 19.81 -52.93 -23.92
N GLN E 153 19.98 -53.33 -22.67
CA GLN E 153 18.99 -54.18 -22.00
C GLN E 153 17.78 -53.33 -21.57
N ASN E 154 16.60 -53.94 -21.61
CA ASN E 154 15.39 -53.32 -21.05
C ASN E 154 15.60 -53.08 -19.56
N PHE E 155 15.49 -51.82 -19.14
CA PHE E 155 15.57 -51.46 -17.71
C PHE E 155 14.29 -51.93 -17.01
N PRO E 156 14.42 -52.56 -15.83
CA PRO E 156 13.31 -53.35 -15.29
C PRO E 156 12.31 -52.53 -14.51
N GLN E 157 11.08 -53.01 -14.47
CA GLN E 157 10.03 -52.39 -13.64
C GLN E 157 10.42 -52.48 -12.18
N THR E 158 10.14 -51.42 -11.44
CA THR E 158 10.73 -51.22 -10.13
C THR E 158 9.88 -50.26 -9.29
N THR E 159 9.85 -50.52 -8.00
CA THR E 159 9.05 -49.74 -7.05
C THR E 159 9.84 -49.47 -5.76
N ASN E 160 9.98 -48.18 -5.43
CA ASN E 160 10.54 -47.75 -4.14
C ASN E 160 9.55 -46.82 -3.43
N THR E 161 9.56 -46.85 -2.09
CA THR E 161 8.70 -45.98 -1.25
C THR E 161 9.50 -45.35 -0.10
N TYR E 162 9.49 -44.02 0.02
CA TYR E 162 10.04 -43.38 1.22
C TYR E 162 8.93 -43.19 2.26
N ARG E 163 9.24 -43.50 3.51
CA ARG E 163 8.27 -43.39 4.60
C ARG E 163 8.77 -42.28 5.48
N ASN E 164 7.91 -41.31 5.77
CA ASN E 164 8.26 -40.29 6.73
C ASN E 164 7.78 -40.74 8.10
N THR E 165 8.75 -41.04 8.97
CA THR E 165 8.47 -41.50 10.33
C THR E 165 8.76 -40.42 11.37
N ASP E 166 8.91 -39.17 10.90
CA ASP E 166 9.30 -38.03 11.72
C ASP E 166 8.06 -37.21 12.04
N THR E 167 8.19 -36.27 12.98
CA THR E 167 7.11 -35.39 13.39
C THR E 167 7.05 -34.06 12.64
N ALA E 168 7.85 -33.90 11.60
CA ALA E 168 7.77 -32.73 10.74
C ALA E 168 7.82 -33.20 9.30
N GLU E 169 7.47 -32.30 8.40
CA GLU E 169 7.37 -32.63 6.99
C GLU E 169 8.73 -32.62 6.30
N HIS E 170 8.90 -33.52 5.34
CA HIS E 170 10.17 -33.61 4.63
C HIS E 170 9.95 -33.25 3.18
N LEU E 171 10.95 -32.58 2.60
CA LEU E 171 10.90 -32.11 1.25
C LEU E 171 11.62 -33.12 0.38
N ILE E 172 10.91 -33.76 -0.55
CA ILE E 172 11.51 -34.76 -1.41
C ILE E 172 11.63 -34.30 -2.85
N MET E 173 12.79 -34.59 -3.45
CA MET E 173 13.05 -34.21 -4.83
C MET E 173 13.47 -35.36 -5.68
N TRP E 174 13.32 -35.20 -6.97
CA TRP E 174 13.70 -36.21 -7.93
C TRP E 174 13.75 -35.59 -9.30
N GLY E 175 14.28 -36.32 -10.26
CA GLY E 175 14.44 -35.82 -11.61
C GLY E 175 13.88 -36.76 -12.65
N ILE E 176 13.72 -36.23 -13.86
CA ILE E 176 13.35 -37.02 -15.01
C ILE E 176 14.35 -36.76 -16.12
N HIS E 177 14.99 -37.83 -16.61
CA HIS E 177 15.95 -37.72 -17.70
C HIS E 177 15.26 -37.77 -19.06
N HIS E 178 15.52 -36.74 -19.84
CA HIS E 178 15.11 -36.67 -21.23
C HIS E 178 16.38 -36.90 -22.06
N PRO E 179 16.55 -38.08 -22.68
CA PRO E 179 17.78 -38.33 -23.42
C PRO E 179 17.94 -37.48 -24.68
N SER E 180 19.15 -37.47 -25.21
CA SER E 180 19.53 -36.58 -26.31
C SER E 180 19.27 -37.19 -27.68
N SER E 181 19.15 -38.52 -27.71
CA SER E 181 18.97 -39.29 -28.94
C SER E 181 18.32 -40.64 -28.61
N THR E 182 17.62 -41.23 -29.59
CA THR E 182 16.89 -42.50 -29.40
C THR E 182 17.86 -43.67 -29.13
N GLN E 183 19.15 -43.45 -29.42
CA GLN E 183 20.21 -44.44 -29.14
C GLN E 183 20.73 -44.31 -27.72
N GLU E 184 20.71 -43.09 -27.17
CA GLU E 184 20.96 -42.87 -25.74
C GLU E 184 19.87 -43.56 -24.96
N LYS E 185 18.63 -43.16 -25.24
CA LYS E 185 17.47 -43.74 -24.58
C LYS E 185 17.64 -45.25 -24.46
N ASN E 186 17.91 -45.92 -25.58
CA ASN E 186 18.02 -47.38 -25.62
C ASN E 186 19.27 -47.92 -24.93
N ASP E 187 20.37 -47.19 -25.01
CA ASP E 187 21.55 -47.52 -24.21
C ASP E 187 21.11 -47.57 -22.76
N LEU E 188 20.73 -46.43 -22.23
CA LEU E 188 20.48 -46.31 -20.80
C LEU E 188 19.37 -47.23 -20.31
N TYR E 189 18.27 -47.31 -21.06
CA TYR E 189 17.02 -47.90 -20.56
C TYR E 189 16.33 -48.92 -21.46
N GLY E 190 17.00 -49.37 -22.52
CA GLY E 190 16.40 -50.33 -23.45
C GLY E 190 15.29 -49.76 -24.33
N THR E 191 14.69 -50.63 -25.14
CA THR E 191 13.76 -50.22 -26.19
C THR E 191 12.27 -50.12 -25.83
N GLN E 192 11.88 -50.43 -24.59
CA GLN E 192 10.46 -50.35 -24.25
C GLN E 192 10.02 -48.90 -24.18
N SER E 193 8.72 -48.66 -24.06
CA SER E 193 8.24 -47.33 -23.72
C SER E 193 8.44 -47.18 -22.23
N LEU E 194 8.81 -45.98 -21.81
CA LEU E 194 9.20 -45.72 -20.42
C LEU E 194 8.14 -44.91 -19.71
N SER E 195 7.84 -45.31 -18.48
CA SER E 195 6.89 -44.56 -17.68
C SER E 195 7.29 -44.56 -16.22
N ILE E 196 7.26 -43.36 -15.65
CA ILE E 196 7.55 -43.11 -14.25
C ILE E 196 6.34 -42.50 -13.61
N SER E 197 5.77 -43.19 -12.63
CA SER E 197 4.67 -42.66 -11.84
C SER E 197 5.06 -42.49 -10.38
N VAL E 198 4.76 -41.31 -9.85
CA VAL E 198 5.01 -40.94 -8.47
C VAL E 198 3.70 -40.66 -7.75
N GLY E 199 3.54 -41.24 -6.56
CA GLY E 199 2.35 -41.04 -5.75
C GLY E 199 2.59 -41.04 -4.26
N SER E 200 2.18 -39.96 -3.62
CA SER E 200 2.06 -39.91 -2.17
C SER E 200 0.57 -39.88 -1.84
N SER E 201 0.27 -39.51 -0.59
CA SER E 201 -1.13 -39.36 -0.17
C SER E 201 -1.65 -37.94 -0.47
N THR E 202 -0.73 -37.08 -0.92
CA THR E 202 -0.96 -35.66 -1.23
C THR E 202 -0.62 -35.31 -2.69
N TYR E 203 -0.01 -36.22 -3.45
CA TYR E 203 0.56 -35.88 -4.74
C TYR E 203 0.57 -37.11 -5.66
N GLN E 204 0.24 -36.92 -6.94
CA GLN E 204 0.65 -37.86 -7.99
C GLN E 204 0.95 -37.19 -9.32
N SER E 205 1.68 -37.92 -10.17
CA SER E 205 1.93 -37.53 -11.54
C SER E 205 2.65 -38.62 -12.30
N ASN E 206 2.63 -38.48 -13.61
CA ASN E 206 3.31 -39.37 -14.53
C ASN E 206 4.35 -38.51 -15.22
N PHE E 207 5.36 -39.15 -15.78
CA PHE E 207 6.39 -38.44 -16.53
C PHE E 207 6.88 -39.34 -17.66
N VAL E 208 7.24 -38.75 -18.79
CA VAL E 208 7.76 -39.57 -19.89
C VAL E 208 9.04 -38.97 -20.49
N PRO E 209 10.16 -39.71 -20.36
CA PRO E 209 11.38 -39.30 -21.05
C PRO E 209 11.07 -39.00 -22.52
N VAL E 210 11.41 -37.78 -22.94
CA VAL E 210 11.28 -37.37 -24.31
C VAL E 210 12.69 -37.22 -24.85
N VAL E 211 12.92 -37.95 -25.92
CA VAL E 211 14.17 -37.88 -26.66
C VAL E 211 14.13 -36.62 -27.54
N GLY E 212 15.26 -35.95 -27.67
CA GLY E 212 15.31 -34.70 -28.46
C GLY E 212 16.66 -33.99 -28.38
N ALA E 213 17.17 -33.60 -29.55
CA ALA E 213 18.44 -32.89 -29.61
C ALA E 213 18.26 -31.49 -29.07
N ARG E 214 19.13 -31.10 -28.14
CA ARG E 214 19.09 -29.77 -27.57
C ARG E 214 20.50 -29.20 -27.60
N PRO E 215 20.63 -27.87 -27.53
CA PRO E 215 22.00 -27.35 -27.48
C PRO E 215 22.78 -27.96 -26.31
N GLN E 216 24.10 -28.06 -26.45
CA GLN E 216 24.94 -28.60 -25.37
C GLN E 216 25.11 -27.60 -24.25
N VAL E 217 25.01 -28.09 -23.03
CA VAL E 217 25.27 -27.28 -21.83
C VAL E 217 26.18 -28.16 -20.98
N ASN E 218 27.27 -27.58 -20.50
CA ASN E 218 28.38 -28.35 -19.89
C ASN E 218 28.57 -29.66 -20.63
N GLY E 219 28.69 -29.58 -21.95
CA GLY E 219 28.94 -30.75 -22.78
C GLY E 219 27.77 -31.68 -23.05
N GLN E 220 26.60 -31.40 -22.48
CA GLN E 220 25.48 -32.34 -22.52
C GLN E 220 24.26 -31.81 -23.30
N SER E 221 23.79 -32.63 -24.24
CA SER E 221 22.60 -32.36 -25.06
C SER E 221 21.34 -32.87 -24.38
N GLY E 222 21.48 -33.79 -23.43
CA GLY E 222 20.36 -34.29 -22.64
C GLY E 222 20.00 -33.29 -21.56
N ARG E 223 18.94 -33.57 -20.83
CA ARG E 223 18.53 -32.75 -19.69
C ARG E 223 17.82 -33.60 -18.65
N ILE E 224 17.76 -33.06 -17.44
CA ILE E 224 17.00 -33.63 -16.34
C ILE E 224 16.16 -32.54 -15.73
N ASP E 225 14.85 -32.54 -15.95
CA ASP E 225 14.01 -31.55 -15.27
C ASP E 225 13.64 -32.07 -13.86
N PHE E 226 13.78 -31.23 -12.83
CA PHE E 226 13.59 -31.65 -11.42
C PHE E 226 12.20 -31.37 -10.82
N HIS E 227 11.67 -32.32 -10.05
CA HIS E 227 10.40 -32.13 -9.35
C HIS E 227 10.49 -32.29 -7.84
N TRP E 228 9.58 -31.61 -7.15
CA TRP E 228 9.55 -31.67 -5.70
C TRP E 228 8.18 -31.63 -5.11
N THR E 229 8.09 -32.19 -3.92
CA THR E 229 6.91 -32.04 -3.08
C THR E 229 7.27 -32.18 -1.59
N LEU E 230 6.28 -31.90 -0.76
CA LEU E 230 6.40 -32.05 0.68
C LEU E 230 5.74 -33.34 1.08
N VAL E 231 6.40 -34.14 1.92
CA VAL E 231 5.84 -35.36 2.47
C VAL E 231 5.54 -35.12 3.94
N GLN E 232 4.27 -35.25 4.30
CA GLN E 232 3.76 -34.89 5.61
C GLN E 232 4.11 -35.99 6.60
N PRO E 233 4.21 -35.63 7.89
CA PRO E 233 4.62 -36.64 8.85
C PRO E 233 3.63 -37.82 8.86
N GLY E 234 4.17 -39.04 8.89
CA GLY E 234 3.36 -40.25 8.92
C GLY E 234 2.98 -40.76 7.54
N ASP E 235 3.36 -40.02 6.52
CA ASP E 235 2.95 -40.34 5.18
C ASP E 235 4.11 -40.97 4.42
N ASN E 236 3.74 -41.78 3.42
CA ASN E 236 4.69 -42.42 2.50
C ASN E 236 4.60 -41.87 1.08
N ILE E 237 5.53 -42.27 0.23
CA ILE E 237 5.54 -41.82 -1.16
C ILE E 237 6.19 -42.86 -2.06
N THR E 238 5.46 -43.28 -3.10
CA THR E 238 5.89 -44.40 -3.90
C THR E 238 6.27 -44.01 -5.34
N PHE E 239 7.47 -44.38 -5.75
CA PHE E 239 7.93 -44.21 -7.14
C PHE E 239 7.80 -45.55 -7.89
N SER E 240 7.16 -45.55 -9.06
CA SER E 240 7.11 -46.76 -9.93
C SER E 240 7.65 -46.40 -11.30
N HIS E 241 8.50 -47.25 -11.87
CA HIS E 241 9.33 -46.80 -12.99
C HIS E 241 10.14 -47.88 -13.72
N ASN E 242 10.41 -47.64 -15.00
CA ASN E 242 11.18 -48.60 -15.81
C ASN E 242 12.24 -47.97 -16.71
N GLY E 243 12.63 -46.73 -16.40
CA GLY E 243 13.81 -46.08 -17.00
C GLY E 243 13.56 -44.59 -17.12
N GLY E 244 14.50 -43.76 -16.68
CA GLY E 244 14.35 -42.29 -16.76
C GLY E 244 14.22 -41.51 -15.47
N LEU E 245 13.78 -42.17 -14.40
CA LEU E 245 13.81 -41.56 -13.07
C LEU E 245 15.23 -41.38 -12.54
N ILE E 246 15.44 -40.22 -11.91
CA ILE E 246 16.61 -39.94 -11.08
C ILE E 246 16.07 -39.96 -9.65
N ALA E 247 16.42 -41.00 -8.89
CA ALA E 247 15.79 -41.21 -7.58
C ALA E 247 16.56 -40.52 -6.45
N PRO E 248 15.86 -40.18 -5.34
CA PRO E 248 16.53 -39.56 -4.19
C PRO E 248 17.18 -40.56 -3.21
N SER E 249 18.45 -40.35 -2.85
CA SER E 249 19.11 -41.07 -1.73
C SER E 249 18.68 -40.46 -0.40
N ARG E 250 18.65 -39.14 -0.35
CA ARG E 250 18.19 -38.43 0.84
C ARG E 250 17.10 -37.42 0.52
N VAL E 251 16.32 -37.10 1.55
CA VAL E 251 15.36 -36.00 1.53
C VAL E 251 15.84 -34.95 2.52
N SER E 252 15.26 -33.75 2.43
CA SER E 252 15.63 -32.63 3.30
C SER E 252 14.54 -32.26 4.27
N LYS E 253 14.98 -31.68 5.38
CA LYS E 253 14.10 -31.09 6.36
C LYS E 253 14.60 -29.66 6.61
N LEU E 254 13.74 -28.69 6.35
CA LEU E 254 14.02 -27.29 6.57
C LEU E 254 13.80 -26.98 8.04
N ILE E 255 14.76 -26.27 8.65
CA ILE E 255 14.81 -26.06 10.09
C ILE E 255 14.62 -24.60 10.40
N GLY E 256 13.53 -24.27 11.08
CA GLY E 256 13.38 -22.93 11.67
C GLY E 256 13.32 -21.81 10.64
N ARG E 257 13.78 -20.62 11.03
CA ARG E 257 13.65 -19.40 10.24
C ARG E 257 15.00 -18.73 10.04
N GLY E 258 15.21 -18.15 8.86
CA GLY E 258 16.33 -17.24 8.58
C GLY E 258 15.98 -16.14 7.57
N LEU E 259 16.84 -15.13 7.52
CA LEU E 259 16.74 -14.01 6.57
C LEU E 259 17.61 -14.26 5.34
N GLY E 260 16.98 -14.18 4.17
CA GLY E 260 17.62 -14.45 2.88
C GLY E 260 18.10 -13.19 2.24
N ILE E 261 19.40 -13.16 1.87
CA ILE E 261 20.01 -12.02 1.20
C ILE E 261 20.60 -12.46 -0.13
N GLN E 262 20.34 -11.65 -1.16
CA GLN E 262 21.05 -11.76 -2.43
C GLN E 262 22.01 -10.55 -2.59
N SER E 263 23.31 -10.77 -2.59
CA SER E 263 24.27 -9.67 -2.73
C SER E 263 25.67 -10.21 -3.00
N ASP E 264 26.45 -9.51 -3.81
CA ASP E 264 27.87 -9.89 -3.95
C ASP E 264 28.79 -9.07 -3.02
N ALA E 265 28.22 -8.13 -2.26
CA ALA E 265 28.98 -7.36 -1.27
C ALA E 265 29.67 -8.28 -0.26
N PRO E 266 30.88 -7.90 0.14
CA PRO E 266 31.63 -8.76 1.04
C PRO E 266 31.11 -8.74 2.48
N ILE E 267 31.16 -9.91 3.11
CA ILE E 267 30.89 -10.04 4.54
C ILE E 267 31.87 -9.31 5.42
N ASP E 268 31.35 -8.55 6.38
CA ASP E 268 32.21 -8.00 7.45
C ASP E 268 31.66 -8.42 8.79
N ASN E 269 32.41 -9.25 9.50
CA ASN E 269 31.98 -9.77 10.79
C ASN E 269 32.04 -8.75 11.96
N ASN E 270 32.48 -7.53 11.66
CA ASN E 270 32.65 -6.48 12.69
C ASN E 270 31.60 -5.40 12.74
N CYS E 271 30.73 -5.34 11.75
CA CYS E 271 29.65 -4.39 11.80
C CYS E 271 28.32 -5.17 11.81
N GLU E 272 27.36 -4.58 12.49
CA GLU E 272 26.03 -5.14 12.53
C GLU E 272 25.03 -4.23 11.82
N SER E 273 23.99 -4.86 11.30
CA SER E 273 22.89 -4.20 10.59
C SER E 273 21.64 -5.06 10.68
N LYS E 274 20.50 -4.43 10.46
CA LYS E 274 19.26 -5.17 10.30
C LYS E 274 18.61 -4.92 8.94
N CYS E 275 19.29 -4.16 8.09
CA CYS E 275 18.78 -3.82 6.79
C CYS E 275 19.87 -4.06 5.74
N PHE E 276 19.49 -4.83 4.72
CA PHE E 276 20.36 -5.23 3.66
C PHE E 276 19.78 -4.98 2.26
N TRP E 277 20.65 -4.87 1.28
CA TRP E 277 20.24 -4.75 -0.13
C TRP E 277 21.32 -5.31 -1.01
N ARG E 278 21.10 -5.22 -2.32
CA ARG E 278 22.06 -5.71 -3.30
C ARG E 278 23.45 -5.14 -3.06
N GLY E 279 23.55 -3.85 -2.75
CA GLY E 279 24.87 -3.16 -2.63
C GLY E 279 25.48 -3.23 -1.22
N GLY E 280 24.80 -3.85 -0.25
CA GLY E 280 25.40 -4.03 1.07
C GLY E 280 24.42 -3.85 2.23
N SER E 281 24.78 -2.98 3.17
CA SER E 281 24.01 -2.82 4.38
C SER E 281 23.67 -1.36 4.59
N ILE E 282 22.58 -1.12 5.29
CA ILE E 282 22.14 0.22 5.64
C ILE E 282 21.82 0.19 7.14
N ASN E 283 22.58 0.90 7.96
CA ASN E 283 22.20 1.14 9.35
C ASN E 283 22.31 2.60 9.50
N THR E 284 21.22 3.17 9.86
CA THR E 284 21.11 4.56 9.94
C THR E 284 19.99 4.60 10.91
N ARG E 285 19.93 5.69 11.64
CA ARG E 285 18.85 5.84 12.55
C ARG E 285 17.72 6.57 11.80
N LEU E 286 18.03 7.15 10.63
CA LEU E 286 17.08 7.97 9.90
C LEU E 286 15.90 7.08 9.52
N PRO E 287 14.68 7.65 9.43
CA PRO E 287 13.44 6.96 9.09
C PRO E 287 13.26 6.71 7.58
N PHE E 288 13.85 7.56 6.76
CA PHE E 288 13.77 7.39 5.32
C PHE E 288 15.10 7.08 4.68
N GLN E 289 15.03 6.63 3.44
CA GLN E 289 16.20 6.09 2.74
C GLN E 289 15.97 6.18 1.22
N ASN E 290 17.00 6.60 0.47
CA ASN E 290 16.91 6.73 -1.01
C ASN E 290 17.86 5.85 -1.81
N LEU E 291 18.42 4.81 -1.19
CA LEU E 291 19.36 3.89 -1.86
C LEU E 291 18.70 2.86 -2.78
N SER E 292 17.66 2.20 -2.30
CA SER E 292 17.03 1.20 -3.16
C SER E 292 15.65 0.84 -2.67
N PRO E 293 14.75 0.60 -3.63
CA PRO E 293 13.42 0.13 -3.32
C PRO E 293 13.36 -1.35 -3.00
N ARG E 294 14.49 -2.07 -3.06
CA ARG E 294 14.59 -3.51 -2.79
C ARG E 294 15.54 -3.80 -1.66
N THR E 295 15.01 -3.91 -0.44
CA THR E 295 15.79 -4.14 0.77
C THR E 295 15.15 -5.32 1.51
N VAL E 296 15.91 -5.93 2.43
CA VAL E 296 15.39 -6.98 3.31
C VAL E 296 15.82 -6.72 4.71
N GLY E 297 15.04 -7.23 5.66
CA GLY E 297 15.25 -6.99 7.08
C GLY E 297 14.30 -5.90 7.60
N GLN E 298 14.80 -5.15 8.58
CA GLN E 298 14.05 -4.08 9.25
C GLN E 298 14.69 -2.79 8.76
N CYS E 299 13.92 -1.98 8.05
CA CYS E 299 14.48 -0.96 7.19
C CYS E 299 13.81 0.41 7.26
N PRO E 300 14.61 1.48 7.07
CA PRO E 300 13.95 2.75 6.75
C PRO E 300 13.14 2.64 5.41
N LYS E 301 12.06 3.40 5.29
CA LYS E 301 11.24 3.31 4.11
C LYS E 301 11.89 4.07 2.96
N TYR E 302 11.86 3.45 1.78
CA TYR E 302 12.40 4.05 0.60
C TYR E 302 11.49 5.17 0.19
N VAL E 303 12.10 6.30 -0.15
CA VAL E 303 11.43 7.44 -0.74
C VAL E 303 12.19 7.94 -1.95
N ASN E 304 11.54 8.79 -2.74
CA ASN E 304 12.10 9.34 -3.95
C ASN E 304 12.48 10.77 -3.77
N LYS E 305 13.43 10.99 -2.87
CA LYS E 305 13.87 12.32 -2.53
C LYS E 305 15.31 12.21 -2.23
N LYS E 306 16.09 13.15 -2.72
CA LYS E 306 17.50 13.18 -2.39
C LYS E 306 17.63 13.64 -0.96
N SER E 307 16.89 14.68 -0.59
CA SER E 307 17.09 15.34 0.70
C SER E 307 15.82 15.90 1.31
N LEU E 308 15.70 15.76 2.62
CA LEU E 308 14.57 16.32 3.35
C LEU E 308 15.05 16.81 4.69
N MET E 309 15.06 18.11 4.86
CA MET E 309 15.65 18.66 6.06
C MET E 309 14.58 19.13 7.04
N LEU E 310 14.77 18.68 8.26
CA LEU E 310 13.93 18.98 9.38
C LEU E 310 14.57 20.12 10.17
N ALA E 311 13.88 21.24 10.32
CA ALA E 311 14.37 22.35 11.12
C ALA E 311 14.68 21.90 12.55
N THR E 312 15.81 22.35 13.09
CA THR E 312 16.17 22.19 14.52
C THR E 312 16.43 23.55 15.19
N GLY E 313 15.95 24.62 14.55
CA GLY E 313 16.06 25.96 15.07
C GLY E 313 14.95 26.85 14.55
N MET E 314 14.89 28.05 15.11
CA MET E 314 13.90 29.06 14.73
C MET E 314 14.22 29.70 13.38
N ARG E 315 13.32 30.53 12.87
CA ARG E 315 13.56 31.37 11.69
C ARG E 315 14.83 32.15 11.92
N ASN E 316 15.65 32.25 10.90
CA ASN E 316 16.85 33.04 10.96
C ASN E 316 16.56 34.42 10.36
N VAL E 317 16.85 35.48 11.12
CA VAL E 317 16.62 36.85 10.65
C VAL E 317 17.91 37.68 10.81
N PRO E 318 18.79 37.66 9.77
CA PRO E 318 20.04 38.41 9.84
C PRO E 318 19.87 39.92 9.90
N GLU E 319 21.01 40.61 9.98
CA GLU E 319 21.06 42.07 10.07
C GLU E 319 21.54 42.64 8.74
N GLY F 1 5.16 36.14 11.39
CA GLY F 1 4.76 34.74 11.66
C GLY F 1 3.54 34.70 12.55
N LEU F 2 3.08 33.50 12.95
CA LEU F 2 1.79 33.33 13.70
C LEU F 2 1.66 34.12 15.00
N PHE F 3 2.73 34.26 15.76
CA PHE F 3 2.66 34.97 17.04
C PHE F 3 3.25 36.36 16.94
N GLY F 4 3.55 36.81 15.71
CA GLY F 4 3.84 38.21 15.44
C GLY F 4 5.14 38.78 15.96
N ALA F 5 6.01 37.96 16.54
CA ALA F 5 7.23 38.47 17.19
C ALA F 5 8.47 38.29 16.35
N ILE F 6 8.89 37.04 16.13
CA ILE F 6 10.08 36.75 15.32
C ILE F 6 9.78 37.06 13.85
N ALA F 7 10.63 37.87 13.23
CA ALA F 7 10.30 38.53 11.97
C ALA F 7 8.88 39.14 12.08
N GLY F 8 8.63 39.79 13.21
CA GLY F 8 7.33 40.36 13.54
C GLY F 8 7.53 41.76 14.08
N PHE F 9 6.95 42.07 15.24
CA PHE F 9 7.10 43.40 15.81
C PHE F 9 8.56 43.67 16.17
N ILE F 10 9.27 42.59 16.51
CA ILE F 10 10.72 42.59 16.57
C ILE F 10 11.29 42.46 15.16
N GLU F 11 12.14 43.40 14.78
CA GLU F 11 12.57 43.57 13.39
C GLU F 11 13.63 42.58 12.92
N ASN F 12 14.55 42.19 13.79
CA ASN F 12 15.54 41.16 13.43
C ASN F 12 16.19 40.50 14.64
N GLY F 13 17.09 39.54 14.39
CA GLY F 13 17.76 38.77 15.43
C GLY F 13 19.16 39.26 15.76
N TRP F 14 19.69 38.79 16.88
CA TRP F 14 21.03 39.20 17.34
C TRP F 14 22.07 38.11 17.11
N GLU F 15 22.98 38.34 16.16
CA GLU F 15 24.09 37.42 15.92
C GLU F 15 25.02 37.38 17.13
N GLY F 16 25.11 38.49 17.84
CA GLY F 16 25.91 38.58 19.06
C GLY F 16 25.56 37.52 20.09
N MET F 17 24.30 37.10 20.14
CA MET F 17 23.88 36.16 21.17
C MET F 17 24.32 34.77 20.79
N VAL F 18 25.32 34.27 21.50
CA VAL F 18 25.82 32.90 21.33
C VAL F 18 25.42 32.02 22.51
N ASP F 19 25.41 32.61 23.72
CA ASP F 19 25.13 31.86 24.95
C ASP F 19 23.68 31.33 25.05
N GLY F 20 22.80 31.73 24.14
CA GLY F 20 21.43 31.18 24.12
C GLY F 20 20.58 31.49 22.90
N TRP F 21 19.30 31.17 23.02
CA TRP F 21 18.33 31.33 21.93
C TRP F 21 17.45 32.57 22.11
N TYR F 22 17.12 32.90 23.36
CA TYR F 22 16.34 34.12 23.69
C TYR F 22 17.07 34.91 24.77
N GLY F 23 16.71 36.18 24.93
CA GLY F 23 17.45 37.01 25.90
C GLY F 23 17.24 38.51 25.87
N PHE F 24 18.13 39.21 26.58
CA PHE F 24 17.92 40.60 26.95
C PHE F 24 19.05 41.50 26.47
N ARG F 25 18.68 42.73 26.12
CA ARG F 25 19.64 43.82 26.03
C ARG F 25 19.08 45.00 26.79
N HIS F 26 19.93 45.73 27.51
CA HIS F 26 19.49 46.89 28.29
C HIS F 26 20.33 48.14 28.05
N GLN F 27 19.81 49.24 28.58
CA GLN F 27 20.56 50.51 28.65
C GLN F 27 20.13 51.25 29.92
N ASN F 28 21.12 51.63 30.75
CA ASN F 28 20.89 52.36 32.00
C ASN F 28 21.90 53.48 32.06
N ALA F 29 22.20 53.99 33.26
CA ALA F 29 23.26 54.97 33.44
C ALA F 29 24.64 54.33 33.25
N GLN F 30 24.82 53.10 33.72
CA GLN F 30 26.11 52.41 33.65
C GLN F 30 26.40 51.72 32.31
N GLY F 31 25.66 52.06 31.25
CA GLY F 31 25.92 51.50 29.93
C GLY F 31 24.96 50.41 29.50
N THR F 32 25.50 49.39 28.84
CA THR F 32 24.71 48.45 28.06
C THR F 32 25.16 47.01 28.31
N GLY F 33 24.21 46.07 28.28
CA GLY F 33 24.53 44.66 28.54
C GLY F 33 23.64 43.63 27.87
N GLN F 34 24.24 42.50 27.50
CA GLN F 34 23.54 41.40 26.82
C GLN F 34 23.59 40.12 27.64
N ALA F 35 22.51 39.37 27.64
CA ALA F 35 22.44 38.16 28.45
C ALA F 35 21.27 37.27 28.02
N ALA F 36 21.55 35.97 27.92
CA ALA F 36 20.54 34.95 27.64
C ALA F 36 19.56 34.76 28.78
N ASP F 37 18.41 34.17 28.44
CA ASP F 37 17.40 33.71 29.39
C ASP F 37 17.37 32.18 29.35
N TYR F 38 17.63 31.53 30.48
CA TYR F 38 17.66 30.07 30.53
C TYR F 38 16.32 29.42 30.11
N LYS F 39 15.24 29.77 30.82
CA LYS F 39 13.97 29.05 30.73
C LYS F 39 13.51 28.79 29.32
N SER F 40 13.27 29.89 28.60
CA SER F 40 12.73 29.81 27.25
C SER F 40 13.70 29.17 26.27
N THR F 41 15.01 29.34 26.49
CA THR F 41 16.01 28.65 25.67
C THR F 41 15.87 27.14 25.76
N GLN F 42 15.81 26.61 26.97
CA GLN F 42 15.70 25.17 27.15
C GLN F 42 14.31 24.65 26.81
N ALA F 43 13.27 25.40 27.16
CA ALA F 43 11.89 25.05 26.77
C ALA F 43 11.81 24.77 25.27
N ALA F 44 12.41 25.64 24.47
CA ALA F 44 12.49 25.43 23.03
C ALA F 44 13.40 24.26 22.67
N ILE F 45 14.59 24.19 23.25
CA ILE F 45 15.52 23.11 22.90
C ILE F 45 14.87 21.74 23.17
N ASP F 46 14.25 21.61 24.34
CA ASP F 46 13.67 20.34 24.76
C ASP F 46 12.58 19.86 23.80
N GLN F 47 11.73 20.79 23.34
CA GLN F 47 10.67 20.43 22.38
C GLN F 47 11.23 20.00 21.04
N ILE F 48 12.39 20.53 20.65
CA ILE F 48 13.07 20.10 19.43
C ILE F 48 13.66 18.70 19.62
N THR F 49 14.46 18.53 20.67
CA THR F 49 15.01 17.22 21.07
C THR F 49 13.90 16.18 21.09
N GLY F 50 12.72 16.60 21.54
CA GLY F 50 11.54 15.74 21.59
C GLY F 50 11.10 15.23 20.23
N LYS F 51 11.02 16.12 19.24
CA LYS F 51 10.68 15.78 17.87
C LYS F 51 11.69 14.82 17.25
N LEU F 52 12.98 15.08 17.49
CA LEU F 52 14.05 14.22 16.97
C LEU F 52 13.88 12.78 17.44
N ASN F 53 13.67 12.59 18.74
CA ASN F 53 13.57 11.25 19.31
C ASN F 53 12.41 10.47 18.71
N ARG F 54 11.30 11.15 18.45
CA ARG F 54 10.21 10.58 17.66
C ARG F 54 10.64 10.15 16.26
N LEU F 55 11.41 10.97 15.56
CA LEU F 55 11.86 10.65 14.18
C LEU F 55 12.67 9.36 14.02
N ILE F 56 13.55 9.04 14.97
CA ILE F 56 14.33 7.78 14.89
C ILE F 56 13.75 6.60 15.69
N GLU F 57 12.45 6.33 15.54
CA GLU F 57 11.80 5.24 16.28
C GLU F 57 11.80 4.04 15.36
N LYS F 58 12.36 2.93 15.84
CA LYS F 58 12.62 1.76 15.00
C LYS F 58 11.38 0.88 14.68
N THR F 59 10.74 1.15 13.53
CA THR F 59 9.75 0.20 12.93
C THR F 59 10.49 -1.09 12.61
N ASN F 60 10.01 -2.13 13.26
CA ASN F 60 10.73 -3.37 13.44
C ASN F 60 10.14 -4.47 12.61
N THR F 61 9.32 -4.10 11.62
CA THR F 61 8.73 -5.11 10.80
C THR F 61 9.87 -5.64 9.94
N GLU F 62 10.03 -6.95 10.00
CA GLU F 62 11.00 -7.66 9.24
C GLU F 62 10.34 -8.01 7.88
N PHE F 63 10.96 -7.58 6.80
CA PHE F 63 10.48 -7.82 5.45
C PHE F 63 11.46 -8.74 4.73
N GLU F 64 10.93 -9.75 4.06
CA GLU F 64 11.69 -10.65 3.16
C GLU F 64 11.77 -10.10 1.72
N SER F 65 12.53 -10.77 0.89
CA SER F 65 12.61 -10.44 -0.52
C SER F 65 11.44 -11.03 -1.27
N ILE F 66 10.76 -10.24 -2.07
CA ILE F 66 9.81 -10.82 -3.05
C ILE F 66 10.31 -10.68 -4.52
N GLU F 67 11.52 -10.19 -4.74
CA GLU F 67 12.10 -10.13 -6.09
C GLU F 67 13.51 -10.65 -6.11
N SER F 68 13.75 -11.75 -6.80
CA SER F 68 15.12 -12.19 -7.09
C SER F 68 16.06 -11.17 -7.75
N GLU F 69 17.27 -10.99 -7.23
CA GLU F 69 18.25 -10.05 -7.82
C GLU F 69 19.05 -10.63 -9.01
N PHE F 70 19.08 -11.97 -9.05
CA PHE F 70 19.97 -12.70 -9.89
C PHE F 70 19.27 -13.68 -10.79
N SER F 71 17.96 -13.49 -11.00
CA SER F 71 17.19 -14.34 -11.88
C SER F 71 15.94 -13.56 -12.28
N GLU F 72 15.27 -13.96 -13.33
CA GLU F 72 14.13 -13.20 -13.80
C GLU F 72 12.90 -13.73 -13.21
N ILE F 73 12.02 -12.81 -12.83
CA ILE F 73 10.73 -13.11 -12.21
C ILE F 73 9.72 -13.22 -13.36
N GLU F 74 8.75 -14.13 -13.27
CA GLU F 74 7.63 -14.21 -14.22
C GLU F 74 7.06 -12.80 -14.39
N HIS F 75 6.81 -12.42 -15.64
CA HIS F 75 6.54 -11.04 -16.01
C HIS F 75 5.23 -10.48 -15.40
N GLN F 76 4.14 -11.26 -15.42
CA GLN F 76 2.87 -10.82 -14.81
C GLN F 76 2.98 -10.51 -13.26
N ILE F 77 3.35 -11.49 -12.46
CA ILE F 77 3.59 -11.27 -11.02
C ILE F 77 4.62 -10.12 -10.79
N GLY F 78 5.66 -10.06 -11.63
CA GLY F 78 6.60 -8.96 -11.65
C GLY F 78 6.01 -7.58 -11.86
N ASN F 79 4.98 -7.52 -12.71
CA ASN F 79 4.29 -6.26 -12.95
C ASN F 79 3.41 -5.88 -11.77
N VAL F 80 2.71 -6.85 -11.21
CA VAL F 80 1.94 -6.62 -9.99
C VAL F 80 2.87 -6.10 -8.84
N ILE F 81 4.01 -6.74 -8.65
CA ILE F 81 4.94 -6.37 -7.58
C ILE F 81 5.42 -4.95 -7.78
N ASN F 82 5.82 -4.62 -9.01
CA ASN F 82 6.24 -3.26 -9.33
C ASN F 82 5.18 -2.22 -9.10
N TRP F 83 3.94 -2.56 -9.46
CA TRP F 83 2.85 -1.66 -9.25
C TRP F 83 2.67 -1.48 -7.74
N THR F 84 2.75 -2.55 -6.98
CA THR F 84 2.57 -2.46 -5.54
C THR F 84 3.69 -1.63 -4.89
N LYS F 85 4.95 -1.98 -5.17
CA LYS F 85 6.10 -1.22 -4.64
C LYS F 85 6.08 0.23 -5.04
N ASP F 86 5.74 0.54 -6.29
CA ASP F 86 5.77 1.94 -6.74
C ASP F 86 4.67 2.75 -6.07
N SER F 87 3.52 2.15 -5.83
CA SER F 87 2.46 2.81 -5.11
C SER F 87 2.82 3.00 -3.60
N ILE F 88 3.45 1.98 -3.03
CA ILE F 88 3.89 2.06 -1.64
C ILE F 88 4.94 3.17 -1.49
N THR F 89 5.86 3.25 -2.44
CA THR F 89 6.83 4.34 -2.47
C THR F 89 6.18 5.71 -2.68
N ASP F 90 5.11 5.84 -3.47
CA ASP F 90 4.53 7.17 -3.58
C ASP F 90 3.93 7.60 -2.24
N ILE F 91 3.35 6.67 -1.52
CA ILE F 91 2.78 6.97 -0.22
C ILE F 91 3.84 7.52 0.80
N TRP F 92 4.96 6.81 0.90
CA TRP F 92 6.02 7.12 1.84
C TRP F 92 6.70 8.40 1.44
N THR F 93 6.94 8.61 0.16
CA THR F 93 7.53 9.86 -0.27
C THR F 93 6.63 11.03 0.08
N TYR F 94 5.34 10.89 -0.16
CA TYR F 94 4.41 11.96 0.14
C TYR F 94 4.27 12.19 1.67
N GLN F 95 4.16 11.13 2.48
CA GLN F 95 4.14 11.33 3.93
C GLN F 95 5.40 12.00 4.49
N ALA F 96 6.55 11.65 3.94
CA ALA F 96 7.82 12.17 4.37
C ALA F 96 7.87 13.69 4.14
N GLU F 97 7.52 14.10 2.93
CA GLU F 97 7.47 15.52 2.61
C GLU F 97 6.55 16.27 3.56
N LEU F 98 5.37 15.71 3.72
CA LEU F 98 4.35 16.33 4.54
C LEU F 98 4.77 16.41 6.01
N LEU F 99 5.40 15.35 6.51
CA LEU F 99 5.80 15.30 7.91
C LEU F 99 6.76 16.45 8.20
N VAL F 100 7.70 16.67 7.30
CA VAL F 100 8.76 17.59 7.50
C VAL F 100 8.29 19.02 7.28
N ALA F 101 7.52 19.24 6.22
CA ALA F 101 6.91 20.54 5.96
C ALA F 101 6.15 21.00 7.19
N MET F 102 5.41 20.07 7.78
CA MET F 102 4.50 20.33 8.90
C MET F 102 5.24 20.60 10.21
N GLU F 103 6.20 19.74 10.54
CA GLU F 103 7.01 19.91 11.75
C GLU F 103 7.79 21.20 11.69
N ASN F 104 8.33 21.53 10.52
CA ASN F 104 9.08 22.76 10.35
C ASN F 104 8.22 23.98 10.61
N GLN F 105 7.02 24.05 10.05
CA GLN F 105 6.08 25.12 10.42
C GLN F 105 5.88 25.14 11.95
N HIS F 106 5.54 23.99 12.53
CA HIS F 106 5.26 23.92 13.97
C HIS F 106 6.48 24.38 14.83
N THR F 107 7.68 24.00 14.41
CA THR F 107 8.92 24.46 15.07
C THR F 107 9.09 25.99 15.03
N ILE F 108 9.13 26.55 13.83
CA ILE F 108 9.07 27.99 13.59
C ILE F 108 8.06 28.69 14.47
N ASP F 109 6.82 28.22 14.48
CA ASP F 109 5.77 28.90 15.25
C ASP F 109 5.92 28.74 16.76
N MET F 110 6.41 27.59 17.20
CA MET F 110 6.65 27.32 18.62
C MET F 110 7.71 28.29 19.16
N ALA F 111 8.80 28.43 18.42
CA ALA F 111 9.84 29.40 18.71
C ALA F 111 9.32 30.85 18.78
N ASP F 112 8.47 31.20 17.82
CA ASP F 112 7.80 32.52 17.78
C ASP F 112 6.93 32.71 19.03
N SER F 113 6.27 31.64 19.47
CA SER F 113 5.49 31.73 20.70
C SER F 113 6.37 31.94 21.97
N GLU F 114 7.52 31.28 22.06
CA GLU F 114 8.38 31.37 23.25
C GLU F 114 8.98 32.78 23.38
N MET F 115 9.33 33.39 22.26
CA MET F 115 9.69 34.79 22.24
C MET F 115 8.56 35.62 22.84
N LEU F 116 7.34 35.41 22.36
CA LEU F 116 6.19 36.19 22.82
C LEU F 116 5.85 35.97 24.29
N ASN F 117 5.93 34.73 24.77
CA ASN F 117 5.58 34.41 26.16
C ASN F 117 6.53 35.11 27.13
N LEU F 118 7.79 35.21 26.71
CA LEU F 118 8.81 35.96 27.46
C LEU F 118 8.50 37.49 27.53
N TYR F 119 8.32 38.12 26.39
CA TYR F 119 7.87 39.50 26.31
C TYR F 119 6.62 39.79 27.14
N GLU F 120 5.57 38.98 26.99
CA GLU F 120 4.38 39.12 27.85
C GLU F 120 4.73 39.00 29.35
N ARG F 121 5.76 38.22 29.68
CA ARG F 121 6.17 37.99 31.08
C ARG F 121 6.83 39.24 31.67
N VAL F 122 7.81 39.77 30.96
CA VAL F 122 8.46 41.01 31.36
C VAL F 122 7.43 42.12 31.49
N ARG F 123 6.55 42.27 30.48
CA ARG F 123 5.54 43.34 30.50
C ARG F 123 4.73 43.36 31.81
N LYS F 124 4.32 42.18 32.28
CA LYS F 124 3.45 42.09 33.45
C LYS F 124 4.21 42.34 34.74
N GLN F 125 5.52 42.06 34.75
CA GLN F 125 6.37 42.45 35.87
C GLN F 125 6.44 43.96 35.99
N LEU F 126 6.69 44.63 34.87
CA LEU F 126 6.86 46.08 34.87
C LEU F 126 5.57 46.82 35.27
N ARG F 127 4.43 46.18 35.01
CA ARG F 127 3.13 46.70 35.45
C ARG F 127 2.93 48.15 34.95
N GLN F 128 2.91 49.15 35.83
CA GLN F 128 2.71 50.54 35.40
C GLN F 128 4.01 51.34 35.38
N ASN F 129 5.15 50.67 35.48
CA ASN F 129 6.44 51.35 35.54
C ASN F 129 7.11 51.59 34.19
N ALA F 130 6.64 50.90 33.14
CA ALA F 130 7.19 51.03 31.79
C ALA F 130 6.12 51.04 30.71
N GLU F 131 6.54 51.43 29.50
CA GLU F 131 5.67 51.43 28.34
C GLU F 131 6.35 50.71 27.18
N GLU F 132 5.53 50.15 26.28
CA GLU F 132 6.04 49.41 25.15
C GLU F 132 6.54 50.29 24.00
N ASP F 133 7.82 50.10 23.71
CA ASP F 133 8.46 50.57 22.50
C ASP F 133 7.66 50.22 21.24
N GLY F 134 7.31 48.95 21.11
CA GLY F 134 6.64 48.45 19.90
C GLY F 134 7.62 47.81 18.93
N LYS F 135 8.91 47.91 19.25
CA LYS F 135 9.97 47.22 18.54
C LYS F 135 10.53 46.13 19.46
N GLY F 136 9.77 45.75 20.48
CA GLY F 136 10.20 44.74 21.43
C GLY F 136 10.93 45.24 22.66
N CYS F 137 11.09 46.56 22.79
CA CYS F 137 11.72 47.12 23.98
C CYS F 137 10.71 47.67 24.96
N PHE F 138 11.15 47.83 26.20
CA PHE F 138 10.35 48.46 27.24
C PHE F 138 11.05 49.71 27.75
N GLU F 139 10.44 50.87 27.56
CA GLU F 139 10.99 52.12 28.08
C GLU F 139 10.55 52.29 29.53
N ILE F 140 11.52 52.39 30.44
CA ILE F 140 11.30 52.33 31.87
C ILE F 140 11.33 53.74 32.47
N TYR F 141 10.21 54.15 33.07
CA TYR F 141 10.03 55.53 33.54
C TYR F 141 10.60 55.82 34.93
N HIS F 142 11.61 55.06 35.33
CA HIS F 142 12.45 55.42 36.46
C HIS F 142 13.87 54.96 36.16
N ALA F 143 14.83 55.45 36.93
CA ALA F 143 16.23 55.00 36.80
C ALA F 143 16.33 53.54 37.20
N CYS F 144 16.94 52.72 36.36
CA CYS F 144 17.02 51.27 36.57
C CYS F 144 18.45 50.81 36.32
N ASP F 145 19.21 50.63 37.40
CA ASP F 145 20.63 50.27 37.34
C ASP F 145 20.83 48.78 36.96
N ASP F 146 22.04 48.25 37.15
CA ASP F 146 22.35 46.85 36.78
C ASP F 146 21.66 45.82 37.67
N SER F 147 21.59 46.11 38.97
CA SER F 147 20.86 45.27 39.90
C SER F 147 19.36 45.30 39.60
N CYS F 148 18.86 46.47 39.21
CA CYS F 148 17.46 46.63 38.80
C CYS F 148 17.17 45.79 37.55
N MET F 149 18.11 45.82 36.62
CA MET F 149 17.97 45.08 35.36
C MET F 149 18.14 43.57 35.56
N GLU F 150 19.01 43.14 36.46
CA GLU F 150 19.13 41.70 36.74
C GLU F 150 17.86 41.21 37.42
N SER F 151 17.30 42.02 38.31
CA SER F 151 16.07 41.64 39.02
C SER F 151 14.97 41.32 38.03
N ILE F 152 14.83 42.17 37.02
CA ILE F 152 13.89 41.95 35.92
C ILE F 152 14.18 40.61 35.22
N ARG F 153 15.40 40.45 34.73
CA ARG F 153 15.80 39.25 34.02
C ARG F 153 15.46 37.96 34.76
N ASN F 154 15.63 37.97 36.08
CA ASN F 154 15.46 36.76 36.90
C ASN F 154 14.10 36.68 37.62
N ASN F 155 13.13 37.48 37.17
CA ASN F 155 11.79 37.51 37.76
C ASN F 155 11.84 37.86 39.24
N THR F 156 12.65 38.88 39.57
CA THR F 156 12.85 39.35 40.95
C THR F 156 12.57 40.85 41.09
N TYR F 157 11.98 41.46 40.05
CA TYR F 157 11.69 42.89 40.03
C TYR F 157 10.36 43.16 40.72
N ASP F 158 10.37 44.07 41.71
CA ASP F 158 9.13 44.47 42.38
C ASP F 158 8.73 45.86 41.91
N HIS F 159 7.61 45.92 41.20
CA HIS F 159 7.06 47.18 40.74
C HIS F 159 6.69 48.14 41.89
N SER F 160 6.29 47.61 43.05
CA SER F 160 5.84 48.45 44.17
C SER F 160 6.85 49.51 44.62
N GLN F 161 8.14 49.18 44.55
CA GLN F 161 9.22 50.11 44.88
C GLN F 161 9.17 51.37 44.01
N TYR F 162 9.29 51.17 42.69
CA TYR F 162 9.53 52.28 41.78
C TYR F 162 8.24 52.90 41.23
N ARG F 163 7.09 52.37 41.63
CA ARG F 163 5.79 52.80 41.08
C ARG F 163 5.60 54.33 41.10
N GLU F 164 5.49 54.92 42.30
CA GLU F 164 5.18 56.37 42.41
C GLU F 164 6.20 57.28 41.71
N GLU F 165 7.46 56.85 41.66
CA GLU F 165 8.49 57.51 40.85
C GLU F 165 8.22 57.43 39.36
N ALA F 166 7.88 56.23 38.88
CA ALA F 166 7.61 56.01 37.47
C ALA F 166 6.39 56.80 37.03
N LEU F 167 5.44 56.97 37.95
CA LEU F 167 4.21 57.70 37.62
C LEU F 167 4.46 59.21 37.53
N LEU F 168 5.33 59.73 38.39
CA LEU F 168 5.83 61.10 38.21
C LEU F 168 6.27 61.29 36.77
N ASN F 169 7.14 60.40 36.30
CA ASN F 169 7.82 60.57 35.02
C ASN F 169 6.90 60.46 33.83
N ARG F 170 5.94 59.53 33.90
CA ARG F 170 5.03 59.28 32.77
C ARG F 170 4.13 60.47 32.47
N LEU F 171 3.60 61.10 33.52
CA LEU F 171 2.68 62.25 33.37
C LEU F 171 3.41 63.59 33.39
N ASN F 172 4.45 63.68 34.20
CA ASN F 172 5.18 64.93 34.46
C ASN F 172 4.52 65.75 35.56
C1 NAG G . -11.62 -6.96 -9.02
C2 NAG G . -12.69 -8.13 -9.23
C3 NAG G . -13.52 -8.01 -10.57
C4 NAG G . -14.34 -6.75 -10.56
C5 NAG G . -13.29 -5.69 -10.31
C6 NAG G . -13.93 -4.31 -10.29
C7 NAG G . -12.67 -10.52 -8.46
C8 NAG G . -13.35 -10.44 -7.05
N2 NAG G . -12.36 -9.53 -9.30
O3 NAG G . -14.36 -9.11 -10.90
O4 NAG G . -15.00 -6.60 -11.82
O5 NAG G . -12.61 -5.95 -9.09
O6 NAG G . -14.82 -4.27 -9.22
O7 NAG G . -12.21 -11.55 -8.89
C1 NAG G . -16.39 -6.23 -11.70
C2 NAG G . -16.91 -5.66 -13.02
C3 NAG G . -18.39 -5.40 -13.03
C4 NAG G . -19.14 -6.59 -12.46
C5 NAG G . -18.51 -7.21 -11.20
C6 NAG G . -19.07 -8.62 -11.07
C7 NAG G . -15.29 -4.23 -14.04
C8 NAG G . -14.76 -2.82 -14.11
N2 NAG G . -16.30 -4.38 -13.21
O3 NAG G . -18.81 -5.19 -14.37
O4 NAG G . -20.44 -6.12 -12.19
O5 NAG G . -17.12 -7.37 -11.35
O6 NAG G . -18.95 -9.12 -9.75
O7 NAG G . -14.82 -5.18 -14.69
C1 BMA G . -21.30 -6.52 -13.24
C2 BMA G . -22.31 -7.40 -12.55
C3 BMA G . -23.31 -7.89 -13.58
C4 BMA G . -24.00 -6.66 -14.21
C5 BMA G . -22.86 -5.87 -14.89
C6 BMA G . -23.25 -4.67 -15.76
O2 BMA G . -22.90 -6.62 -11.47
O3 BMA G . -24.03 -9.00 -12.98
O4 BMA G . -25.04 -7.03 -15.14
O5 BMA G . -21.94 -5.41 -13.87
O6 BMA G . -22.45 -4.63 -16.97
C1 MAN G . -25.37 -8.77 -12.53
C2 MAN G . -25.38 -8.18 -11.12
C3 MAN G . -26.78 -8.26 -10.52
C4 MAN G . -27.81 -8.61 -11.59
C5 MAN G . -27.47 -9.90 -12.36
C6 MAN G . -28.15 -10.03 -13.72
O2 MAN G . -25.03 -6.81 -11.13
O3 MAN G . -27.12 -7.01 -9.95
O4 MAN G . -29.02 -8.74 -10.89
O5 MAN G . -26.07 -10.01 -12.55
O6 MAN G . -29.16 -11.02 -13.76
C1 MAN G . -21.28 -3.78 -16.84
C2 MAN G . -21.52 -2.31 -17.23
C3 MAN G . -20.31 -1.44 -16.81
C4 MAN G . -19.12 -2.34 -16.48
C5 MAN G . -19.04 -3.36 -17.63
C6 MAN G . -17.76 -4.18 -17.70
O2 MAN G . -22.76 -1.80 -16.73
O3 MAN G . -20.63 -0.55 -15.77
O4 MAN G . -17.90 -1.62 -16.33
O5 MAN G . -20.19 -4.23 -17.63
O6 MAN G . -17.79 -4.89 -18.92
C1 NAG H . -23.44 -25.18 -30.03
C2 NAG H . -22.91 -24.64 -31.36
C3 NAG H . -24.04 -24.00 -32.17
C4 NAG H . -25.21 -24.96 -32.35
C5 NAG H . -25.56 -25.63 -31.03
C6 NAG H . -26.51 -26.82 -31.25
C7 NAG H . -21.65 -22.62 -30.66
C8 NAG H . -22.94 -21.91 -30.35
N2 NAG H . -21.69 -23.87 -31.15
O3 NAG H . -23.63 -23.51 -33.41
O4 NAG H . -26.33 -24.23 -32.85
O5 NAG H . -24.43 -26.13 -30.33
O6 NAG H . -25.87 -27.86 -31.95
O7 NAG H . -20.60 -21.99 -30.49
C1 NAG H . -26.62 -24.39 -34.27
C2 NAG H . -28.05 -24.85 -34.54
C3 NAG H . -28.88 -24.01 -35.55
C4 NAG H . -28.10 -23.44 -36.74
C5 NAG H . -26.60 -23.39 -36.42
C6 NAG H . -25.83 -22.24 -37.10
C7 NAG H . -28.32 -27.32 -34.45
C8 NAG H . -28.17 -28.60 -35.21
N2 NAG H . -27.98 -26.20 -35.11
O3 NAG H . -29.53 -22.92 -34.90
O4 NAG H . -28.45 -24.10 -37.97
O5 NAG H . -26.42 -23.21 -35.02
O6 NAG H . -25.04 -21.56 -36.13
O7 NAG H . -28.72 -27.31 -33.28
C1 BMA H . -29.14 -23.23 -38.92
C2 BMA H . -28.80 -23.56 -40.40
C3 BMA H . -30.05 -23.73 -41.27
C4 BMA H . -30.97 -24.70 -40.55
C5 BMA H . -31.51 -24.01 -39.29
C6 BMA H . -32.06 -24.97 -38.22
O2 BMA H . -28.01 -24.73 -40.53
O3 BMA H . -29.72 -24.18 -42.58
O4 BMA H . -32.00 -25.14 -41.42
O5 BMA H . -30.55 -23.14 -38.66
O6 BMA H . -32.91 -25.94 -38.83
C1 NAG I . 2.86 -15.48 5.49
C2 NAG I . 3.70 -16.75 5.42
C3 NAG I . 3.09 -17.78 6.36
C4 NAG I . 3.03 -17.25 7.80
C5 NAG I . 2.20 -15.96 7.71
C6 NAG I . 1.94 -15.14 8.96
C7 NAG I . 4.94 -17.66 3.48
C8 NAG I . 4.74 -18.19 2.09
N2 NAG I . 3.81 -17.28 4.10
O3 NAG I . 3.83 -18.96 6.28
O4 NAG I . 2.38 -18.26 8.53
O5 NAG I . 2.80 -15.06 6.83
O6 NAG I . 3.14 -15.04 9.68
O7 NAG I . 6.09 -17.59 3.96
C1 NAG I . 2.99 -18.66 9.77
C2 NAG I . 1.95 -19.31 10.68
C3 NAG I . 2.58 -19.64 12.02
C4 NAG I . 3.81 -20.53 11.81
C5 NAG I . 4.73 -19.82 10.82
C6 NAG I . 6.02 -20.62 10.59
C7 NAG I . -0.31 -18.46 10.27
C8 NAG I . -1.33 -17.44 10.66
N2 NAG I . 0.84 -18.42 10.94
O3 NAG I . 1.65 -20.34 12.81
O4 NAG I . 4.47 -20.62 13.04
O5 NAG I . 4.04 -19.59 9.59
O6 NAG I . 6.91 -19.78 9.90
O7 NAG I . -0.57 -19.26 9.37
C1 BMA I . 4.76 -21.93 13.54
C2 BMA I . 5.95 -21.69 14.43
C3 BMA I . 6.33 -22.97 15.14
C4 BMA I . 5.16 -23.32 16.08
C5 BMA I . 3.81 -23.42 15.33
C6 BMA I . 2.63 -23.15 16.29
O2 BMA I . 5.63 -20.63 15.36
O3 BMA I . 7.58 -22.76 15.81
O4 BMA I . 5.41 -24.57 16.74
O5 BMA I . 3.64 -22.48 14.24
O6 BMA I . 1.37 -23.70 15.85
C1 MAN I . 8.40 -23.95 15.81
C2 MAN I . 9.64 -23.68 16.67
C3 MAN I . 10.46 -24.95 16.86
C4 MAN I . 9.98 -26.08 15.96
C5 MAN I . 9.68 -25.57 14.55
C6 MAN I . 9.17 -26.71 13.69
O2 MAN I . 9.29 -23.11 17.92
O3 MAN I . 10.42 -25.39 18.21
O4 MAN I . 10.96 -27.11 15.98
O5 MAN I . 8.77 -24.46 14.51
O6 MAN I . 9.32 -26.36 12.32
C1 MAN I . 0.39 -22.74 15.37
C2 MAN I . -0.29 -21.92 16.47
C3 MAN I . -1.23 -20.87 15.87
C4 MAN I . -1.39 -21.05 14.35
C5 MAN I . -1.70 -22.54 14.14
C6 MAN I . -2.10 -22.92 12.70
O2 MAN I . 0.63 -21.28 17.34
O3 MAN I . -0.82 -19.57 16.24
O4 MAN I . -2.40 -20.21 13.82
O5 MAN I . -0.65 -23.38 14.65
O6 MAN I . -2.59 -24.25 12.67
C1 NAG J . 3.08 -45.74 5.56
C2 NAG J . 1.63 -45.81 6.03
C3 NAG J . 1.49 -46.53 7.35
C4 NAG J . 2.10 -47.92 7.11
C5 NAG J . 3.58 -47.72 6.81
C6 NAG J . 4.43 -48.98 6.75
C7 NAG J . 0.11 -44.09 5.17
C8 NAG J . -0.50 -42.72 5.32
N2 NAG J . 1.00 -44.49 6.09
O3 NAG J . 0.12 -46.61 7.69
O4 NAG J . 1.77 -48.85 8.12
O5 NAG J . 3.69 -47.03 5.59
O6 NAG J . 3.67 -50.10 6.32
O7 NAG J . -0.24 -44.80 4.24
C1 NAG J . 2.42 -48.60 9.40
C2 NAG J . 2.59 -49.92 10.16
C3 NAG J . 1.23 -50.43 10.64
C4 NAG J . 0.69 -49.33 11.57
C5 NAG J . 0.49 -48.06 10.73
C6 NAG J . -0.13 -46.93 11.53
C7 NAG J . 4.63 -51.17 9.48
C8 NAG J . 5.50 -50.25 10.30
N2 NAG J . 3.29 -50.98 9.43
O3 NAG J . 1.32 -51.68 11.29
O4 NAG J . -0.50 -49.76 12.21
O5 NAG J . 1.72 -47.61 10.17
O6 NAG J . -1.53 -46.99 11.32
O7 NAG J . 5.18 -52.09 8.86
C1 NAG K . 9.90 -4.24 -12.58
C2 NAG K . 10.14 -4.73 -14.01
C3 NAG K . 11.63 -4.94 -14.32
C4 NAG K . 12.51 -3.73 -13.95
C5 NAG K . 12.18 -3.45 -12.49
C6 NAG K . 12.90 -2.25 -11.89
C7 NAG K . 8.37 -5.95 -15.25
C8 NAG K . 7.75 -7.31 -15.38
N2 NAG K . 9.33 -5.93 -14.30
O3 NAG K . 11.79 -5.23 -15.68
O4 NAG K . 13.89 -4.04 -14.16
O5 NAG K . 10.80 -3.16 -12.36
O6 NAG K . 12.70 -1.06 -12.62
O7 NAG K . 7.96 -4.98 -15.92
C1 NAG K . 14.68 -3.08 -14.92
C2 NAG K . 16.19 -3.31 -14.69
C3 NAG K . 16.96 -2.82 -15.90
C4 NAG K . 16.60 -3.63 -17.14
C5 NAG K . 15.14 -4.08 -17.06
C6 NAG K . 14.94 -5.50 -16.48
C7 NAG K . 16.48 -3.28 -12.32
C8 NAG K . 16.84 -2.55 -11.07
N2 NAG K . 16.58 -2.63 -13.48
O3 NAG K . 18.34 -2.93 -15.63
O4 NAG K . 16.69 -2.72 -18.22
O5 NAG K . 14.43 -3.10 -16.30
O6 NAG K . 14.45 -6.45 -17.40
O7 NAG K . 16.11 -4.45 -12.25
C1 BMA K . 17.98 -2.63 -18.87
C2 BMA K . 18.02 -1.37 -19.73
C3 BMA K . 19.35 -1.20 -20.44
C4 BMA K . 20.45 -1.21 -19.35
C5 BMA K . 20.34 -2.50 -18.52
C6 BMA K . 21.23 -2.61 -17.29
O2 BMA K . 17.82 -0.22 -18.91
O3 BMA K . 19.32 0.04 -21.19
O4 BMA K . 21.73 -1.03 -19.98
O5 BMA K . 19.06 -2.56 -17.95
O6 BMA K . 22.61 -2.75 -17.67
C1 MAN K . 19.46 -0.05 -22.64
C2 MAN K . 18.95 1.28 -23.24
C3 MAN K . 19.10 1.35 -24.77
C4 MAN K . 19.37 -0.05 -25.34
C5 MAN K . 18.43 -1.03 -24.62
C6 MAN K . 18.38 -2.41 -25.27
O2 MAN K . 19.57 2.40 -22.63
O3 MAN K . 20.12 2.25 -25.13
O4 MAN K . 19.17 -0.10 -26.74
O5 MAN K . 18.77 -1.14 -23.23
O6 MAN K . 17.24 -3.08 -24.78
C1 MAN K . 23.50 -2.29 -16.62
C2 MAN K . 24.82 -1.66 -17.01
C3 MAN K . 24.84 -0.20 -16.60
C4 MAN K . 24.37 -0.01 -15.14
C5 MAN K . 23.37 -1.04 -14.53
C6 MAN K . 22.01 -0.43 -14.17
O2 MAN K . 25.07 -1.74 -18.41
O3 MAN K . 24.04 0.56 -17.49
O4 MAN K . 25.55 0.06 -14.35
O5 MAN K . 23.10 -2.25 -15.26
O6 MAN K . 21.02 -1.44 -14.05
C1 NAG L . 25.15 -22.29 -30.22
C2 NAG L . 26.50 -22.40 -29.50
C3 NAG L . 27.66 -22.35 -30.46
C4 NAG L . 27.33 -23.28 -31.61
C5 NAG L . 26.17 -22.73 -32.41
C6 NAG L . 25.41 -23.84 -33.15
C7 NAG L . 26.00 -21.45 -27.34
C8 NAG L . 26.22 -20.37 -26.32
N2 NAG L . 26.66 -21.37 -28.48
O3 NAG L . 28.78 -22.81 -29.77
O4 NAG L . 28.43 -23.39 -32.47
O5 NAG L . 25.30 -21.96 -31.58
O6 NAG L . 24.04 -23.78 -32.85
O7 NAG L . 25.25 -22.40 -27.10
C1 NAG M . -11.91 32.12 -5.05
C2 NAG M . -10.70 32.49 -5.89
C3 NAG M . -10.25 33.90 -5.53
C4 NAG M . -11.43 34.90 -5.40
C5 NAG M . -12.82 34.29 -5.16
C6 NAG M . -13.90 35.10 -5.86
C7 NAG M . -8.91 31.11 -6.83
C8 NAG M . -7.90 30.01 -6.59
N2 NAG M . -9.67 31.46 -5.77
O3 NAG M . -9.42 34.31 -6.59
O4 NAG M . -11.19 35.81 -4.34
O5 NAG M . -12.93 32.95 -5.62
O6 NAG M . -14.01 34.62 -7.19
O7 NAG M . -9.01 31.66 -7.95
C1 EDO N . -6.70 1.96 -17.84
O1 EDO N . -6.50 0.55 -17.61
C2 EDO N . -6.56 2.26 -19.35
O2 EDO N . -5.77 1.25 -19.99
C1 EDO O . -1.25 3.47 -36.28
O1 EDO O . -2.01 4.60 -35.79
C2 EDO O . 0.21 3.91 -36.48
O2 EDO O . 1.11 2.79 -36.61
C1 EDO P . 7.91 -13.84 -33.53
O1 EDO P . 7.66 -13.33 -32.21
C2 EDO P . 7.40 -15.28 -33.77
O2 EDO P . 8.39 -16.32 -33.55
C1 NAG Q . 2.74 57.32 3.96
C2 NAG Q . 3.09 58.40 2.94
C3 NAG Q . 4.13 57.89 1.93
C4 NAG Q . 5.29 57.09 2.59
C5 NAG Q . 4.76 56.13 3.66
C6 NAG Q . 5.83 55.44 4.50
C7 NAG Q . 0.99 59.72 2.85
C8 NAG Q . -0.30 59.98 2.11
N2 NAG Q . 1.82 58.80 2.33
O3 NAG Q . 4.67 58.94 1.16
O4 NAG Q . 6.01 56.34 1.63
O5 NAG Q . 3.96 56.88 4.55
O6 NAG Q . 5.19 54.56 5.41
O7 NAG Q . 1.23 60.39 3.86
C1 EDO R . -5.66 2.18 -6.11
O1 EDO R . -5.99 3.50 -5.64
C2 EDO R . -5.49 2.15 -7.64
O2 EDO R . -6.04 3.34 -8.21
C1 EDO S . -2.88 4.06 -10.82
O1 EDO S . -2.33 2.97 -11.58
C2 EDO S . -1.88 5.20 -10.59
O2 EDO S . -1.37 5.11 -9.26
C1 EDO T . -2.41 4.97 -6.31
O1 EDO T . -3.70 4.38 -6.40
C2 EDO T . -1.36 3.92 -6.65
O2 EDO T . -0.14 4.59 -6.89
C1 NAG U . -13.59 11.42 29.72
C2 NAG U . -14.87 11.38 28.94
C3 NAG U . -15.88 12.47 29.32
C4 NAG U . -15.76 13.04 30.75
C5 NAG U . -14.61 12.43 31.58
C6 NAG U . -14.96 12.14 33.04
C7 NAG U . -15.49 10.74 26.73
C8 NAG U . -15.16 10.63 25.26
N2 NAG U . -14.58 11.29 27.50
O3 NAG U . -17.15 11.87 29.24
O4 NAG U . -15.59 14.44 30.72
O5 NAG U . -14.12 11.22 31.01
O6 NAG U . -14.08 12.93 33.79
O7 NAG U . -16.57 10.33 27.19
C1 EDO V . -11.68 -14.71 8.48
O1 EDO V . -12.24 -15.41 7.35
C2 EDO V . -10.77 -13.56 8.03
O2 EDO V . -9.73 -14.14 7.23
C1 EDO W . -31.04 -14.04 0.00
O1 EDO W . -31.01 -15.46 0.10
C2 EDO W . -29.61 -13.51 -0.11
O2 EDO W . -29.34 -13.09 -1.43
C1 EDO X . -19.98 -28.71 -11.35
O1 EDO X . -21.08 -28.03 -10.74
C2 EDO X . -20.34 -30.10 -11.89
O2 EDO X . -20.27 -30.13 -13.33
C1 EDO Y . -12.26 -14.57 -1.28
O1 EDO Y . -12.12 -15.50 -0.19
C2 EDO Y . -13.53 -14.75 -2.12
O2 EDO Y . -13.47 -13.78 -3.18
C1 NAG Z . -25.94 40.19 35.15
C2 NAG Z . -27.43 40.58 34.92
C3 NAG Z . -28.13 41.27 36.10
C4 NAG Z . -27.76 40.66 37.44
C5 NAG Z . -26.25 40.45 37.52
C6 NAG Z . -25.85 39.81 38.84
C7 NAG Z . -28.33 41.12 32.68
C8 NAG Z . -28.55 42.20 31.65
N2 NAG Z . -27.69 41.49 33.80
O3 NAG Z . -29.53 41.23 35.94
O4 NAG Z . -28.24 41.57 38.43
O5 NAG Z . -25.79 39.63 36.45
O6 NAG Z . -26.34 40.47 39.98
O7 NAG Z . -28.71 39.97 32.47
C1 EDO AA . 5.73 -23.43 3.54
O1 EDO AA . 5.44 -22.40 4.49
C2 EDO AA . 4.78 -23.32 2.35
O2 EDO AA . 5.41 -23.78 1.14
C1 NAG BA . 22.64 21.52 14.20
C2 NAG BA . 22.89 20.34 15.14
C3 NAG BA . 23.26 20.86 16.53
C4 NAG BA . 24.42 21.85 16.47
C5 NAG BA . 24.33 22.80 15.26
C6 NAG BA . 25.66 23.53 15.04
C7 NAG BA . 21.61 18.38 14.30
C8 NAG BA . 22.53 18.26 13.11
N2 NAG BA . 21.81 19.35 15.21
O3 NAG BA . 23.62 19.78 17.36
O4 NAG BA . 24.38 22.62 17.65
O5 NAG BA . 23.93 22.11 14.07
O6 NAG BA . 25.93 23.60 13.65
O7 NAG BA . 20.69 17.56 14.42
C1 EDO CA . 15.46 -34.50 -1.94
O1 EDO CA . 15.68 -35.91 -2.15
C2 EDO CA . 16.53 -33.77 -1.17
O2 EDO CA . 16.03 -32.44 -0.95
C1 EDO DA . 1.21 -43.48 -8.05
O1 EDO DA . 1.04 -42.20 -8.72
C2 EDO DA . 2.68 -43.80 -7.73
O2 EDO DA . 3.06 -45.11 -8.13
C1 EDO EA . 13.92 -45.55 -13.90
O1 EDO EA . 13.16 -45.43 -12.69
C2 EDO EA . 15.39 -45.20 -13.69
O2 EDO EA . 16.07 -44.69 -14.85
C1 EDO FA . 8.31 -0.28 -1.82
O1 EDO FA . 8.46 1.13 -1.67
C2 EDO FA . 9.51 -1.06 -1.24
O2 EDO FA . 10.68 -0.24 -1.18
C1 EDO GA . 10.98 -2.81 3.30
O1 EDO GA . 9.93 -1.83 3.22
C2 EDO GA . 10.92 -3.74 2.10
O2 EDO GA . 10.57 -2.85 1.06
C1 EDO HA . -0.26 14.95 8.92
O1 EDO HA . -0.62 13.71 8.28
C2 EDO HA . 0.99 15.56 8.28
O2 EDO HA . 0.80 16.97 8.03
C1 EDO IA . 15.55 41.33 18.66
O1 EDO IA . 14.55 40.30 18.50
C2 EDO IA . 16.91 40.66 18.48
O2 EDO IA . 16.80 39.28 18.10
#